data_7RDR
#
_entry.id   7RDR
#
_entity_poly.entity_id   1
_entity_poly.type   'polypeptide(L)'
_entity_poly.pdbx_seq_one_letter_code
;SELAARCLIILFQQLVELARLAIESGDEELLRRVSEWLEEVIKDMRRVVEQALREGNSELAARILIILFQQLVELARLAI
ESGDEELLRRVSEWLEEVIKDMRRVVEQALREGNSELAARILIILFQQLVELARLAIESGDEELLRRVSEWLEEVIKDMR
RVVEQALREGNSELAARILIILFQQLVELARLAIESGDEELLRRVSEWLEEVIKDMRRVVEQALREGNSELAARILIILF
QQLVELARLAIESGDEELLRRVSEWLEEVIKDMRRVVEQALREGNSELAARILIILFQQLVELARLAIESGDEELLRRVS
EWLEEVIKDMRRVVEQALREGNSELAARILIILFQQLVELARLAIESGDEELLRRVSEWLEEVIKDMRRVVEQALREGNS
ELACRILIILFQQLVELARLAIESGDEELLRRVSEWLEEVIKDMRRVVEQALREGN
;
_entity_poly.pdbx_strand_id   A,B,C
#
# COMPACT_ATOMS: atom_id res chain seq x y z
N SER A 1 12.75 31.15 34.37
CA SER A 1 11.78 31.96 33.67
C SER A 1 11.13 31.19 32.53
N GLU A 2 11.83 30.16 32.05
CA GLU A 2 11.30 29.30 30.99
C GLU A 2 10.04 28.58 31.45
N LEU A 3 10.13 27.89 32.58
CA LEU A 3 8.98 27.22 33.16
C LEU A 3 7.86 28.20 33.48
N ALA A 4 8.22 29.31 34.10
CA ALA A 4 7.26 30.37 34.41
C ALA A 4 6.45 30.76 33.19
N ALA A 5 7.14 30.94 32.07
CA ALA A 5 6.47 31.27 30.81
C ALA A 5 5.55 30.15 30.36
N ARG A 6 6.06 28.92 30.38
CA ARG A 6 5.30 27.77 29.90
C ARG A 6 3.99 27.61 30.66
N CYS A 7 4.04 27.83 31.96
CA CYS A 7 2.86 27.70 32.81
C CYS A 7 1.79 28.68 32.40
N LEU A 8 2.17 29.94 32.22
CA LEU A 8 1.23 31.00 31.89
C LEU A 8 0.70 30.84 30.47
N ILE A 9 1.58 30.41 29.57
CA ILE A 9 1.19 30.17 28.18
C ILE A 9 0.13 29.08 28.09
N ILE A 10 0.36 27.97 28.78
CA ILE A 10 -0.60 26.87 28.80
C ILE A 10 -1.91 27.31 29.45
N LEU A 11 -1.80 27.98 30.60
CA LEU A 11 -2.98 28.46 31.31
C LEU A 11 -3.82 29.38 30.43
N PHE A 12 -3.16 30.33 29.77
CA PHE A 12 -3.85 31.26 28.89
C PHE A 12 -4.59 30.54 27.79
N GLN A 13 -3.93 29.55 27.18
CA GLN A 13 -4.56 28.73 26.14
C GLN A 13 -5.81 28.04 26.66
N GLN A 14 -5.71 27.50 27.88
CA GLN A 14 -6.83 26.80 28.50
C GLN A 14 -7.97 27.76 28.83
N LEU A 15 -7.61 28.98 29.23
CA LEU A 15 -8.60 30.01 29.52
C LEU A 15 -9.35 30.42 28.26
N VAL A 16 -8.63 30.52 27.16
CA VAL A 16 -9.23 30.86 25.87
C VAL A 16 -10.17 29.75 25.40
N GLU A 17 -9.77 28.51 25.63
CA GLU A 17 -10.62 27.36 25.35
C GLU A 17 -11.89 27.40 26.18
N LEU A 18 -11.75 27.73 27.46
CA LEU A 18 -12.90 27.91 28.33
C LEU A 18 -13.76 29.09 27.88
N ALA A 19 -13.10 30.17 27.47
CA ALA A 19 -13.79 31.33 26.93
C ALA A 19 -14.64 30.95 25.72
N ARG A 20 -14.08 30.12 24.84
CA ARG A 20 -14.80 29.66 23.67
C ARG A 20 -16.11 28.98 24.06
N LEU A 21 -16.06 28.15 25.09
CA LEU A 21 -17.25 27.47 25.60
C LEU A 21 -18.28 28.48 26.08
N ALA A 22 -17.81 29.51 26.79
CA ALA A 22 -18.69 30.57 27.28
C ALA A 22 -19.27 31.36 26.12
N ILE A 23 -18.45 31.65 25.12
CA ILE A 23 -18.87 32.44 23.97
C ILE A 23 -19.94 31.71 23.16
N GLU A 24 -19.68 30.43 22.87
CA GLU A 24 -20.58 29.63 22.06
C GLU A 24 -21.90 29.37 22.78
N SER A 25 -21.82 29.18 24.09
CA SER A 25 -23.01 28.94 24.91
C SER A 25 -23.73 30.24 25.22
N GLY A 26 -22.99 31.35 25.18
CA GLY A 26 -23.57 32.66 25.41
C GLY A 26 -23.60 32.99 26.90
N ASP A 27 -22.70 32.37 27.66
CA ASP A 27 -22.61 32.61 29.10
C ASP A 27 -21.71 33.80 29.40
N GLU A 28 -22.31 34.97 29.52
CA GLU A 28 -21.55 36.22 29.67
C GLU A 28 -20.88 36.29 31.03
N GLU A 29 -21.49 35.65 32.02
CA GLU A 29 -20.97 35.68 33.38
C GLU A 29 -19.67 34.90 33.48
N LEU A 30 -19.65 33.70 32.90
CA LEU A 30 -18.43 32.91 32.83
C LEU A 30 -17.38 33.59 31.97
N LEU A 31 -17.78 34.08 30.80
CA LEU A 31 -16.88 34.77 29.91
C LEU A 31 -16.23 35.97 30.60
N ARG A 32 -17.01 36.71 31.36
CA ARG A 32 -16.50 37.82 32.15
C ARG A 32 -15.38 37.34 33.08
N ARG A 33 -15.67 36.31 33.86
CA ARG A 33 -14.70 35.77 34.81
C ARG A 33 -13.41 35.34 34.10
N VAL A 34 -13.57 34.67 32.97
CA VAL A 34 -12.42 34.16 32.22
C VAL A 34 -11.60 35.30 31.63
N SER A 35 -12.30 36.30 31.09
CA SER A 35 -11.64 37.46 30.48
C SER A 35 -10.83 38.23 31.52
N GLU A 36 -11.31 38.23 32.76
CA GLU A 36 -10.56 38.82 33.86
C GLU A 36 -9.35 37.96 34.22
N TRP A 37 -9.52 36.64 34.19
CA TRP A 37 -8.41 35.72 34.39
C TRP A 37 -7.37 35.84 33.29
N LEU A 38 -7.84 36.03 32.06
CA LEU A 38 -6.94 36.22 30.93
C LEU A 38 -6.08 37.45 31.11
N GLU A 39 -6.71 38.54 31.54
CA GLU A 39 -5.99 39.79 31.79
C GLU A 39 -4.88 39.60 32.81
N GLU A 40 -5.20 38.90 33.90
CA GLU A 40 -4.24 38.68 34.98
C GLU A 40 -3.04 37.88 34.49
N VAL A 41 -3.31 36.88 33.65
CA VAL A 41 -2.25 36.05 33.10
C VAL A 41 -1.34 36.86 32.18
N ILE A 42 -1.95 37.71 31.36
CA ILE A 42 -1.20 38.58 30.45
C ILE A 42 -0.21 39.44 31.22
N LYS A 43 -0.68 40.06 32.29
CA LYS A 43 0.16 40.92 33.12
C LYS A 43 1.35 40.14 33.67
N ASP A 44 1.09 38.92 34.14
CA ASP A 44 2.15 38.04 34.61
C ASP A 44 3.15 37.73 33.50
N MET A 45 2.62 37.40 32.32
CA MET A 45 3.46 37.01 31.20
C MET A 45 4.40 38.15 30.79
N ARG A 46 3.88 39.37 30.82
CA ARG A 46 4.66 40.55 30.46
C ARG A 46 5.80 40.79 31.46
N ARG A 47 5.56 40.41 32.70
CA ARG A 47 6.60 40.50 33.73
C ARG A 47 7.64 39.39 33.55
N VAL A 48 7.19 38.23 33.06
CA VAL A 48 8.10 37.16 32.71
C VAL A 48 8.96 37.53 31.51
N VAL A 49 8.35 38.20 30.54
CA VAL A 49 9.08 38.76 29.42
C VAL A 49 10.15 39.76 29.90
N GLU A 50 9.74 40.64 30.81
CA GLU A 50 10.68 41.56 31.44
C GLU A 50 11.83 40.81 32.10
N GLN A 51 11.49 39.79 32.88
CA GLN A 51 12.50 38.96 33.53
C GLN A 51 13.46 38.36 32.51
N ALA A 52 12.90 37.77 31.45
CA ALA A 52 13.70 37.15 30.40
C ALA A 52 14.68 38.15 29.78
N LEU A 53 14.19 39.36 29.54
CA LEU A 53 15.03 40.42 29.00
C LEU A 53 16.14 40.82 29.98
N ARG A 54 15.80 40.85 31.27
CA ARG A 54 16.77 41.16 32.30
C ARG A 54 17.80 40.05 32.44
N GLU A 55 17.41 38.83 32.07
CA GLU A 55 18.31 37.69 32.11
C GLU A 55 19.18 37.63 30.87
N GLY A 56 18.90 38.50 29.91
CA GLY A 56 19.65 38.54 28.66
C GLY A 56 19.12 37.52 27.67
N ASN A 57 17.91 37.02 27.92
CA ASN A 57 17.30 36.03 27.04
C ASN A 57 16.19 36.65 26.19
N SER A 58 16.59 37.45 25.21
CA SER A 58 15.63 38.14 24.35
C SER A 58 14.87 37.17 23.46
N GLU A 59 15.48 36.00 23.23
CA GLU A 59 14.84 34.96 22.43
C GLU A 59 13.56 34.48 23.09
N LEU A 60 13.66 34.08 24.36
CA LEU A 60 12.50 33.65 25.12
C LEU A 60 11.47 34.77 25.23
N ALA A 61 11.94 35.97 25.53
CA ALA A 61 11.06 37.14 25.62
C ALA A 61 10.22 37.28 24.36
N ALA A 62 10.85 37.14 23.21
CA ALA A 62 10.16 37.20 21.92
C ALA A 62 9.13 36.09 21.80
N ARG A 63 9.56 34.86 22.11
CA ARG A 63 8.71 33.69 21.94
C ARG A 63 7.43 33.82 22.76
N ILE A 64 7.56 34.35 23.98
CA ILE A 64 6.42 34.51 24.86
C ILE A 64 5.39 35.46 24.25
N LEU A 65 5.85 36.61 23.77
CA LEU A 65 4.96 37.62 23.21
C LEU A 65 4.36 37.16 21.89
N ILE A 66 5.15 36.45 21.10
CA ILE A 66 4.68 35.91 19.82
C ILE A 66 3.54 34.93 20.03
N ILE A 67 3.73 34.00 20.97
CA ILE A 67 2.71 33.02 21.30
C ILE A 67 1.46 33.70 21.87
N LEU A 68 1.67 34.62 22.81
CA LEU A 68 0.57 35.36 23.41
C LEU A 68 -0.24 36.09 22.36
N PHE A 69 0.44 36.79 21.46
CA PHE A 69 -0.22 37.54 20.40
C PHE A 69 -1.08 36.63 19.54
N GLN A 70 -0.52 35.48 19.17
CA GLN A 70 -1.24 34.48 18.39
C GLN A 70 -2.52 34.04 19.11
N GLN A 71 -2.40 33.81 20.42
CA GLN A 71 -3.52 33.37 21.22
C GLN A 71 -4.58 34.46 21.33
N LEU A 72 -4.12 35.71 21.42
CA LEU A 72 -5.02 36.85 21.48
C LEU A 72 -5.80 37.00 20.19
N VAL A 73 -5.12 36.78 19.06
CA VAL A 73 -5.77 36.84 17.75
C VAL A 73 -6.80 35.73 17.61
N GLU A 74 -6.48 34.55 18.12
CA GLU A 74 -7.42 33.43 18.16
C GLU A 74 -8.64 33.77 18.99
N LEU A 75 -8.42 34.40 20.14
CA LEU A 75 -9.51 34.88 20.99
C LEU A 75 -10.30 35.97 20.28
N ALA A 76 -9.59 36.86 19.60
CA ALA A 76 -10.23 37.91 18.81
C ALA A 76 -11.16 37.32 17.76
N ARG A 77 -10.71 36.26 17.10
CA ARG A 77 -11.52 35.58 16.10
C ARG A 77 -12.85 35.13 16.69
N LEU A 78 -12.80 34.56 17.89
CA LEU A 78 -14.00 34.13 18.58
C LEU A 78 -14.94 35.31 18.84
N ALA A 79 -14.36 36.43 19.26
CA ALA A 79 -15.14 37.65 19.49
C ALA A 79 -15.73 38.18 18.20
N ILE A 80 -14.94 38.15 17.13
CA ILE A 80 -15.37 38.67 15.84
C ILE A 80 -16.52 37.85 15.27
N GLU A 81 -16.36 36.52 15.30
CA GLU A 81 -17.36 35.62 14.73
C GLU A 81 -18.65 35.65 15.54
N SER A 82 -18.52 35.77 16.86
CA SER A 82 -19.67 35.83 17.74
C SER A 82 -20.29 37.23 17.75
N GLY A 83 -19.48 38.22 17.41
CA GLY A 83 -19.96 39.60 17.33
C GLY A 83 -19.89 40.28 18.70
N ASP A 84 -18.99 39.80 19.56
CA ASP A 84 -18.82 40.37 20.89
C ASP A 84 -17.82 41.52 20.86
N GLU A 85 -18.34 42.73 20.70
CA GLU A 85 -17.49 43.91 20.52
C GLU A 85 -16.74 44.25 21.80
N GLU A 86 -17.35 43.94 22.94
CA GLU A 86 -16.76 44.25 24.23
C GLU A 86 -15.50 43.42 24.48
N LEU A 87 -15.60 42.12 24.20
CA LEU A 87 -14.44 41.24 24.29
C LEU A 87 -13.39 41.60 23.26
N LEU A 88 -13.82 41.82 22.02
CA LEU A 88 -12.91 42.21 20.95
C LEU A 88 -12.15 43.47 21.30
N ARG A 89 -12.85 44.45 21.88
CA ARG A 89 -12.21 45.66 22.37
C ARG A 89 -11.09 45.34 23.35
N ARG A 90 -11.41 44.55 24.36
CA ARG A 90 -10.43 44.19 25.38
C ARG A 90 -9.22 43.50 24.77
N VAL A 91 -9.47 42.59 23.84
CA VAL A 91 -8.40 41.83 23.19
C VAL A 91 -7.55 42.73 22.31
N SER A 92 -8.19 43.61 21.58
CA SER A 92 -7.48 44.53 20.68
C SER A 92 -6.57 45.46 21.46
N GLU A 93 -6.99 45.81 22.67
CA GLU A 93 -6.14 46.57 23.58
C GLU A 93 -4.98 45.74 24.09
N TRP A 94 -5.25 44.48 24.39
CA TRP A 94 -4.20 43.54 24.79
C TRP A 94 -3.21 43.32 23.66
N LEU A 95 -3.71 43.24 22.44
CA LEU A 95 -2.86 43.06 21.26
C LEU A 95 -1.91 44.25 21.10
N GLU A 96 -2.44 45.45 21.27
CA GLU A 96 -1.63 46.66 21.18
C GLU A 96 -0.48 46.64 22.18
N GLU A 97 -0.80 46.25 23.41
CA GLU A 97 0.20 46.22 24.48
C GLU A 97 1.32 45.24 24.18
N VAL A 98 0.94 44.08 23.62
CA VAL A 98 1.91 43.06 23.25
C VAL A 98 2.83 43.55 22.13
N ILE A 99 2.23 44.22 21.14
CA ILE A 99 2.99 44.77 20.03
C ILE A 99 4.08 45.73 20.52
N LYS A 100 3.70 46.63 21.43
CA LYS A 100 4.65 47.59 22.00
C LYS A 100 5.80 46.87 22.68
N ASP A 101 5.48 45.83 23.44
CA ASP A 101 6.51 45.01 24.08
C ASP A 101 7.42 44.35 23.06
N MET A 102 6.82 43.79 22.01
CA MET A 102 7.57 43.09 20.98
C MET A 102 8.55 44.01 20.28
N ARG A 103 8.13 45.25 20.03
CA ARG A 103 8.97 46.23 19.36
C ARG A 103 10.17 46.61 20.23
N ARG A 104 9.97 46.57 21.55
CA ARG A 104 11.06 46.82 22.49
C ARG A 104 12.01 45.62 22.56
N VAL A 105 11.47 44.43 22.37
CA VAL A 105 12.27 43.22 22.27
C VAL A 105 13.09 43.21 20.98
N VAL A 106 12.48 43.68 19.90
CA VAL A 106 13.20 43.90 18.65
C VAL A 106 14.35 44.89 18.84
N GLU A 107 14.05 46.01 19.51
CA GLU A 107 15.08 46.98 19.87
C GLU A 107 16.22 46.31 20.65
N GLN A 108 15.85 45.55 21.68
CA GLN A 108 16.83 44.81 22.47
C GLN A 108 17.69 43.91 21.59
N ALA A 109 17.04 43.14 20.74
CA ALA A 109 17.74 42.22 19.84
C ALA A 109 18.75 42.95 18.98
N LEU A 110 18.34 44.11 18.46
CA LEU A 110 19.22 44.93 17.64
C LEU A 110 20.40 45.47 18.46
N ARG A 111 20.13 45.83 19.71
CA ARG A 111 21.17 46.31 20.60
C ARG A 111 22.13 45.19 20.98
N GLU A 112 21.64 43.96 20.93
CA GLU A 112 22.46 42.79 21.23
C GLU A 112 23.26 42.36 20.01
N GLY A 113 22.97 43.00 18.87
CA GLY A 113 23.66 42.67 17.62
C GLY A 113 23.02 41.48 16.93
N ASN A 114 21.79 41.16 17.33
CA ASN A 114 21.07 40.04 16.75
C ASN A 114 19.97 40.52 15.81
N SER A 115 20.37 41.03 14.65
CA SER A 115 19.43 41.56 13.68
C SER A 115 18.56 40.46 13.08
N GLU A 116 19.06 39.22 13.13
CA GLU A 116 18.32 38.07 12.63
C GLU A 116 17.04 37.87 13.43
N LEU A 117 17.18 37.78 14.76
CA LEU A 117 16.03 37.64 15.64
C LEU A 117 15.09 38.83 15.50
N ALA A 118 15.65 40.04 15.49
CA ALA A 118 14.86 41.26 15.31
C ALA A 118 13.97 41.16 14.08
N ALA A 119 14.53 40.68 12.97
CA ALA A 119 13.78 40.48 11.75
C ALA A 119 12.67 39.45 11.93
N ARG A 120 13.04 38.32 12.51
CA ARG A 120 12.09 37.20 12.67
C ARG A 120 10.87 37.63 13.47
N ILE A 121 11.10 38.42 14.51
CA ILE A 121 10.02 38.89 15.36
C ILE A 121 9.02 39.74 14.58
N LEU A 122 9.54 40.69 13.81
CA LEU A 122 8.70 41.61 13.05
C LEU A 122 8.00 40.89 11.90
N ILE A 123 8.70 39.95 11.29
CA ILE A 123 8.13 39.16 10.20
C ILE A 123 6.94 38.35 10.68
N ILE A 124 7.11 37.67 11.81
CA ILE A 124 6.04 36.88 12.41
C ILE A 124 4.88 37.77 12.83
N LEU A 125 5.19 38.87 13.51
CA LEU A 125 4.18 39.82 13.95
C LEU A 125 3.36 40.33 12.78
N PHE A 126 4.04 40.74 11.71
CA PHE A 126 3.39 41.26 10.52
C PHE A 126 2.43 40.23 9.93
N GLN A 127 2.89 38.98 9.85
CA GLN A 127 2.06 37.90 9.36
C GLN A 127 0.79 37.73 10.20
N GLN A 128 0.96 37.82 11.53
CA GLN A 128 -0.15 37.68 12.44
C GLN A 128 -1.11 38.85 12.32
N LEU A 129 -0.58 40.04 12.09
CA LEU A 129 -1.38 41.24 11.89
C LEU A 129 -2.23 41.13 10.62
N VAL A 130 -1.62 40.59 9.56
CA VAL A 130 -2.33 40.37 8.31
C VAL A 130 -3.44 39.35 8.48
N GLU A 131 -3.17 38.31 9.26
CA GLU A 131 -4.18 37.31 9.58
C GLU A 131 -5.34 37.94 10.35
N LEU A 132 -5.01 38.80 11.31
CA LEU A 132 -6.02 39.55 12.04
C LEU A 132 -6.77 40.52 11.12
N ALA A 133 -6.04 41.15 10.22
CA ALA A 133 -6.64 42.03 9.21
C ALA A 133 -7.66 41.27 8.37
N ARG A 134 -7.32 40.05 7.98
CA ARG A 134 -8.22 39.21 7.20
C ARG A 134 -9.55 39.02 7.93
N LEU A 135 -9.48 38.76 9.22
CA LEU A 135 -10.67 38.61 10.05
C LEU A 135 -11.51 39.88 10.04
N ALA A 136 -10.84 41.02 10.14
CA ALA A 136 -11.52 42.32 10.10
C ALA A 136 -12.14 42.57 8.73
N ILE A 137 -11.41 42.21 7.68
CA ILE A 137 -11.86 42.43 6.32
C ILE A 137 -13.10 41.58 6.00
N GLU A 138 -13.03 40.31 6.36
CA GLU A 138 -14.11 39.38 6.06
C GLU A 138 -15.36 39.70 6.88
N SER A 139 -15.15 40.13 8.12
CA SER A 139 -16.25 40.49 9.00
C SER A 139 -16.76 41.89 8.68
N GLY A 140 -15.91 42.71 8.09
CA GLY A 140 -16.29 44.06 7.69
C GLY A 140 -16.11 45.05 8.84
N ASP A 141 -15.21 44.71 9.75
CA ASP A 141 -14.92 45.57 10.90
C ASP A 141 -13.85 46.60 10.56
N GLU A 142 -14.29 47.79 10.12
CA GLU A 142 -13.38 48.81 9.63
C GLU A 142 -12.54 49.39 10.75
N GLU A 143 -13.12 49.41 11.95
CA GLU A 143 -12.44 49.98 13.11
C GLU A 143 -11.23 49.14 13.51
N LEU A 144 -11.43 47.82 13.58
CA LEU A 144 -10.33 46.89 13.84
C LEU A 144 -9.30 46.92 12.71
N LEU A 145 -9.79 46.86 11.47
CA LEU A 145 -8.92 46.90 10.31
C LEU A 145 -8.05 48.15 10.32
N ARG A 146 -8.65 49.29 10.66
CA ARG A 146 -7.91 50.53 10.82
C ARG A 146 -6.76 50.37 11.80
N ARG A 147 -7.08 49.87 12.99
CA ARG A 147 -6.08 49.71 14.04
C ARG A 147 -4.94 48.79 13.58
N VAL A 148 -5.31 47.71 12.90
CA VAL A 148 -4.33 46.73 12.44
C VAL A 148 -3.46 47.31 11.34
N SER A 149 -4.07 48.05 10.42
CA SER A 149 -3.37 48.66 9.30
C SER A 149 -2.35 49.68 9.80
N GLU A 150 -2.67 50.34 10.91
CA GLU A 150 -1.73 51.23 11.57
C GLU A 150 -0.60 50.46 12.23
N TRP A 151 -0.94 49.33 12.84
CA TRP A 151 0.05 48.45 13.42
C TRP A 151 0.97 47.88 12.35
N LEU A 152 0.40 47.53 11.21
CA LEU A 152 1.17 47.02 10.08
C LEU A 152 2.19 48.04 9.60
N GLU A 153 1.76 49.29 9.49
CA GLU A 153 2.65 50.38 9.08
C GLU A 153 3.84 50.50 10.01
N GLU A 154 3.56 50.46 11.31
CA GLU A 154 4.61 50.62 12.33
C GLU A 154 5.63 49.50 12.23
N VAL A 155 5.16 48.28 11.99
CA VAL A 155 6.04 47.12 11.85
C VAL A 155 6.92 47.26 10.61
N ILE A 156 6.32 47.70 9.52
CA ILE A 156 7.07 47.91 8.28
C ILE A 156 8.23 48.86 8.49
N LYS A 157 7.96 49.98 9.14
CA LYS A 157 9.00 50.97 9.43
C LYS A 157 10.14 50.36 10.24
N ASP A 158 9.79 49.56 11.24
CA ASP A 158 10.78 48.85 12.02
C ASP A 158 11.59 47.89 11.16
N MET A 159 10.91 47.15 10.31
CA MET A 159 11.56 46.15 9.47
C MET A 159 12.57 46.79 8.52
N ARG A 160 12.21 47.96 7.99
CA ARG A 160 13.08 48.68 7.08
C ARG A 160 14.34 49.17 7.79
N ARG A 161 14.22 49.47 9.08
CA ARG A 161 15.37 49.85 9.88
C ARG A 161 16.23 48.64 10.21
N VAL A 162 15.59 47.48 10.35
CA VAL A 162 16.33 46.23 10.52
C VAL A 162 17.07 45.84 9.26
N VAL A 163 16.44 46.07 8.11
CA VAL A 163 17.10 45.93 6.82
C VAL A 163 18.32 46.85 6.73
N GLU A 164 18.14 48.10 7.11
CA GLU A 164 19.25 49.04 7.18
C GLU A 164 20.37 48.51 8.07
N GLN A 165 20.01 48.04 9.26
CA GLN A 165 20.97 47.45 10.18
C GLN A 165 21.73 46.30 9.53
N ALA A 166 20.98 45.40 8.91
CA ALA A 166 21.57 44.23 8.25
C ALA A 166 22.58 44.65 7.19
N LEU A 167 22.22 45.68 6.42
CA LEU A 167 23.12 46.21 5.39
C LEU A 167 24.36 46.82 6.02
N ARG A 168 24.19 47.51 7.14
CA ARG A 168 25.31 48.10 7.86
C ARG A 168 26.21 47.03 8.47
N GLU A 169 25.62 45.88 8.75
CA GLU A 169 26.38 44.75 9.29
C GLU A 169 27.09 43.97 8.18
N GLY A 170 26.80 44.34 6.94
CA GLY A 170 27.40 43.67 5.78
C GLY A 170 26.63 42.40 5.43
N ASN A 171 25.41 42.28 5.93
CA ASN A 171 24.58 41.11 5.68
C ASN A 171 23.47 41.43 4.68
N SER A 172 23.85 41.61 3.42
CA SER A 172 22.89 41.97 2.39
C SER A 172 21.92 40.82 2.10
N GLU A 173 22.35 39.60 2.42
CA GLU A 173 21.50 38.43 2.26
C GLU A 173 20.25 38.52 3.13
N LEU A 174 20.46 38.75 4.42
CA LEU A 174 19.34 38.92 5.35
C LEU A 174 18.47 40.11 4.96
N ALA A 175 19.12 41.23 4.63
CA ALA A 175 18.41 42.42 4.18
C ALA A 175 17.45 42.10 3.04
N ALA A 176 17.92 41.33 2.07
CA ALA A 176 17.10 40.91 0.96
C ALA A 176 15.93 40.04 1.42
N ARG A 177 16.24 39.04 2.25
CA ARG A 177 15.24 38.09 2.71
C ARG A 177 14.09 38.79 3.42
N ILE A 178 14.43 39.79 4.23
CA ILE A 178 13.43 40.54 4.98
C ILE A 178 12.45 41.24 4.03
N LEU A 179 12.99 41.94 3.04
CA LEU A 179 12.17 42.71 2.11
C LEU A 179 11.37 41.79 1.19
N ILE A 180 11.98 40.68 0.80
CA ILE A 180 11.30 39.69 -0.03
C ILE A 180 10.08 39.11 0.68
N ILE A 181 10.26 38.71 1.92
CA ILE A 181 9.16 38.18 2.74
C ILE A 181 8.09 39.24 2.96
N LEU A 182 8.52 40.44 3.33
CA LEU A 182 7.60 41.54 3.56
C LEU A 182 6.76 41.83 2.33
N PHE A 183 7.41 41.91 1.18
CA PHE A 183 6.73 42.17 -0.08
C PHE A 183 5.68 41.11 -0.37
N GLN A 184 6.05 39.85 -0.16
CA GLN A 184 5.11 38.74 -0.34
C GLN A 184 3.89 38.89 0.56
N GLN A 185 4.14 39.28 1.81
CA GLN A 185 3.06 39.46 2.78
C GLN A 185 2.17 40.64 2.40
N LEU A 186 2.78 41.68 1.86
CA LEU A 186 2.05 42.85 1.40
C LEU A 186 1.13 42.51 0.23
N VAL A 187 1.65 41.68 -0.67
CA VAL A 187 0.86 41.23 -1.82
C VAL A 187 -0.30 40.36 -1.38
N GLU A 188 -0.07 39.52 -0.37
CA GLU A 188 -1.13 38.72 0.23
C GLU A 188 -2.19 39.60 0.85
N LEU A 189 -1.76 40.65 1.56
CA LEU A 189 -2.68 41.63 2.12
C LEU A 189 -3.41 42.39 1.02
N ALA A 190 -2.68 42.72 -0.05
CA ALA A 190 -3.28 43.37 -1.21
C ALA A 190 -4.39 42.53 -1.81
N ARG A 191 -4.14 41.22 -1.90
CA ARG A 191 -5.14 40.30 -2.41
C ARG A 191 -6.44 40.39 -1.62
N LEU A 192 -6.32 40.45 -0.31
CA LEU A 192 -7.49 40.60 0.56
C LEU A 192 -8.23 41.89 0.27
N ALA A 193 -7.48 42.98 0.07
CA ALA A 193 -8.07 44.26 -0.26
C ALA A 193 -8.74 44.22 -1.63
N ILE A 194 -8.09 43.57 -2.59
CA ILE A 194 -8.60 43.48 -3.95
C ILE A 194 -9.90 42.69 -4.00
N GLU A 195 -9.89 41.53 -3.36
CA GLU A 195 -11.06 40.65 -3.37
C GLU A 195 -12.23 41.25 -2.62
N SER A 196 -11.93 41.95 -1.53
CA SER A 196 -12.96 42.61 -0.73
C SER A 196 -13.40 43.92 -1.36
N GLY A 197 -12.52 44.50 -2.18
CA GLY A 197 -12.82 45.74 -2.88
C GLY A 197 -12.52 46.96 -2.01
N ASP A 198 -11.60 46.78 -1.07
CA ASP A 198 -11.20 47.88 -0.19
C ASP A 198 -10.08 48.70 -0.81
N GLU A 199 -10.45 49.78 -1.50
CA GLU A 199 -9.50 50.57 -2.26
C GLU A 199 -8.58 51.35 -1.34
N GLU A 200 -9.08 51.70 -0.16
CA GLU A 200 -8.30 52.47 0.79
C GLU A 200 -7.14 51.67 1.36
N LEU A 201 -7.43 50.42 1.74
CA LEU A 201 -6.39 49.50 2.19
C LEU A 201 -5.42 49.17 1.06
N LEU A 202 -5.96 48.85 -0.10
CA LEU A 202 -5.15 48.55 -1.28
C LEU A 202 -4.20 49.68 -1.61
N ARG A 203 -4.71 50.91 -1.53
CA ARG A 203 -3.88 52.10 -1.72
C ARG A 203 -2.69 52.10 -0.76
N ARG A 204 -2.98 51.92 0.53
CA ARG A 204 -1.94 51.93 1.56
C ARG A 204 -0.90 50.85 1.29
N VAL A 205 -1.37 49.67 0.92
CA VAL A 205 -0.49 48.53 0.68
C VAL A 205 0.37 48.76 -0.57
N SER A 206 -0.25 49.30 -1.62
CA SER A 206 0.45 49.56 -2.86
C SER A 206 1.56 50.59 -2.68
N GLU A 207 1.33 51.52 -1.75
CA GLU A 207 2.37 52.47 -1.36
C GLU A 207 3.48 51.80 -0.56
N TRP A 208 3.09 50.88 0.31
CA TRP A 208 4.06 50.08 1.06
C TRP A 208 4.88 49.20 0.14
N LEU A 209 4.22 48.64 -0.87
CA LEU A 209 4.90 47.81 -1.86
C LEU A 209 5.97 48.60 -2.61
N GLU A 210 5.61 49.82 -3.01
CA GLU A 210 6.54 50.69 -3.71
C GLU A 210 7.78 50.96 -2.86
N GLU A 211 7.58 51.24 -1.59
CA GLU A 211 8.67 51.56 -0.68
C GLU A 211 9.62 50.38 -0.53
N VAL A 212 9.05 49.18 -0.45
CA VAL A 212 9.84 47.96 -0.32
C VAL A 212 10.66 47.72 -1.59
N ILE A 213 10.05 47.93 -2.74
CA ILE A 213 10.74 47.77 -4.02
C ILE A 213 11.97 48.65 -4.08
N LYS A 214 11.82 49.92 -3.71
CA LYS A 214 12.93 50.85 -3.71
C LYS A 214 14.07 50.37 -2.82
N ASP A 215 13.71 49.86 -1.64
CA ASP A 215 14.70 49.29 -0.73
C ASP A 215 15.39 48.09 -1.36
N MET A 216 14.62 47.21 -1.98
CA MET A 216 15.16 45.99 -2.58
C MET A 216 16.15 46.31 -3.68
N ARG A 217 15.85 47.34 -4.47
CA ARG A 217 16.73 47.75 -5.56
C ARG A 217 18.05 48.29 -5.04
N ARG A 218 18.01 48.90 -3.86
CA ARG A 218 19.22 49.38 -3.21
C ARG A 218 20.03 48.22 -2.61
N VAL A 219 19.32 47.18 -2.17
CA VAL A 219 19.96 45.95 -1.72
C VAL A 219 20.61 45.21 -2.88
N VAL A 220 19.94 45.21 -4.03
CA VAL A 220 20.53 44.71 -5.26
C VAL A 220 21.80 45.46 -5.62
N GLU A 221 21.73 46.80 -5.55
CA GLU A 221 22.90 47.63 -5.75
C GLU A 221 24.02 47.24 -4.80
N GLN A 222 23.69 47.11 -3.51
CA GLN A 222 24.66 46.69 -2.51
C GLN A 222 25.30 45.36 -2.89
N ALA A 223 24.46 44.39 -3.24
CA ALA A 223 24.94 43.06 -3.60
C ALA A 223 25.92 43.13 -4.77
N LEU A 224 25.60 43.96 -5.76
CA LEU A 224 26.47 44.16 -6.91
C LEU A 224 27.78 44.80 -6.50
N ARG A 225 27.71 45.75 -5.58
CA ARG A 225 28.91 46.41 -5.06
C ARG A 225 29.76 45.46 -4.23
N GLU A 226 29.11 44.45 -3.67
CA GLU A 226 29.82 43.44 -2.89
C GLU A 226 30.41 42.36 -3.79
N GLY A 227 30.08 42.43 -5.07
CA GLY A 227 30.57 41.46 -6.05
C GLY A 227 29.72 40.20 -6.04
N ASN A 228 28.51 40.31 -5.49
CA ASN A 228 27.60 39.18 -5.43
C ASN A 228 26.46 39.33 -6.44
N SER A 229 26.79 39.17 -7.72
CA SER A 229 25.80 39.34 -8.78
C SER A 229 24.74 38.24 -8.73
N GLU A 230 25.09 37.11 -8.14
CA GLU A 230 24.16 36.00 -7.98
C GLU A 230 22.97 36.40 -7.12
N LEU A 231 23.25 36.91 -5.93
CA LEU A 231 22.20 37.40 -5.03
C LEU A 231 21.40 38.53 -5.69
N ALA A 232 22.10 39.47 -6.30
CA ALA A 232 21.46 40.57 -7.01
C ALA A 232 20.42 40.06 -7.99
N ALA A 233 20.79 39.03 -8.75
CA ALA A 233 19.88 38.42 -9.71
C ALA A 233 18.68 37.79 -9.00
N ARG A 234 18.97 37.00 -7.96
CA ARG A 234 17.93 36.27 -7.26
C ARG A 234 16.87 37.21 -6.70
N ILE A 235 17.31 38.35 -6.18
CA ILE A 235 16.40 39.34 -5.61
C ILE A 235 15.43 39.87 -6.66
N LEU A 236 15.97 40.25 -7.81
CA LEU A 236 15.16 40.83 -8.87
C LEU A 236 14.24 39.79 -9.50
N ILE A 237 14.75 38.57 -9.63
CA ILE A 237 13.97 37.47 -10.18
C ILE A 237 12.75 37.17 -9.31
N ILE A 238 12.97 37.08 -8.00
CA ILE A 238 11.89 36.85 -7.06
C ILE A 238 10.90 38.01 -7.06
N LEU A 239 11.42 39.23 -7.02
CA LEU A 239 10.59 40.42 -7.03
C LEU A 239 9.71 40.46 -8.28
N PHE A 240 10.32 40.21 -9.43
CA PHE A 240 9.58 40.21 -10.69
C PHE A 240 8.45 39.20 -10.68
N GLN A 241 8.74 38.00 -10.17
CA GLN A 241 7.72 36.96 -10.05
C GLN A 241 6.57 37.42 -9.16
N GLN A 242 6.90 38.09 -8.06
CA GLN A 242 5.89 38.58 -7.13
C GLN A 242 5.07 39.69 -7.75
N LEU A 243 5.72 40.52 -8.56
CA LEU A 243 5.04 41.60 -9.26
C LEU A 243 4.06 41.05 -10.29
N VAL A 244 4.46 39.99 -10.99
CA VAL A 244 3.59 39.34 -11.96
C VAL A 244 2.39 38.70 -11.27
N GLU A 245 2.62 38.12 -10.10
CA GLU A 245 1.54 37.58 -9.28
C GLU A 245 0.56 38.66 -8.86
N LEU A 246 1.11 39.81 -8.45
CA LEU A 246 0.29 40.97 -8.12
C LEU A 246 -0.44 41.49 -9.35
N ALA A 247 0.25 41.50 -10.49
CA ALA A 247 -0.35 41.90 -11.75
C ALA A 247 -1.55 41.02 -12.09
N ARG A 248 -1.41 39.71 -11.87
CA ARG A 248 -2.49 38.76 -12.10
C ARG A 248 -3.74 39.15 -11.32
N LEU A 249 -3.54 39.52 -10.05
CA LEU A 249 -4.65 39.97 -9.22
C LEU A 249 -5.32 41.21 -9.79
N ALA A 250 -4.52 42.14 -10.28
CA ALA A 250 -5.02 43.35 -10.90
C ALA A 250 -5.76 43.04 -12.20
N ILE A 251 -5.21 42.11 -12.98
CA ILE A 251 -5.79 41.75 -14.26
C ILE A 251 -7.15 41.07 -14.08
N GLU A 252 -7.19 40.11 -13.16
CA GLU A 252 -8.41 39.33 -12.93
C GLU A 252 -9.50 40.20 -12.31
N SER A 253 -9.10 41.12 -11.44
CA SER A 253 -10.04 42.03 -10.78
C SER A 253 -10.42 43.18 -11.71
N GLY A 254 -9.54 43.48 -12.66
CA GLY A 254 -9.80 44.52 -13.64
C GLY A 254 -9.36 45.88 -13.11
N ASP A 255 -8.41 45.88 -12.19
CA ASP A 255 -7.89 47.11 -11.62
C ASP A 255 -6.75 47.68 -12.45
N GLU A 256 -7.10 48.57 -13.37
CA GLU A 256 -6.13 49.08 -14.34
C GLU A 256 -5.10 49.98 -13.68
N GLU A 257 -5.52 50.65 -12.60
CA GLU A 257 -4.64 51.57 -11.89
C GLU A 257 -3.51 50.83 -11.18
N LEU A 258 -3.87 49.75 -10.50
CA LEU A 258 -2.87 48.89 -9.87
C LEU A 258 -1.98 48.22 -10.91
N LEU A 259 -2.61 47.67 -11.94
CA LEU A 259 -1.88 47.01 -13.03
C LEU A 259 -0.87 47.97 -13.66
N ARG A 260 -1.29 49.21 -13.88
CA ARG A 260 -0.39 50.25 -14.37
C ARG A 260 0.84 50.39 -13.48
N ARG A 261 0.61 50.55 -12.18
CA ARG A 261 1.70 50.74 -11.22
C ARG A 261 2.64 49.54 -11.25
N VAL A 262 2.08 48.34 -11.30
CA VAL A 262 2.87 47.12 -11.28
C VAL A 262 3.67 46.97 -12.57
N SER A 263 3.04 47.27 -13.70
CA SER A 263 3.69 47.18 -15.00
C SER A 263 4.88 48.13 -15.10
N GLU A 264 4.76 49.27 -14.42
CA GLU A 264 5.88 50.21 -14.32
C GLU A 264 6.98 49.66 -13.42
N TRP A 265 6.58 49.02 -12.33
CA TRP A 265 7.52 48.34 -11.44
C TRP A 265 8.23 47.21 -12.14
N LEU A 266 7.49 46.46 -12.96
CA LEU A 266 8.05 45.37 -13.74
C LEU A 266 9.13 45.88 -14.69
N GLU A 267 8.84 46.98 -15.38
CA GLU A 267 9.80 47.58 -16.29
C GLU A 267 11.10 47.94 -15.58
N GLU A 268 10.97 48.55 -14.41
CA GLU A 268 12.13 48.99 -13.64
C GLU A 268 13.01 47.80 -13.23
N VAL A 269 12.36 46.72 -12.84
CA VAL A 269 13.07 45.50 -12.45
C VAL A 269 13.81 44.90 -13.63
N ILE A 270 13.15 44.87 -14.79
CA ILE A 270 13.76 44.35 -16.01
C ILE A 270 15.06 45.09 -16.33
N LYS A 271 15.00 46.42 -16.27
CA LYS A 271 16.18 47.23 -16.54
C LYS A 271 17.32 46.89 -15.59
N ASP A 272 16.99 46.72 -14.32
CA ASP A 272 17.98 46.31 -13.33
C ASP A 272 18.56 44.94 -13.66
N MET A 273 17.70 44.00 -14.03
CA MET A 273 18.12 42.64 -14.32
C MET A 273 19.08 42.60 -15.50
N ARG A 274 18.80 43.43 -16.50
CA ARG A 274 19.64 43.49 -17.70
C ARG A 274 21.03 44.03 -17.36
N ARG A 275 21.09 44.91 -16.37
CA ARG A 275 22.37 45.44 -15.89
C ARG A 275 23.11 44.40 -15.06
N VAL A 276 22.36 43.55 -14.36
CA VAL A 276 22.94 42.42 -13.64
C VAL A 276 23.48 41.38 -14.60
N VAL A 277 22.75 41.15 -15.69
CA VAL A 277 23.24 40.32 -16.78
C VAL A 277 24.54 40.87 -17.36
N GLU A 278 24.57 42.18 -17.61
CA GLU A 278 25.78 42.85 -18.05
C GLU A 278 26.93 42.61 -17.07
N GLN A 279 26.65 42.82 -15.79
CA GLN A 279 27.63 42.58 -14.74
C GLN A 279 28.16 41.15 -14.80
N ALA A 280 27.24 40.19 -14.87
CA ALA A 280 27.61 38.79 -14.91
C ALA A 280 28.53 38.49 -16.09
N LEU A 281 28.21 39.07 -17.25
CA LEU A 281 29.04 38.92 -18.44
C LEU A 281 30.42 39.54 -18.24
N ARG A 282 30.46 40.68 -17.58
CA ARG A 282 31.72 41.36 -17.27
C ARG A 282 32.54 40.57 -16.28
N GLU A 283 31.87 39.78 -15.45
CA GLU A 283 32.53 38.94 -14.47
C GLU A 283 33.01 37.63 -15.10
N GLY A 284 32.62 37.41 -16.35
CA GLY A 284 32.99 36.19 -17.06
C GLY A 284 32.05 35.05 -16.73
N ASN A 285 30.89 35.38 -16.18
CA ASN A 285 29.90 34.37 -15.81
C ASN A 285 28.73 34.37 -16.79
N SER A 286 28.97 33.87 -18.00
CA SER A 286 27.95 33.86 -19.03
C SER A 286 26.83 32.88 -18.69
N GLU A 287 27.13 31.91 -17.84
CA GLU A 287 26.13 30.95 -17.38
C GLU A 287 25.02 31.64 -16.62
N LEU A 288 25.38 32.41 -15.60
CA LEU A 288 24.43 33.18 -14.82
C LEU A 288 23.67 34.16 -15.71
N ALA A 289 24.40 34.87 -16.55
CA ALA A 289 23.80 35.82 -17.48
C ALA A 289 22.68 35.17 -18.27
N ALA A 290 22.95 33.97 -18.77
CA ALA A 290 21.94 33.21 -19.52
C ALA A 290 20.75 32.86 -18.64
N ARG A 291 21.02 32.34 -17.45
CA ARG A 291 19.98 31.89 -16.55
C ARG A 291 19.01 33.02 -16.21
N ILE A 292 19.56 34.21 -16.00
CA ILE A 292 18.75 35.37 -15.66
C ILE A 292 17.76 35.70 -16.78
N LEU A 293 18.26 35.75 -18.01
CA LEU A 293 17.45 36.12 -19.15
C LEU A 293 16.43 35.02 -19.48
N ILE A 294 16.85 33.78 -19.31
CA ILE A 294 15.97 32.64 -19.55
C ILE A 294 14.78 32.66 -18.59
N ILE A 295 15.06 32.87 -17.32
CA ILE A 295 14.00 32.97 -16.31
C ILE A 295 13.11 34.16 -16.57
N LEU A 296 13.71 35.31 -16.83
CA LEU A 296 12.96 36.53 -17.12
C LEU A 296 12.02 36.34 -18.30
N PHE A 297 12.55 35.76 -19.38
CA PHE A 297 11.76 35.51 -20.57
C PHE A 297 10.56 34.62 -20.27
N GLN A 298 10.78 33.57 -19.50
CA GLN A 298 9.72 32.67 -19.09
C GLN A 298 8.64 33.42 -18.31
N GLN A 299 9.07 34.30 -17.41
CA GLN A 299 8.15 35.09 -16.60
C GLN A 299 7.37 36.08 -17.46
N LEU A 300 8.04 36.64 -18.46
CA LEU A 300 7.40 37.56 -19.39
C LEU A 300 6.33 36.86 -20.21
N VAL A 301 6.62 35.64 -20.64
CA VAL A 301 5.66 34.84 -21.39
C VAL A 301 4.46 34.48 -20.53
N GLU A 302 4.70 34.18 -19.26
CA GLU A 302 3.63 33.94 -18.30
C GLU A 302 2.76 35.17 -18.12
N LEU A 303 3.39 36.34 -18.03
CA LEU A 303 2.68 37.60 -17.97
C LEU A 303 1.92 37.87 -19.27
N ALA A 304 2.55 37.54 -20.39
CA ALA A 304 1.92 37.66 -21.69
C ALA A 304 0.64 36.82 -21.76
N ARG A 305 0.71 35.61 -21.24
CA ARG A 305 -0.44 34.73 -21.19
C ARG A 305 -1.63 35.39 -20.49
N LEU A 306 -1.35 36.04 -19.37
CA LEU A 306 -2.37 36.76 -18.62
C LEU A 306 -2.98 37.87 -19.47
N ALA A 307 -2.14 38.59 -20.19
CA ALA A 307 -2.59 39.66 -21.08
C ALA A 307 -3.42 39.09 -22.23
N ILE A 308 -2.96 37.97 -22.78
CA ILE A 308 -3.64 37.34 -23.91
C ILE A 308 -5.03 36.84 -23.52
N GLU A 309 -5.10 36.14 -22.40
CA GLU A 309 -6.35 35.54 -21.94
C GLU A 309 -7.34 36.62 -21.52
N SER A 310 -6.83 37.68 -20.91
CA SER A 310 -7.67 38.79 -20.48
C SER A 310 -8.02 39.71 -21.64
N GLY A 311 -7.17 39.70 -22.67
CA GLY A 311 -7.42 40.49 -23.86
C GLY A 311 -6.86 41.90 -23.71
N ASP A 312 -5.86 42.05 -22.83
CA ASP A 312 -5.23 43.34 -22.60
C ASP A 312 -4.10 43.59 -23.59
N GLU A 313 -4.43 44.26 -24.69
CA GLU A 313 -3.47 44.44 -25.79
C GLU A 313 -2.36 45.40 -25.39
N GLU A 314 -2.68 46.33 -24.51
CA GLU A 314 -1.71 47.33 -24.07
C GLU A 314 -0.59 46.70 -23.24
N LEU A 315 -0.98 45.84 -22.29
CA LEU A 315 -0.02 45.09 -21.51
C LEU A 315 0.77 44.11 -22.38
N LEU A 316 0.05 43.38 -23.23
CA LEU A 316 0.68 42.43 -24.14
C LEU A 316 1.72 43.12 -25.02
N ARG A 317 1.37 44.30 -25.52
CA ARG A 317 2.32 45.11 -26.28
C ARG A 317 3.60 45.36 -25.50
N ARG A 318 3.44 45.86 -24.27
CA ARG A 318 4.59 46.18 -23.43
C ARG A 318 5.45 44.95 -23.18
N VAL A 319 4.80 43.82 -22.92
CA VAL A 319 5.51 42.57 -22.63
C VAL A 319 6.23 42.06 -23.87
N SER A 320 5.57 42.13 -25.01
CA SER A 320 6.14 41.65 -26.27
C SER A 320 7.38 42.46 -26.64
N GLU A 321 7.39 43.74 -26.26
CA GLU A 321 8.56 44.59 -26.43
C GLU A 321 9.67 44.19 -25.46
N TRP A 322 9.28 43.86 -24.23
CA TRP A 322 10.22 43.36 -23.24
C TRP A 322 10.82 42.03 -23.66
N LEU A 323 9.98 41.18 -24.24
CA LEU A 323 10.43 39.88 -24.75
C LEU A 323 11.49 40.05 -25.83
N GLU A 324 11.24 40.97 -26.75
CA GLU A 324 12.19 41.26 -27.83
C GLU A 324 13.54 41.68 -27.26
N GLU A 325 13.52 42.56 -26.27
CA GLU A 325 14.74 43.08 -25.68
C GLU A 325 15.56 41.96 -25.02
N VAL A 326 14.85 41.06 -24.35
CA VAL A 326 15.49 39.93 -23.70
C VAL A 326 16.14 38.99 -24.72
N ILE A 327 15.41 38.74 -25.80
CA ILE A 327 15.93 37.89 -26.88
C ILE A 327 17.25 38.43 -27.42
N LYS A 328 17.29 39.73 -27.68
CA LYS A 328 18.51 40.36 -28.19
C LYS A 328 19.67 40.17 -27.23
N ASP A 329 19.40 40.35 -25.94
CA ASP A 329 20.40 40.11 -24.90
C ASP A 329 20.88 38.66 -24.92
N MET A 330 19.92 37.73 -25.01
CA MET A 330 20.24 36.31 -24.97
C MET A 330 21.13 35.91 -26.13
N ARG A 331 20.87 36.49 -27.31
CA ARG A 331 21.65 36.19 -28.49
C ARG A 331 23.08 36.68 -28.36
N ARG A 332 23.26 37.77 -27.61
CA ARG A 332 24.58 38.29 -27.31
C ARG A 332 25.30 37.43 -26.28
N VAL A 333 24.53 36.85 -25.37
CA VAL A 333 25.07 35.89 -24.41
C VAL A 333 25.49 34.60 -25.11
N VAL A 334 24.69 34.17 -26.08
CA VAL A 334 25.07 33.06 -26.94
C VAL A 334 26.37 33.34 -27.68
N GLU A 335 26.47 34.54 -28.25
CA GLU A 335 27.71 35.00 -28.88
C GLU A 335 28.87 34.92 -27.91
N GLN A 336 28.68 35.45 -26.70
CA GLN A 336 29.70 35.39 -25.67
C GLN A 336 30.12 33.96 -25.39
N ALA A 337 29.14 33.09 -25.19
CA ALA A 337 29.41 31.68 -24.90
C ALA A 337 30.24 31.05 -26.00
N LEU A 338 29.92 31.35 -27.25
CA LEU A 338 30.66 30.84 -28.40
C LEU A 338 32.09 31.39 -28.40
N ARG A 339 32.23 32.66 -28.05
CA ARG A 339 33.55 33.28 -27.96
C ARG A 339 34.37 32.69 -26.82
N GLU A 340 33.68 32.19 -25.80
CA GLU A 340 34.35 31.55 -24.67
C GLU A 340 34.69 30.10 -24.97
N GLY A 341 34.23 29.62 -26.12
CA GLY A 341 34.48 28.23 -26.53
C GLY A 341 33.48 27.28 -25.89
N ASN A 342 32.37 27.84 -25.40
CA ASN A 342 31.34 27.03 -24.76
C ASN A 342 30.12 26.88 -25.67
N SER A 343 30.27 26.09 -26.72
CA SER A 343 29.20 25.89 -27.69
C SER A 343 28.02 25.13 -27.08
N GLU A 344 28.31 24.37 -26.03
CA GLU A 344 27.27 23.64 -25.32
C GLU A 344 26.24 24.57 -24.71
N LEU A 345 26.73 25.53 -23.92
CA LEU A 345 25.85 26.54 -23.33
C LEU A 345 25.12 27.34 -24.40
N ALA A 346 25.86 27.76 -25.42
CA ALA A 346 25.28 28.50 -26.54
C ALA A 346 24.08 27.76 -27.11
N ALA A 347 24.23 26.46 -27.31
CA ALA A 347 23.15 25.63 -27.81
C ALA A 347 21.97 25.60 -26.84
N ARG A 348 22.27 25.35 -25.56
CA ARG A 348 21.25 25.22 -24.54
C ARG A 348 20.38 26.47 -24.46
N ILE A 349 21.01 27.63 -24.56
CA ILE A 349 20.30 28.90 -24.50
C ILE A 349 19.28 29.02 -25.62
N LEU A 350 19.73 28.74 -26.85
CA LEU A 350 18.88 28.87 -28.02
C LEU A 350 17.78 27.83 -28.03
N ILE A 351 18.12 26.62 -27.58
CA ILE A 351 17.15 25.54 -27.50
C ILE A 351 16.02 25.88 -26.55
N ILE A 352 16.37 26.37 -25.36
CA ILE A 352 15.38 26.79 -24.38
C ILE A 352 14.55 27.96 -24.89
N LEU A 353 15.22 28.96 -25.46
CA LEU A 353 14.54 30.13 -26.00
C LEU A 353 13.53 29.72 -27.08
N PHE A 354 13.97 28.86 -27.99
CA PHE A 354 13.10 28.39 -29.06
C PHE A 354 11.86 27.71 -28.51
N GLN A 355 12.05 26.85 -27.51
CA GLN A 355 10.95 26.18 -26.86
C GLN A 355 9.96 27.18 -26.26
N GLN A 356 10.50 28.21 -25.62
CA GLN A 356 9.67 29.24 -25.00
C GLN A 356 8.92 30.04 -26.04
N LEU A 357 9.58 30.29 -27.17
CA LEU A 357 8.95 31.01 -28.28
C LEU A 357 7.80 30.21 -28.86
N VAL A 358 7.98 28.90 -28.99
CA VAL A 358 6.93 28.02 -29.48
C VAL A 358 5.76 27.99 -28.53
N GLU A 359 6.05 27.99 -27.23
CA GLU A 359 5.01 28.07 -26.21
C GLU A 359 4.23 29.38 -26.31
N LEU A 360 4.95 30.47 -26.52
CA LEU A 360 4.32 31.76 -26.76
C LEU A 360 3.53 31.76 -28.06
N ALA A 361 4.07 31.13 -29.08
CA ALA A 361 3.38 30.98 -30.35
C ALA A 361 2.05 30.26 -30.18
N ARG A 362 2.07 29.20 -29.36
CA ARG A 362 0.85 28.45 -29.07
C ARG A 362 -0.24 29.35 -28.51
N LEU A 363 0.14 30.23 -27.59
CA LEU A 363 -0.79 31.20 -27.02
C LEU A 363 -1.37 32.11 -28.10
N ALA A 364 -0.51 32.56 -29.00
CA ALA A 364 -0.95 33.41 -30.10
C ALA A 364 -1.87 32.65 -31.05
N ILE A 365 -1.51 31.39 -31.32
CA ILE A 365 -2.29 30.57 -32.24
C ILE A 365 -3.68 30.28 -31.70
N GLU A 366 -3.75 29.88 -30.43
CA GLU A 366 -5.01 29.52 -29.81
C GLU A 366 -5.90 30.73 -29.63
N SER A 367 -5.30 31.88 -29.32
CA SER A 367 -6.04 33.12 -29.14
C SER A 367 -6.38 33.75 -30.49
N GLY A 368 -5.59 33.42 -31.50
CA GLY A 368 -5.83 33.92 -32.85
C GLY A 368 -5.17 35.28 -33.06
N ASP A 369 -4.13 35.55 -32.29
CA ASP A 369 -3.40 36.81 -32.40
C ASP A 369 -2.31 36.72 -33.46
N GLU A 370 -2.63 37.12 -34.68
CA GLU A 370 -1.73 36.96 -35.81
C GLU A 370 -0.53 37.89 -35.70
N GLU A 371 -0.74 39.04 -35.07
CA GLU A 371 0.32 40.03 -34.92
C GLU A 371 1.42 39.53 -34.00
N LEU A 372 1.03 38.97 -32.86
CA LEU A 372 1.98 38.35 -31.95
C LEU A 372 2.65 37.14 -32.58
N LEU A 373 1.84 36.28 -33.19
CA LEU A 373 2.36 35.09 -33.86
C LEU A 373 3.39 35.46 -34.92
N ARG A 374 3.11 36.50 -35.68
CA ARG A 374 4.06 37.03 -36.66
C ARG A 374 5.40 37.37 -35.99
N ARG A 375 5.34 38.16 -34.93
CA ARG A 375 6.54 38.58 -34.22
C ARG A 375 7.33 37.38 -33.71
N VAL A 376 6.62 36.40 -33.15
CA VAL A 376 7.25 35.22 -32.59
C VAL A 376 7.87 34.36 -33.68
N SER A 377 7.16 34.20 -34.79
CA SER A 377 7.63 33.40 -35.91
C SER A 377 8.90 33.99 -36.51
N GLU A 378 9.02 35.31 -36.46
CA GLU A 378 10.24 36.00 -36.87
C GLU A 378 11.36 35.76 -35.86
N TRP A 379 11.01 35.77 -34.58
CA TRP A 379 11.96 35.47 -33.52
C TRP A 379 12.45 34.02 -33.63
N LEU A 380 11.53 33.12 -33.96
CA LEU A 380 11.86 31.72 -34.14
C LEU A 380 12.87 31.53 -35.26
N GLU A 381 12.65 32.22 -36.38
CA GLU A 381 13.56 32.16 -37.51
C GLU A 381 14.96 32.59 -37.11
N GLU A 382 15.04 33.70 -36.38
CA GLU A 382 16.33 34.24 -35.97
C GLU A 382 17.10 33.26 -35.08
N VAL A 383 16.37 32.60 -34.19
CA VAL A 383 16.97 31.61 -33.29
C VAL A 383 17.49 30.41 -34.07
N ILE A 384 16.70 29.96 -35.05
CA ILE A 384 17.10 28.84 -35.90
C ILE A 384 18.42 29.12 -36.59
N LYS A 385 18.54 30.31 -37.17
CA LYS A 385 19.77 30.71 -37.86
C LYS A 385 20.97 30.67 -36.91
N ASP A 386 20.77 31.15 -35.70
CA ASP A 386 21.80 31.10 -34.67
C ASP A 386 22.18 29.67 -34.34
N MET A 387 21.16 28.82 -34.17
CA MET A 387 21.38 27.44 -33.80
C MET A 387 22.19 26.69 -34.85
N ARG A 388 21.90 26.99 -36.12
CA ARG A 388 22.60 26.34 -37.23
C ARG A 388 24.07 26.75 -37.26
N ARG A 389 24.35 27.97 -36.81
CA ARG A 389 25.73 28.44 -36.70
C ARG A 389 26.43 27.79 -35.51
N VAL A 390 25.68 27.52 -34.45
CA VAL A 390 26.18 26.77 -33.31
C VAL A 390 26.48 25.33 -33.68
N VAL A 391 25.61 24.74 -34.49
CA VAL A 391 25.87 23.43 -35.06
C VAL A 391 27.15 23.42 -35.89
N GLU A 392 27.30 24.43 -36.74
CA GLU A 392 28.53 24.63 -37.50
C GLU A 392 29.74 24.69 -36.57
N GLN A 393 29.64 25.51 -35.54
CA GLN A 393 30.70 25.63 -34.55
C GLN A 393 31.04 24.28 -33.94
N ALA A 394 30.01 23.57 -33.51
CA ALA A 394 30.20 22.25 -32.89
C ALA A 394 30.93 21.30 -33.83
N LEU A 395 30.56 21.32 -35.10
CA LEU A 395 31.22 20.49 -36.11
C LEU A 395 32.68 20.90 -36.29
N ARG A 396 32.93 22.21 -36.26
CA ARG A 396 34.28 22.73 -36.38
C ARG A 396 35.12 22.37 -35.15
N GLU A 397 34.45 22.19 -34.03
CA GLU A 397 35.12 21.79 -32.79
C GLU A 397 35.35 20.29 -32.74
N GLY A 398 34.81 19.58 -33.72
CA GLY A 398 34.94 18.13 -33.77
C GLY A 398 33.91 17.44 -32.89
N ASN A 399 32.87 18.17 -32.51
CA ASN A 399 31.81 17.63 -31.66
C ASN A 399 30.55 17.37 -32.47
N SER A 400 30.58 16.33 -33.30
CA SER A 400 29.45 16.00 -34.16
C SER A 400 28.27 15.50 -33.35
N GLU A 401 28.55 14.99 -32.14
CA GLU A 401 27.50 14.54 -31.25
C GLU A 401 26.58 15.68 -30.85
N LEU A 402 27.16 16.75 -30.33
CA LEU A 402 26.39 17.94 -29.99
C LEU A 402 25.66 18.51 -31.20
N ALA A 403 26.37 18.62 -32.31
CA ALA A 403 25.78 19.10 -33.54
C ALA A 403 24.51 18.34 -33.88
N CYS A 404 24.56 17.03 -33.76
CA CYS A 404 23.40 16.18 -34.01
C CYS A 404 22.28 16.48 -33.02
N ARG A 405 22.62 16.54 -31.73
CA ARG A 405 21.65 16.73 -30.68
C ARG A 405 20.87 18.03 -30.88
N ILE A 406 21.58 19.08 -31.28
CA ILE A 406 20.97 20.38 -31.51
C ILE A 406 19.90 20.30 -32.60
N LEU A 407 20.26 19.70 -33.72
CA LEU A 407 19.37 19.62 -34.88
C LEU A 407 18.19 18.68 -34.60
N ILE A 408 18.47 17.59 -33.87
CA ILE A 408 17.43 16.64 -33.49
C ILE A 408 16.38 17.30 -32.61
N ILE A 409 16.82 18.03 -31.61
CA ILE A 409 15.92 18.76 -30.72
C ILE A 409 15.14 19.83 -31.48
N LEU A 410 15.85 20.61 -32.29
CA LEU A 410 15.22 21.65 -33.09
C LEU A 410 14.14 21.09 -33.99
N PHE A 411 14.47 19.99 -34.69
CA PHE A 411 13.52 19.34 -35.58
C PHE A 411 12.26 18.92 -34.84
N GLN A 412 12.44 18.32 -33.67
CA GLN A 412 11.33 17.90 -32.82
C GLN A 412 10.45 19.09 -32.46
N GLN A 413 11.08 20.21 -32.11
CA GLN A 413 10.37 21.41 -31.73
C GLN A 413 9.62 22.01 -32.93
N LEU A 414 10.23 21.92 -34.11
CA LEU A 414 9.60 22.39 -35.33
C LEU A 414 8.37 21.57 -35.67
N VAL A 415 8.46 20.26 -35.47
CA VAL A 415 7.33 19.37 -35.70
C VAL A 415 6.20 19.66 -34.72
N GLU A 416 6.55 19.95 -33.48
CA GLU A 416 5.58 20.36 -32.47
C GLU A 416 4.89 21.66 -32.88
N LEU A 417 5.67 22.61 -33.37
CA LEU A 417 5.12 23.86 -33.89
C LEU A 417 4.26 23.60 -35.12
N ALA A 418 4.72 22.70 -35.98
CA ALA A 418 3.94 22.30 -37.15
C ALA A 418 2.58 21.74 -36.76
N ARG A 419 2.56 20.92 -35.72
CA ARG A 419 1.32 20.36 -35.20
C ARG A 419 0.32 21.45 -34.85
N LEU A 420 0.81 22.49 -34.19
CA LEU A 420 -0.03 23.64 -33.84
C LEU A 420 -0.59 24.31 -35.08
N ALA A 421 0.24 24.46 -36.10
CA ALA A 421 -0.19 25.05 -37.37
C ALA A 421 -1.20 24.15 -38.07
N ILE A 422 -0.95 22.85 -38.03
CA ILE A 422 -1.83 21.88 -38.69
C ILE A 422 -3.21 21.85 -38.05
N GLU A 423 -3.23 21.77 -36.72
CA GLU A 423 -4.48 21.68 -35.98
C GLU A 423 -5.29 22.97 -36.09
N SER A 424 -4.58 24.10 -36.08
CA SER A 424 -5.23 25.39 -36.20
C SER A 424 -5.59 25.71 -37.64
N GLY A 425 -4.89 25.09 -38.58
CA GLY A 425 -5.15 25.26 -39.99
C GLY A 425 -4.42 26.47 -40.56
N ASP A 426 -3.32 26.84 -39.91
CA ASP A 426 -2.51 27.97 -40.35
C ASP A 426 -1.48 27.54 -41.39
N GLU A 427 -1.85 27.66 -42.65
CA GLU A 427 -1.02 27.15 -43.74
C GLU A 427 0.24 27.98 -43.90
N GLU A 428 0.15 29.27 -43.56
CA GLU A 428 1.27 30.18 -43.70
C GLU A 428 2.39 29.83 -42.72
N LEU A 429 2.02 29.59 -41.47
CA LEU A 429 2.98 29.15 -40.46
C LEU A 429 3.52 27.77 -40.79
N LEU A 430 2.63 26.85 -41.15
CA LEU A 430 3.03 25.50 -41.53
C LEU A 430 4.04 25.52 -42.66
N ARG A 431 3.78 26.36 -43.66
CA ARG A 431 4.71 26.57 -44.76
C ARG A 431 6.10 26.94 -44.24
N ARG A 432 6.15 27.97 -43.41
CA ARG A 432 7.41 28.46 -42.87
C ARG A 432 8.14 27.36 -42.11
N VAL A 433 7.40 26.61 -41.31
CA VAL A 433 7.98 25.54 -40.49
C VAL A 433 8.49 24.39 -41.35
N SER A 434 7.70 24.04 -42.37
CA SER A 434 8.06 22.95 -43.26
C SER A 434 9.34 23.28 -44.04
N GLU A 435 9.55 24.56 -44.31
CA GLU A 435 10.79 25.02 -44.92
C GLU A 435 11.94 24.95 -43.93
N TRP A 436 11.66 25.30 -42.68
CA TRP A 436 12.64 25.18 -41.60
C TRP A 436 13.02 23.73 -41.36
N LEU A 437 12.02 22.85 -41.43
CA LEU A 437 12.25 21.42 -41.27
C LEU A 437 13.19 20.89 -42.35
N GLU A 438 12.96 21.31 -43.59
CA GLU A 438 13.79 20.89 -44.71
C GLU A 438 15.25 21.30 -44.48
N GLU A 439 15.44 22.54 -44.04
CA GLU A 439 16.79 23.06 -43.81
C GLU A 439 17.53 22.27 -42.74
N VAL A 440 16.80 21.91 -41.68
CA VAL A 440 17.38 21.12 -40.60
C VAL A 440 17.77 19.73 -41.07
N ILE A 441 16.91 19.12 -41.88
CA ILE A 441 17.18 17.80 -42.44
C ILE A 441 18.49 17.80 -43.22
N LYS A 442 18.66 18.79 -44.08
CA LYS A 442 19.87 18.92 -44.88
C LYS A 442 21.10 19.01 -44.00
N ASP A 443 21.01 19.80 -42.94
CA ASP A 443 22.09 19.91 -41.96
C ASP A 443 22.38 18.58 -41.30
N MET A 444 21.32 17.88 -40.89
CA MET A 444 21.46 16.61 -40.19
C MET A 444 22.16 15.58 -41.06
N ARG A 445 21.83 15.57 -42.35
CA ARG A 445 22.43 14.63 -43.29
C ARG A 445 23.92 14.90 -43.46
N ARG A 446 24.31 16.16 -43.34
CA ARG A 446 25.71 16.53 -43.40
C ARG A 446 26.43 16.15 -42.11
N VAL A 447 25.71 16.20 -41.00
CA VAL A 447 26.23 15.72 -39.72
C VAL A 447 26.41 14.21 -39.72
N VAL A 448 25.46 13.51 -40.34
CA VAL A 448 25.60 12.08 -40.58
C VAL A 448 26.83 11.78 -41.43
N GLU A 449 27.00 12.54 -42.51
CA GLU A 449 28.21 12.44 -43.33
C GLU A 449 29.46 12.63 -42.48
N GLN A 450 29.47 13.68 -41.68
CA GLN A 450 30.60 13.96 -40.79
C GLN A 450 30.86 12.77 -39.87
N ALA A 451 29.82 12.26 -39.24
CA ALA A 451 29.94 11.13 -38.33
C ALA A 451 30.56 9.93 -39.03
N LEU A 452 30.12 9.67 -40.25
CA LEU A 452 30.67 8.57 -41.04
C LEU A 452 32.14 8.81 -41.37
N ARG A 453 32.48 10.05 -41.67
CA ARG A 453 33.87 10.42 -41.96
C ARG A 453 34.74 10.31 -40.72
N GLU A 454 34.12 10.45 -39.55
CA GLU A 454 34.83 10.33 -38.28
C GLU A 454 34.96 8.87 -37.87
N GLY A 455 34.30 7.98 -38.62
CA GLY A 455 34.33 6.55 -38.33
C GLY A 455 33.31 6.18 -37.26
N ASN A 456 32.34 7.07 -37.05
CA ASN A 456 31.29 6.84 -36.06
C ASN A 456 29.98 6.49 -36.73
N SER B 1 29.90 5.28 -37.28
CA SER B 1 28.71 4.83 -38.00
C SER B 1 27.53 4.64 -37.04
N GLU B 2 27.84 4.43 -35.77
CA GLU B 2 26.82 4.28 -34.75
C GLU B 2 25.99 5.55 -34.61
N LEU B 3 26.66 6.67 -34.41
CA LEU B 3 26.00 7.97 -34.32
C LEU B 3 25.25 8.28 -35.62
N ALA B 4 25.91 8.06 -36.75
CA ALA B 4 25.29 8.27 -38.05
C ALA B 4 23.95 7.56 -38.16
N ALA B 5 23.92 6.30 -37.70
CA ALA B 5 22.69 5.52 -37.70
C ALA B 5 21.65 6.15 -36.78
N ARG B 6 22.07 6.48 -35.56
CA ARG B 6 21.15 7.01 -34.56
C ARG B 6 20.46 8.27 -35.05
N CYS B 7 21.22 9.12 -35.72
CA CYS B 7 20.68 10.38 -36.24
C CYS B 7 19.56 10.13 -37.24
N LEU B 8 19.82 9.23 -38.20
CA LEU B 8 18.86 8.95 -39.26
C LEU B 8 17.64 8.21 -38.71
N ILE B 9 17.88 7.31 -37.75
CA ILE B 9 16.81 6.57 -37.12
C ILE B 9 15.84 7.50 -36.40
N ILE B 10 16.39 8.42 -35.62
CA ILE B 10 15.58 9.41 -34.90
C ILE B 10 14.84 10.32 -35.88
N LEU B 11 15.56 10.81 -36.88
CA LEU B 11 14.97 11.68 -37.90
C LEU B 11 13.81 10.99 -38.59
N PHE B 12 14.02 9.75 -39.00
CA PHE B 12 12.98 8.98 -39.69
C PHE B 12 11.74 8.84 -38.82
N GLN B 13 11.95 8.54 -37.54
CA GLN B 13 10.84 8.43 -36.59
C GLN B 13 10.08 9.74 -36.50
N GLN B 14 10.80 10.85 -36.46
CA GLN B 14 10.18 12.17 -36.36
C GLN B 14 9.42 12.51 -37.63
N LEU B 15 9.97 12.09 -38.78
CA LEU B 15 9.31 12.30 -40.06
C LEU B 15 8.00 11.52 -40.14
N VAL B 16 8.02 10.29 -39.63
CA VAL B 16 6.81 9.46 -39.60
C VAL B 16 5.75 10.07 -38.68
N GLU B 17 6.19 10.62 -37.57
CA GLU B 17 5.30 11.34 -36.66
C GLU B 17 4.68 12.55 -37.35
N LEU B 18 5.51 13.29 -38.09
CA LEU B 18 5.01 14.41 -38.88
C LEU B 18 4.08 13.93 -39.99
N ALA B 19 4.42 12.82 -40.61
CA ALA B 19 3.57 12.21 -41.63
C ALA B 19 2.19 11.87 -41.06
N ARG B 20 2.17 11.33 -39.85
CA ARG B 20 0.92 11.01 -39.17
C ARG B 20 0.02 12.24 -39.06
N LEU B 21 0.60 13.37 -38.69
CA LEU B 21 -0.13 14.63 -38.61
C LEU B 21 -0.72 15.01 -39.96
N ALA B 22 0.08 14.84 -41.01
CA ALA B 22 -0.37 15.14 -42.37
C ALA B 22 -1.48 14.18 -42.79
N ILE B 23 -1.33 12.91 -42.45
CA ILE B 23 -2.29 11.89 -42.82
C ILE B 23 -3.63 12.12 -42.15
N GLU B 24 -3.60 12.37 -40.85
CA GLU B 24 -4.81 12.55 -40.07
C GLU B 24 -5.53 13.84 -40.45
N SER B 25 -4.76 14.87 -40.75
CA SER B 25 -5.31 16.16 -41.16
C SER B 25 -5.73 16.14 -42.63
N GLY B 26 -5.11 15.25 -43.39
CA GLY B 26 -5.44 15.09 -44.81
C GLY B 26 -4.65 16.08 -45.67
N ASP B 27 -3.50 16.50 -45.17
CA ASP B 27 -2.64 17.42 -45.90
C ASP B 27 -1.70 16.68 -46.84
N GLU B 28 -2.12 16.50 -48.08
CA GLU B 28 -1.38 15.68 -49.04
C GLU B 28 -0.08 16.35 -49.44
N GLU B 29 -0.06 17.68 -49.42
CA GLU B 29 1.12 18.44 -49.82
C GLU B 29 2.26 18.25 -48.81
N LEU B 30 1.93 18.36 -47.53
CA LEU B 30 2.90 18.10 -46.48
C LEU B 30 3.34 16.64 -46.49
N LEU B 31 2.37 15.74 -46.57
CA LEU B 31 2.65 14.31 -46.62
C LEU B 31 3.60 13.97 -47.76
N ARG B 32 3.35 14.58 -48.92
CA ARG B 32 4.24 14.42 -50.07
C ARG B 32 5.67 14.80 -49.70
N ARG B 33 5.83 15.99 -49.15
CA ARG B 33 7.16 16.49 -48.79
C ARG B 33 7.85 15.56 -47.80
N VAL B 34 7.10 15.09 -46.82
CA VAL B 34 7.64 14.22 -45.79
C VAL B 34 8.02 12.86 -46.35
N SER B 35 7.17 12.32 -47.22
CA SER B 35 7.41 11.03 -47.83
C SER B 35 8.66 11.06 -48.70
N GLU B 36 8.94 12.21 -49.30
CA GLU B 36 10.18 12.41 -50.04
C GLU B 36 11.38 12.49 -49.09
N TRP B 37 11.18 13.17 -47.96
CA TRP B 37 12.21 13.23 -46.92
C TRP B 37 12.49 11.85 -46.34
N LEU B 38 11.44 11.06 -46.16
CA LEU B 38 11.58 9.70 -45.67
C LEU B 38 12.42 8.85 -46.60
N GLU B 39 12.15 8.97 -47.90
CA GLU B 39 12.91 8.24 -48.91
C GLU B 39 14.39 8.56 -48.84
N GLU B 40 14.70 9.86 -48.71
CA GLU B 40 16.08 10.31 -48.67
C GLU B 40 16.81 9.75 -47.47
N VAL B 41 16.12 9.72 -46.33
CA VAL B 41 16.70 9.17 -45.10
C VAL B 41 16.98 7.68 -45.24
N ILE B 42 16.03 6.97 -45.84
CA ILE B 42 16.18 5.53 -46.06
C ILE B 42 17.45 5.24 -46.86
N LYS B 43 17.64 5.97 -47.95
CA LYS B 43 18.82 5.80 -48.80
C LYS B 43 20.09 6.01 -48.00
N ASP B 44 20.11 7.04 -47.16
CA ASP B 44 21.24 7.30 -46.28
C ASP B 44 21.48 6.15 -45.32
N MET B 45 20.39 5.66 -44.72
CA MET B 45 20.48 4.60 -43.74
C MET B 45 21.06 3.32 -44.35
N ARG B 46 20.67 3.03 -45.58
CA ARG B 46 21.14 1.85 -46.28
C ARG B 46 22.64 1.94 -46.57
N ARG B 47 23.13 3.16 -46.77
CA ARG B 47 24.54 3.41 -46.95
C ARG B 47 25.30 3.28 -45.64
N VAL B 48 24.64 3.66 -44.55
CA VAL B 48 25.19 3.47 -43.21
C VAL B 48 25.27 1.99 -42.86
N VAL B 49 24.24 1.24 -43.25
CA VAL B 49 24.27 -0.21 -43.14
C VAL B 49 25.43 -0.81 -43.91
N GLU B 50 25.60 -0.35 -45.14
CA GLU B 50 26.75 -0.74 -45.96
C GLU B 50 28.06 -0.45 -45.23
N GLN B 51 28.19 0.77 -44.72
CA GLN B 51 29.36 1.16 -43.96
C GLN B 51 29.60 0.22 -42.79
N ALA B 52 28.55 -0.04 -42.01
CA ALA B 52 28.65 -0.92 -40.86
C ALA B 52 29.15 -2.31 -41.25
N LEU B 53 28.64 -2.82 -42.37
CA LEU B 53 29.06 -4.11 -42.88
C LEU B 53 30.52 -4.08 -43.30
N ARG B 54 30.93 -2.98 -43.91
CA ARG B 54 32.32 -2.80 -44.32
C ARG B 54 33.25 -2.68 -43.12
N GLU B 55 32.69 -2.20 -42.00
CA GLU B 55 33.46 -2.07 -40.77
C GLU B 55 33.51 -3.39 -40.01
N GLY B 56 32.76 -4.38 -40.50
CA GLY B 56 32.72 -5.69 -39.87
C GLY B 56 31.72 -5.71 -38.71
N ASN B 57 30.83 -4.73 -38.69
CA ASN B 57 29.81 -4.63 -37.64
C ASN B 57 28.44 -5.03 -38.16
N SER B 58 28.26 -6.33 -38.40
CA SER B 58 27.01 -6.83 -38.94
C SER B 58 25.87 -6.70 -37.93
N GLU B 59 26.22 -6.61 -36.66
CA GLU B 59 25.24 -6.43 -35.60
C GLU B 59 24.51 -5.10 -35.75
N LEU B 60 25.28 -4.02 -35.85
CA LEU B 60 24.70 -2.69 -36.07
C LEU B 60 23.91 -2.64 -37.37
N ALA B 61 24.50 -3.19 -38.44
CA ALA B 61 23.84 -3.25 -39.73
C ALA B 61 22.44 -3.86 -39.60
N ALA B 62 22.35 -4.96 -38.86
CA ALA B 62 21.07 -5.62 -38.62
C ALA B 62 20.13 -4.71 -37.85
N ARG B 63 20.62 -4.12 -36.77
CA ARG B 63 19.80 -3.30 -35.89
C ARG B 63 19.17 -2.14 -36.66
N ILE B 64 19.95 -1.53 -37.55
CA ILE B 64 19.47 -0.41 -38.33
C ILE B 64 18.29 -0.81 -39.22
N LEU B 65 18.45 -1.92 -39.93
CA LEU B 65 17.42 -2.38 -40.85
C LEU B 65 16.18 -2.87 -40.11
N ILE B 66 16.41 -3.52 -38.97
CA ILE B 66 15.31 -4.00 -38.13
C ILE B 66 14.45 -2.85 -37.63
N ILE B 67 15.10 -1.82 -37.11
CA ILE B 67 14.40 -0.62 -36.64
C ILE B 67 13.67 0.07 -37.78
N LEU B 68 14.37 0.26 -38.90
CA LEU B 68 13.79 0.89 -40.07
C LEU B 68 12.55 0.15 -40.55
N PHE B 69 12.66 -1.17 -40.65
CA PHE B 69 11.54 -2.00 -41.09
C PHE B 69 10.33 -1.82 -40.17
N GLN B 70 10.58 -1.83 -38.86
CA GLN B 70 9.53 -1.61 -37.88
C GLN B 70 8.84 -0.26 -38.09
N GLN B 71 9.65 0.77 -38.34
CA GLN B 71 9.13 2.11 -38.56
C GLN B 71 8.33 2.20 -39.86
N LEU B 72 8.78 1.47 -40.87
CA LEU B 72 8.08 1.41 -42.14
C LEU B 72 6.72 0.74 -41.99
N VAL B 73 6.67 -0.32 -41.19
CA VAL B 73 5.43 -1.02 -40.92
C VAL B 73 4.46 -0.13 -40.15
N GLU B 74 4.99 0.65 -39.22
CA GLU B 74 4.20 1.63 -38.49
C GLU B 74 3.63 2.68 -39.42
N LEU B 75 4.45 3.16 -40.35
CA LEU B 75 4.00 4.08 -41.38
C LEU B 75 2.98 3.42 -42.30
N ALA B 76 3.22 2.16 -42.65
CA ALA B 76 2.27 1.40 -43.44
C ALA B 76 0.91 1.32 -42.77
N ARG B 77 0.91 1.09 -41.46
CA ARG B 77 -0.32 1.05 -40.69
C ARG B 77 -1.13 2.32 -40.86
N LEU B 78 -0.45 3.46 -40.80
CA LEU B 78 -1.09 4.76 -41.00
C LEU B 78 -1.72 4.85 -42.39
N ALA B 79 -0.99 4.37 -43.39
CA ALA B 79 -1.49 4.36 -44.76
C ALA B 79 -2.68 3.42 -44.91
N ILE B 80 -2.59 2.26 -44.27
CA ILE B 80 -3.64 1.25 -44.35
C ILE B 80 -4.94 1.75 -43.70
N GLU B 81 -4.81 2.31 -42.50
CA GLU B 81 -5.97 2.77 -41.75
C GLU B 81 -6.62 3.98 -42.43
N SER B 82 -5.79 4.85 -42.99
CA SER B 82 -6.28 6.03 -43.69
C SER B 82 -6.77 5.68 -45.09
N GLY B 83 -6.25 4.59 -45.64
CA GLY B 83 -6.66 4.12 -46.95
C GLY B 83 -5.86 4.80 -48.06
N ASP B 84 -4.65 5.24 -47.72
CA ASP B 84 -3.77 5.89 -48.67
C ASP B 84 -2.93 4.86 -49.43
N GLU B 85 -3.43 4.43 -50.58
CA GLU B 85 -2.80 3.35 -51.33
C GLU B 85 -1.46 3.79 -51.93
N GLU B 86 -1.37 5.08 -52.24
CA GLU B 86 -0.15 5.63 -52.85
C GLU B 86 1.01 5.60 -51.87
N LEU B 87 0.76 6.04 -50.64
CA LEU B 87 1.77 5.97 -49.58
C LEU B 87 2.10 4.52 -49.24
N LEU B 88 1.06 3.70 -49.08
CA LEU B 88 1.25 2.29 -48.77
C LEU B 88 2.11 1.61 -49.83
N ARG B 89 1.85 1.92 -51.09
CA ARG B 89 2.67 1.43 -52.20
C ARG B 89 4.14 1.77 -51.99
N ARG B 90 4.41 3.05 -51.74
CA ARG B 90 5.78 3.52 -51.56
C ARG B 90 6.45 2.80 -50.40
N VAL B 91 5.72 2.65 -49.31
CA VAL B 91 6.26 2.01 -48.10
C VAL B 91 6.51 0.52 -48.34
N SER B 92 5.58 -0.14 -49.02
CA SER B 92 5.71 -1.56 -49.30
C SER B 92 6.92 -1.84 -50.19
N GLU B 93 7.23 -0.89 -51.06
CA GLU B 93 8.45 -0.97 -51.86
C GLU B 93 9.69 -0.76 -51.01
N TRP B 94 9.60 0.18 -50.07
CA TRP B 94 10.68 0.41 -49.12
C TRP B 94 10.91 -0.80 -48.22
N LEU B 95 9.81 -1.44 -47.82
CA LEU B 95 9.87 -2.64 -47.01
C LEU B 95 10.61 -3.75 -47.74
N GLU B 96 10.28 -3.94 -49.01
CA GLU B 96 10.94 -4.94 -49.83
C GLU B 96 12.44 -4.72 -49.89
N GLU B 97 12.84 -3.48 -50.10
CA GLU B 97 14.26 -3.13 -50.22
C GLU B 97 15.01 -3.44 -48.93
N VAL B 98 14.38 -3.14 -47.80
CA VAL B 98 14.97 -3.41 -46.50
C VAL B 98 15.14 -4.91 -46.27
N ILE B 99 14.12 -5.68 -46.65
CA ILE B 99 14.16 -7.13 -46.51
C ILE B 99 15.36 -7.72 -47.26
N LYS B 100 15.55 -7.28 -48.50
CA LYS B 100 16.67 -7.73 -49.31
C LYS B 100 18.00 -7.45 -48.64
N ASP B 101 18.12 -6.24 -48.08
CA ASP B 101 19.31 -5.87 -47.33
C ASP B 101 19.52 -6.77 -46.12
N MET B 102 18.43 -7.01 -45.39
CA MET B 102 18.49 -7.81 -44.16
C MET B 102 18.96 -9.23 -44.46
N ARG B 103 18.49 -9.78 -45.58
CA ARG B 103 18.84 -11.13 -45.98
C ARG B 103 20.33 -11.23 -46.33
N ARG B 104 20.88 -10.13 -46.84
CA ARG B 104 22.31 -10.06 -47.13
C ARG B 104 23.12 -9.92 -45.85
N VAL B 105 22.54 -9.24 -44.86
CA VAL B 105 23.15 -9.14 -43.54
C VAL B 105 23.13 -10.50 -42.83
N VAL B 106 22.04 -11.23 -43.00
CA VAL B 106 21.97 -12.61 -42.53
C VAL B 106 23.06 -13.46 -43.17
N GLU B 107 23.20 -13.34 -44.49
CA GLU B 107 24.27 -14.00 -45.21
C GLU B 107 25.63 -13.64 -44.63
N GLN B 108 25.86 -12.35 -44.43
CA GLN B 108 27.10 -11.88 -43.83
C GLN B 108 27.34 -12.53 -42.46
N ALA B 109 26.31 -12.51 -41.63
CA ALA B 109 26.41 -13.08 -40.29
C ALA B 109 26.79 -14.56 -40.35
N LEU B 110 26.18 -15.28 -41.29
CA LEU B 110 26.50 -16.69 -41.48
C LEU B 110 27.94 -16.89 -41.94
N ARG B 111 28.39 -15.99 -42.82
CA ARG B 111 29.77 -16.04 -43.30
C ARG B 111 30.75 -15.70 -42.20
N GLU B 112 30.29 -14.92 -41.22
CA GLU B 112 31.12 -14.56 -40.07
C GLU B 112 31.12 -15.66 -39.02
N GLY B 113 30.28 -16.66 -39.22
CA GLY B 113 30.18 -17.78 -38.29
C GLY B 113 29.25 -17.44 -37.14
N ASN B 114 28.42 -16.41 -37.33
CA ASN B 114 27.48 -15.98 -36.30
C ASN B 114 26.06 -16.39 -36.66
N SER B 115 25.77 -17.68 -36.56
CA SER B 115 24.45 -18.21 -36.92
C SER B 115 23.39 -17.74 -35.95
N GLU B 116 23.82 -17.38 -34.74
CA GLU B 116 22.90 -16.86 -33.73
C GLU B 116 22.26 -15.56 -34.19
N LEU B 117 23.08 -14.59 -34.57
CA LEU B 117 22.59 -13.33 -35.09
C LEU B 117 21.75 -13.53 -36.34
N ALA B 118 22.24 -14.36 -37.25
CA ALA B 118 21.51 -14.69 -38.46
C ALA B 118 20.09 -15.13 -38.16
N ALA B 119 19.96 -16.01 -37.16
CA ALA B 119 18.65 -16.49 -36.73
C ALA B 119 17.80 -15.34 -36.17
N ARG B 120 18.40 -14.56 -35.29
CA ARG B 120 17.68 -13.48 -34.61
C ARG B 120 17.09 -12.50 -35.61
N ILE B 121 17.86 -12.19 -36.65
CA ILE B 121 17.43 -11.25 -37.68
C ILE B 121 16.18 -11.76 -38.39
N LEU B 122 16.21 -13.02 -38.81
CA LEU B 122 15.11 -13.61 -39.56
C LEU B 122 13.89 -13.81 -38.67
N ILE B 123 14.12 -14.17 -37.42
CA ILE B 123 13.04 -14.35 -36.46
C ILE B 123 12.30 -13.05 -36.23
N ILE B 124 13.04 -11.97 -36.01
CA ILE B 124 12.44 -10.65 -35.82
C ILE B 124 11.71 -10.20 -37.08
N LEU B 125 12.36 -10.35 -38.22
CA LEU B 125 11.77 -9.97 -39.50
C LEU B 125 10.45 -10.70 -39.74
N PHE B 126 10.47 -12.01 -39.50
CA PHE B 126 9.27 -12.83 -39.69
C PHE B 126 8.13 -12.35 -38.81
N GLN B 127 8.44 -12.05 -37.55
CA GLN B 127 7.46 -11.52 -36.61
C GLN B 127 6.86 -10.21 -37.13
N GLN B 128 7.72 -9.34 -37.66
CA GLN B 128 7.28 -8.06 -38.17
C GLN B 128 6.43 -8.23 -39.43
N LEU B 129 6.77 -9.22 -40.25
CA LEU B 129 6.00 -9.52 -41.45
C LEU B 129 4.61 -10.03 -41.09
N VAL B 130 4.54 -10.86 -40.06
CA VAL B 130 3.26 -11.37 -39.57
C VAL B 130 2.39 -10.25 -39.01
N GLU B 131 3.02 -9.31 -38.32
CA GLU B 131 2.34 -8.12 -37.83
C GLU B 131 1.79 -7.28 -38.98
N LEU B 132 2.61 -7.12 -40.02
CA LEU B 132 2.17 -6.44 -41.24
C LEU B 132 1.06 -7.21 -41.93
N ALA B 133 1.19 -8.53 -41.95
CA ALA B 133 0.16 -9.40 -42.52
C ALA B 133 -1.18 -9.21 -41.80
N ARG B 134 -1.12 -9.10 -40.48
CA ARG B 134 -2.31 -8.86 -39.67
C ARG B 134 -3.04 -7.60 -40.13
N LEU B 135 -2.27 -6.54 -40.37
CA LEU B 135 -2.85 -5.30 -40.87
C LEU B 135 -3.54 -5.49 -42.21
N ALA B 136 -2.89 -6.25 -43.09
CA ALA B 136 -3.45 -6.56 -44.40
C ALA B 136 -4.72 -7.41 -44.26
N ILE B 137 -4.67 -8.38 -43.36
CA ILE B 137 -5.80 -9.29 -43.15
C ILE B 137 -7.02 -8.54 -42.61
N GLU B 138 -6.79 -7.72 -41.59
CA GLU B 138 -7.88 -7.01 -40.94
C GLU B 138 -8.47 -5.95 -41.87
N SER B 139 -7.62 -5.32 -42.66
CA SER B 139 -8.06 -4.30 -43.60
C SER B 139 -8.64 -4.93 -44.87
N GLY B 140 -8.23 -6.17 -45.14
CA GLY B 140 -8.74 -6.91 -46.28
C GLY B 140 -7.95 -6.58 -47.55
N ASP B 141 -6.70 -6.18 -47.36
CA ASP B 141 -5.83 -5.85 -48.48
C ASP B 141 -5.09 -7.09 -48.99
N GLU B 142 -5.68 -7.75 -49.99
CA GLU B 142 -5.16 -9.02 -50.46
C GLU B 142 -3.83 -8.84 -51.19
N GLU B 143 -3.66 -7.69 -51.82
CA GLU B 143 -2.46 -7.40 -52.58
C GLU B 143 -1.24 -7.28 -51.67
N LEU B 144 -1.40 -6.54 -50.58
CA LEU B 144 -0.35 -6.43 -49.57
C LEU B 144 -0.10 -7.77 -48.89
N LEU B 145 -1.18 -8.44 -48.50
CA LEU B 145 -1.07 -9.75 -47.86
C LEU B 145 -0.32 -10.73 -48.74
N ARG B 146 -0.63 -10.71 -50.03
CA ARG B 146 0.11 -11.52 -51.01
C ARG B 146 1.60 -11.25 -50.94
N ARG B 147 1.98 -9.98 -51.03
CA ARG B 147 3.38 -9.59 -51.01
C ARG B 147 4.06 -10.06 -49.72
N VAL B 148 3.38 -9.89 -48.61
CA VAL B 148 3.92 -10.25 -47.30
C VAL B 148 4.07 -11.77 -47.17
N SER B 149 3.06 -12.49 -47.63
CA SER B 149 3.07 -13.95 -47.57
C SER B 149 4.21 -14.54 -48.40
N GLU B 150 4.56 -13.85 -49.48
CA GLU B 150 5.72 -14.22 -50.29
C GLU B 150 7.01 -13.90 -49.55
N TRP B 151 7.04 -12.76 -48.87
CA TRP B 151 8.18 -12.39 -48.04
C TRP B 151 8.36 -13.36 -46.88
N LEU B 152 7.24 -13.79 -46.30
CA LEU B 152 7.27 -14.77 -45.22
C LEU B 152 7.90 -16.08 -45.67
N GLU B 153 7.49 -16.54 -46.85
CA GLU B 153 8.03 -17.77 -47.43
C GLU B 153 9.54 -17.69 -47.58
N GLU B 154 10.01 -16.56 -48.11
CA GLU B 154 11.44 -16.37 -48.35
C GLU B 154 12.23 -16.41 -47.05
N VAL B 155 11.68 -15.80 -46.00
CA VAL B 155 12.32 -15.79 -44.70
C VAL B 155 12.39 -17.20 -44.12
N ILE B 156 11.30 -17.95 -44.25
CA ILE B 156 11.26 -19.32 -43.77
C ILE B 156 12.37 -20.16 -44.38
N LYS B 157 12.53 -20.05 -45.71
CA LYS B 157 13.57 -20.79 -46.41
C LYS B 157 14.95 -20.44 -45.87
N ASP B 158 15.19 -19.16 -45.64
CA ASP B 158 16.44 -18.71 -45.04
C ASP B 158 16.64 -19.30 -43.65
N MET B 159 15.58 -19.27 -42.85
CA MET B 159 15.65 -19.75 -41.48
C MET B 159 15.99 -21.24 -41.43
N ARG B 160 15.43 -22.00 -42.35
CA ARG B 160 15.68 -23.43 -42.42
C ARG B 160 17.13 -23.73 -42.78
N ARG B 161 17.73 -22.84 -43.57
CA ARG B 161 19.14 -22.95 -43.91
C ARG B 161 20.03 -22.55 -42.73
N VAL B 162 19.55 -21.62 -41.93
CA VAL B 162 20.22 -21.25 -40.69
C VAL B 162 20.16 -22.39 -39.67
N VAL B 163 19.02 -23.05 -39.61
CA VAL B 163 18.87 -24.27 -38.82
C VAL B 163 19.86 -25.33 -39.26
N GLU B 164 19.94 -25.55 -40.57
CA GLU B 164 20.93 -26.45 -41.15
C GLU B 164 22.34 -26.07 -40.71
N GLN B 165 22.67 -24.79 -40.85
CA GLN B 165 23.96 -24.29 -40.42
C GLN B 165 24.22 -24.60 -38.95
N ALA B 166 23.24 -24.30 -38.11
CA ALA B 166 23.37 -24.53 -36.67
C ALA B 166 23.64 -26.00 -36.38
N LEU B 167 22.95 -26.89 -37.09
CA LEU B 167 23.15 -28.32 -36.93
C LEU B 167 24.55 -28.73 -37.39
N ARG B 168 25.02 -28.11 -38.47
CA ARG B 168 26.36 -28.38 -38.98
C ARG B 168 27.43 -27.86 -38.03
N GLU B 169 27.07 -26.84 -37.25
CA GLU B 169 27.98 -26.28 -36.26
C GLU B 169 27.96 -27.08 -34.96
N GLY B 170 27.04 -28.04 -34.89
CA GLY B 170 26.91 -28.88 -33.70
C GLY B 170 26.06 -28.20 -32.64
N ASN B 171 25.30 -27.19 -33.06
CA ASN B 171 24.44 -26.45 -32.13
C ASN B 171 22.98 -26.81 -32.33
N SER B 172 22.61 -28.02 -31.92
CA SER B 172 21.25 -28.51 -32.09
C SER B 172 20.26 -27.73 -31.23
N GLU B 173 20.78 -27.13 -30.16
CA GLU B 173 19.95 -26.31 -29.27
C GLU B 173 19.37 -25.11 -30.02
N LEU B 174 20.25 -24.34 -30.65
CA LEU B 174 19.82 -23.20 -31.46
C LEU B 174 18.90 -23.63 -32.58
N ALA B 175 19.28 -24.70 -33.28
CA ALA B 175 18.48 -25.25 -34.36
C ALA B 175 17.04 -25.49 -33.89
N ALA B 176 16.90 -26.09 -32.71
CA ALA B 176 15.59 -26.34 -32.13
C ALA B 176 14.86 -25.04 -31.85
N ARG B 177 15.54 -24.10 -31.21
CA ARG B 177 14.93 -22.85 -30.79
C ARG B 177 14.37 -22.09 -31.99
N ILE B 178 15.11 -22.11 -33.09
CA ILE B 178 14.68 -21.42 -34.31
C ILE B 178 13.36 -21.99 -34.83
N LEU B 179 13.29 -23.31 -34.92
CA LEU B 179 12.11 -23.97 -35.47
C LEU B 179 10.93 -23.85 -34.52
N ILE B 180 11.20 -23.92 -33.23
CA ILE B 180 10.16 -23.77 -32.22
C ILE B 180 9.51 -22.39 -32.29
N ILE B 181 10.34 -21.36 -32.36
CA ILE B 181 9.85 -20.00 -32.49
C ILE B 181 9.09 -19.80 -33.79
N LEU B 182 9.66 -20.27 -34.89
CA LEU B 182 9.03 -20.17 -36.20
C LEU B 182 7.67 -20.84 -36.20
N PHE B 183 7.60 -22.04 -35.66
CA PHE B 183 6.34 -22.79 -35.60
C PHE B 183 5.28 -22.02 -34.83
N GLN B 184 5.68 -21.45 -33.69
CA GLN B 184 4.78 -20.63 -32.88
C GLN B 184 4.25 -19.45 -33.68
N GLN B 185 5.14 -18.81 -34.44
CA GLN B 185 4.77 -17.65 -35.24
C GLN B 185 3.83 -18.06 -36.38
N LEU B 186 4.08 -19.23 -36.94
CA LEU B 186 3.23 -19.76 -38.01
C LEU B 186 1.82 -20.05 -37.50
N VAL B 187 1.74 -20.60 -36.28
CA VAL B 187 0.46 -20.87 -35.65
C VAL B 187 -0.30 -19.58 -35.36
N GLU B 188 0.43 -18.56 -34.93
CA GLU B 188 -0.15 -17.24 -34.73
C GLU B 188 -0.70 -16.67 -36.03
N LEU B 189 0.07 -16.83 -37.11
CA LEU B 189 -0.37 -16.43 -38.44
C LEU B 189 -1.58 -17.26 -38.88
N ALA B 190 -1.53 -18.55 -38.59
CA ALA B 190 -2.65 -19.44 -38.88
C ALA B 190 -3.93 -18.97 -38.19
N ARG B 191 -3.80 -18.55 -36.94
CA ARG B 191 -4.93 -18.04 -36.19
C ARG B 191 -5.59 -16.88 -36.91
N LEU B 192 -4.77 -15.96 -37.43
CA LEU B 192 -5.27 -14.83 -38.20
C LEU B 192 -6.04 -15.30 -39.43
N ALA B 193 -5.49 -16.30 -40.12
CA ALA B 193 -6.15 -16.86 -41.29
C ALA B 193 -7.46 -17.56 -40.91
N ILE B 194 -7.44 -18.28 -39.79
CA ILE B 194 -8.61 -19.02 -39.34
C ILE B 194 -9.74 -18.08 -38.95
N GLU B 195 -9.41 -17.05 -38.18
CA GLU B 195 -10.42 -16.10 -37.69
C GLU B 195 -10.98 -15.28 -38.83
N SER B 196 -10.12 -14.92 -39.77
CA SER B 196 -10.54 -14.13 -40.93
C SER B 196 -11.23 -15.01 -41.97
N GLY B 197 -10.92 -16.30 -41.95
CA GLY B 197 -11.54 -17.25 -42.86
C GLY B 197 -10.78 -17.31 -44.19
N ASP B 198 -9.51 -16.96 -44.15
CA ASP B 198 -8.67 -16.99 -45.35
C ASP B 198 -8.05 -18.36 -45.55
N GLU B 199 -8.73 -19.20 -46.34
CA GLU B 199 -8.32 -20.59 -46.50
C GLU B 199 -7.03 -20.71 -47.29
N GLU B 200 -6.81 -19.74 -48.19
CA GLU B 200 -5.63 -19.74 -49.04
C GLU B 200 -4.36 -19.51 -48.22
N LEU B 201 -4.41 -18.51 -47.35
CA LEU B 201 -3.31 -18.24 -46.43
C LEU B 201 -3.12 -19.40 -45.45
N LEU B 202 -4.22 -19.86 -44.87
CA LEU B 202 -4.16 -20.98 -43.94
C LEU B 202 -3.53 -22.21 -44.57
N ARG B 203 -3.90 -22.48 -45.83
CA ARG B 203 -3.28 -23.55 -46.59
C ARG B 203 -1.76 -23.39 -46.63
N ARG B 204 -1.31 -22.21 -47.05
CA ARG B 204 0.13 -21.94 -47.17
C ARG B 204 0.84 -22.14 -45.84
N VAL B 205 0.22 -21.65 -44.76
CA VAL B 205 0.80 -21.73 -43.43
C VAL B 205 0.86 -23.17 -42.94
N SER B 206 -0.22 -23.91 -43.18
CA SER B 206 -0.31 -25.30 -42.76
C SER B 206 0.75 -26.16 -43.45
N GLU B 207 1.07 -25.79 -44.68
CA GLU B 207 2.17 -26.42 -45.41
C GLU B 207 3.52 -26.04 -44.81
N TRP B 208 3.65 -24.77 -44.44
CA TRP B 208 4.86 -24.30 -43.77
C TRP B 208 5.03 -24.98 -42.40
N LEU B 209 3.92 -25.16 -41.70
CA LEU B 209 3.94 -25.85 -40.41
C LEU B 209 4.44 -27.27 -40.55
N GLU B 210 3.95 -27.98 -41.57
CA GLU B 210 4.37 -29.34 -41.83
C GLU B 210 5.87 -29.42 -42.06
N GLU B 211 6.39 -28.50 -42.86
CA GLU B 211 7.81 -28.49 -43.19
C GLU B 211 8.67 -28.27 -41.95
N VAL B 212 8.23 -27.38 -41.07
CA VAL B 212 8.92 -27.11 -39.82
C VAL B 212 8.93 -28.33 -38.92
N ILE B 213 7.79 -29.00 -38.83
CA ILE B 213 7.67 -30.22 -38.02
C ILE B 213 8.69 -31.27 -38.45
N LYS B 214 8.79 -31.49 -39.76
CA LYS B 214 9.74 -32.45 -40.30
C LYS B 214 11.17 -32.10 -39.90
N ASP B 215 11.50 -30.82 -39.99
CA ASP B 215 12.81 -30.33 -39.57
C ASP B 215 13.03 -30.59 -38.09
N MET B 216 12.03 -30.29 -37.28
CA MET B 216 12.13 -30.42 -35.83
C MET B 216 12.38 -31.86 -35.43
N ARG B 217 11.72 -32.79 -36.13
CA ARG B 217 11.86 -34.21 -35.84
C ARG B 217 13.27 -34.69 -36.17
N ARG B 218 13.89 -34.07 -37.16
CA ARG B 218 15.27 -34.38 -37.52
C ARG B 218 16.24 -33.78 -36.50
N VAL B 219 15.87 -32.64 -35.93
CA VAL B 219 16.63 -32.04 -34.84
C VAL B 219 16.53 -32.88 -33.58
N VAL B 220 15.35 -33.42 -33.32
CA VAL B 220 15.18 -34.39 -32.25
C VAL B 220 16.06 -35.61 -32.46
N GLU B 221 16.06 -36.14 -33.68
CA GLU B 221 16.95 -37.23 -34.04
C GLU B 221 18.40 -36.86 -33.76
N GLN B 222 18.82 -35.69 -34.21
CA GLN B 222 20.16 -35.19 -33.97
C GLN B 222 20.47 -35.16 -32.48
N ALA B 223 19.56 -34.59 -31.69
CA ALA B 223 19.74 -34.49 -30.25
C ALA B 223 19.94 -35.85 -29.62
N LEU B 224 19.14 -36.83 -30.06
CA LEU B 224 19.26 -38.19 -29.57
C LEU B 224 20.60 -38.80 -29.95
N ARG B 225 21.05 -38.51 -31.17
CA ARG B 225 22.34 -39.00 -31.64
C ARG B 225 23.49 -38.34 -30.88
N GLU B 226 23.24 -37.14 -30.37
CA GLU B 226 24.23 -36.43 -29.57
C GLU B 226 24.22 -36.89 -28.12
N GLY B 227 23.26 -37.73 -27.78
CA GLY B 227 23.13 -38.24 -26.42
C GLY B 227 22.38 -37.25 -25.53
N ASN B 228 21.67 -36.33 -26.16
CA ASN B 228 20.91 -35.32 -25.42
C ASN B 228 19.41 -35.60 -25.48
N SER B 229 18.99 -36.63 -24.76
CA SER B 229 17.59 -37.05 -24.77
C SER B 229 16.71 -36.01 -24.09
N GLU B 230 17.31 -35.20 -23.21
CA GLU B 230 16.59 -34.13 -22.53
C GLU B 230 16.06 -33.11 -23.54
N LEU B 231 16.95 -32.58 -24.37
CA LEU B 231 16.56 -31.64 -25.41
C LEU B 231 15.56 -32.27 -26.37
N ALA B 232 15.84 -33.49 -26.79
CA ALA B 232 14.93 -34.23 -27.68
C ALA B 232 13.51 -34.24 -27.12
N ALA B 233 13.39 -34.52 -25.83
CA ALA B 233 12.09 -34.51 -25.17
C ALA B 233 11.47 -33.12 -25.18
N ARG B 234 12.25 -32.12 -24.81
CA ARG B 234 11.75 -30.76 -24.70
C ARG B 234 11.18 -30.27 -26.03
N ILE B 235 11.85 -30.61 -27.12
CA ILE B 235 11.42 -30.21 -28.44
C ILE B 235 10.04 -30.78 -28.77
N LEU B 236 9.87 -32.08 -28.53
CA LEU B 236 8.63 -32.76 -28.87
C LEU B 236 7.51 -32.31 -27.93
N ILE B 237 7.83 -32.10 -26.67
CA ILE B 237 6.86 -31.62 -25.70
C ILE B 237 6.31 -30.26 -26.09
N ILE B 238 7.20 -29.34 -26.43
CA ILE B 238 6.80 -28.01 -26.88
C ILE B 238 5.98 -28.08 -28.16
N LEU B 239 6.47 -28.85 -29.13
CA LEU B 239 5.78 -29.02 -30.40
C LEU B 239 4.37 -29.55 -30.19
N PHE B 240 4.25 -30.59 -29.37
CA PHE B 240 2.95 -31.20 -29.09
C PHE B 240 1.99 -30.17 -28.50
N GLN B 241 2.48 -29.38 -27.55
CA GLN B 241 1.68 -28.33 -26.94
C GLN B 241 1.20 -27.33 -27.99
N GLN B 242 2.08 -26.96 -28.91
CA GLN B 242 1.75 -26.02 -29.96
C GLN B 242 0.74 -26.60 -30.94
N LEU B 243 0.87 -27.90 -31.19
CA LEU B 243 -0.07 -28.61 -32.07
C LEU B 243 -1.46 -28.65 -31.45
N VAL B 244 -1.52 -28.88 -30.15
CA VAL B 244 -2.78 -28.89 -29.42
C VAL B 244 -3.44 -27.51 -29.43
N GLU B 245 -2.62 -26.48 -29.29
CA GLU B 245 -3.09 -25.10 -29.40
C GLU B 245 -3.66 -24.82 -30.79
N LEU B 246 -2.96 -25.30 -31.82
CA LEU B 246 -3.45 -25.21 -33.18
C LEU B 246 -4.73 -26.02 -33.37
N ALA B 247 -4.76 -27.20 -32.77
CA ALA B 247 -5.94 -28.04 -32.80
C ALA B 247 -7.15 -27.32 -32.21
N ARG B 248 -6.92 -26.62 -31.10
CA ARG B 248 -7.99 -25.85 -30.46
C ARG B 248 -8.60 -24.85 -31.43
N LEU B 249 -7.75 -24.16 -32.19
CA LEU B 249 -8.21 -23.21 -33.19
C LEU B 249 -9.07 -23.90 -34.24
N ALA B 250 -8.63 -25.09 -34.68
CA ALA B 250 -9.38 -25.87 -35.66
C ALA B 250 -10.71 -26.34 -35.08
N ILE B 251 -10.68 -26.77 -33.82
CA ILE B 251 -11.87 -27.28 -33.16
C ILE B 251 -12.92 -26.19 -32.97
N GLU B 252 -12.49 -25.03 -32.49
CA GLU B 252 -13.39 -23.92 -32.21
C GLU B 252 -13.96 -23.34 -33.51
N SER B 253 -13.13 -23.30 -34.54
CA SER B 253 -13.55 -22.79 -35.83
C SER B 253 -14.34 -23.83 -36.61
N GLY B 254 -14.13 -25.10 -36.28
CA GLY B 254 -14.85 -26.19 -36.91
C GLY B 254 -14.18 -26.63 -38.20
N ASP B 255 -12.88 -26.39 -38.29
CA ASP B 255 -12.10 -26.77 -39.47
C ASP B 255 -11.59 -28.20 -39.35
N GLU B 256 -12.36 -29.15 -39.88
CA GLU B 256 -12.07 -30.56 -39.72
C GLU B 256 -10.82 -30.96 -40.50
N GLU B 257 -10.59 -30.27 -41.61
CA GLU B 257 -9.44 -30.57 -42.47
C GLU B 257 -8.13 -30.24 -41.78
N LEU B 258 -8.06 -29.06 -41.17
CA LEU B 258 -6.90 -28.67 -40.38
C LEU B 258 -6.74 -29.56 -39.17
N LEU B 259 -7.83 -29.79 -38.45
CA LEU B 259 -7.82 -30.64 -37.27
C LEU B 259 -7.30 -32.04 -37.61
N ARG B 260 -7.74 -32.57 -38.73
CA ARG B 260 -7.24 -33.85 -39.24
C ARG B 260 -5.73 -33.82 -39.36
N ARG B 261 -5.21 -32.82 -40.07
CA ARG B 261 -3.77 -32.70 -40.31
C ARG B 261 -3.01 -32.62 -38.99
N VAL B 262 -3.54 -31.84 -38.06
CA VAL B 262 -2.89 -31.64 -36.76
C VAL B 262 -2.92 -32.91 -35.93
N SER B 263 -4.05 -33.60 -35.95
CA SER B 263 -4.21 -34.83 -35.19
C SER B 263 -3.25 -35.91 -35.68
N GLU B 264 -2.96 -35.89 -36.98
CA GLU B 264 -1.95 -36.76 -37.56
C GLU B 264 -0.55 -36.36 -37.13
N TRP B 265 -0.30 -35.05 -37.08
CA TRP B 265 0.96 -34.52 -36.58
C TRP B 265 1.15 -34.86 -35.11
N LEU B 266 0.06 -34.78 -34.33
CA LEU B 266 0.10 -35.12 -32.92
C LEU B 266 0.50 -36.59 -32.72
N GLU B 267 -0.09 -37.47 -33.52
CA GLU B 267 0.22 -38.89 -33.45
C GLU B 267 1.70 -39.14 -33.70
N GLU B 268 2.25 -38.48 -34.72
CA GLU B 268 3.65 -38.66 -35.09
C GLU B 268 4.58 -38.22 -33.97
N VAL B 269 4.23 -37.11 -33.31
CA VAL B 269 5.01 -36.60 -32.20
C VAL B 269 4.98 -37.57 -31.01
N ILE B 270 3.80 -38.10 -30.74
CA ILE B 270 3.64 -39.07 -29.65
C ILE B 270 4.57 -40.27 -29.84
N LYS B 271 4.58 -40.81 -31.06
CA LYS B 271 5.44 -41.95 -31.37
C LYS B 271 6.91 -41.62 -31.13
N ASP B 272 7.32 -40.43 -31.54
CA ASP B 272 8.68 -39.96 -31.29
C ASP B 272 8.97 -39.87 -29.79
N MET B 273 8.02 -39.30 -29.05
CA MET B 273 8.20 -39.09 -27.62
C MET B 273 8.36 -40.40 -26.89
N ARG B 274 7.59 -41.41 -27.31
CA ARG B 274 7.66 -42.73 -26.69
C ARG B 274 9.01 -43.39 -26.94
N ARG B 275 9.62 -43.08 -28.07
CA ARG B 275 10.96 -43.57 -28.39
C ARG B 275 12.01 -42.82 -27.58
N VAL B 276 11.75 -41.55 -27.30
CA VAL B 276 12.61 -40.76 -26.42
C VAL B 276 12.52 -41.26 -24.98
N VAL B 277 11.32 -41.63 -24.56
CA VAL B 277 11.13 -42.29 -23.27
C VAL B 277 11.91 -43.59 -23.20
N GLU B 278 11.82 -44.39 -24.26
CA GLU B 278 12.62 -45.60 -24.37
C GLU B 278 14.10 -45.30 -24.23
N GLN B 279 14.57 -44.31 -24.98
CA GLN B 279 15.96 -43.88 -24.90
C GLN B 279 16.35 -43.52 -23.47
N ALA B 280 15.51 -42.70 -22.83
CA ALA B 280 15.77 -42.26 -21.47
C ALA B 280 15.90 -43.44 -20.52
N LEU B 281 15.03 -44.43 -20.69
CA LEU B 281 15.07 -45.64 -19.88
C LEU B 281 16.34 -46.43 -20.14
N ARG B 282 16.75 -46.48 -21.40
CA ARG B 282 17.99 -47.16 -21.79
C ARG B 282 19.21 -46.43 -21.24
N GLU B 283 19.07 -45.13 -21.04
CA GLU B 283 20.15 -44.32 -20.48
C GLU B 283 20.19 -44.42 -18.96
N GLY B 284 19.18 -45.07 -18.39
CA GLY B 284 19.08 -45.22 -16.94
C GLY B 284 18.45 -44.00 -16.30
N ASN B 285 17.77 -43.18 -17.11
CA ASN B 285 17.13 -41.98 -16.62
C ASN B 285 15.62 -42.15 -16.56
N SER B 286 15.15 -42.95 -15.59
CA SER B 286 13.73 -43.24 -15.45
C SER B 286 12.96 -41.99 -15.02
N GLU B 287 13.66 -41.06 -14.40
CA GLU B 287 13.05 -39.80 -13.98
C GLU B 287 12.54 -39.01 -15.17
N LEU B 288 13.42 -38.77 -16.14
CA LEU B 288 13.05 -38.08 -17.38
C LEU B 288 11.96 -38.84 -18.11
N ALA B 289 12.13 -40.15 -18.23
CA ALA B 289 11.13 -41.01 -18.88
C ALA B 289 9.75 -40.77 -18.29
N ALA B 290 9.67 -40.71 -16.97
CA ALA B 290 8.41 -40.44 -16.28
C ALA B 290 7.88 -39.07 -16.62
N ARG B 291 8.75 -38.06 -16.52
CA ARG B 291 8.35 -36.68 -16.74
C ARG B 291 7.75 -36.49 -18.13
N ILE B 292 8.34 -37.13 -19.13
CA ILE B 292 7.87 -37.03 -20.50
C ILE B 292 6.44 -37.55 -20.63
N LEU B 293 6.19 -38.74 -20.08
CA LEU B 293 4.89 -39.38 -20.18
C LEU B 293 3.84 -38.64 -19.36
N ILE B 294 4.26 -38.13 -18.20
CA ILE B 294 3.37 -37.37 -17.34
C ILE B 294 2.89 -36.10 -18.03
N ILE B 295 3.82 -35.37 -18.63
CA ILE B 295 3.49 -34.15 -19.37
C ILE B 295 2.61 -34.47 -20.57
N LEU B 296 2.99 -35.50 -21.34
CA LEU B 296 2.24 -35.91 -22.51
C LEU B 296 0.80 -36.27 -22.12
N PHE B 297 0.64 -37.06 -21.07
CA PHE B 297 -0.67 -37.47 -20.61
C PHE B 297 -1.53 -36.26 -20.25
N GLN B 298 -0.94 -35.31 -19.54
CA GLN B 298 -1.63 -34.07 -19.19
C GLN B 298 -2.10 -33.33 -20.43
N GLN B 299 -1.24 -33.27 -21.44
CA GLN B 299 -1.56 -32.58 -22.68
C GLN B 299 -2.65 -33.31 -23.45
N LEU B 300 -2.62 -34.64 -23.38
CA LEU B 300 -3.66 -35.45 -24.02
C LEU B 300 -5.01 -35.24 -23.37
N VAL B 301 -5.02 -35.14 -22.04
CA VAL B 301 -6.24 -34.87 -21.31
C VAL B 301 -6.80 -33.49 -21.63
N GLU B 302 -5.90 -32.52 -21.79
CA GLU B 302 -6.29 -31.18 -22.22
C GLU B 302 -6.90 -31.20 -23.60
N LEU B 303 -6.30 -31.96 -24.51
CA LEU B 303 -6.84 -32.17 -25.84
C LEU B 303 -8.18 -32.91 -25.78
N ALA B 304 -8.26 -33.90 -24.90
CA ALA B 304 -9.51 -34.63 -24.69
C ALA B 304 -10.63 -33.69 -24.25
N ARG B 305 -10.31 -32.76 -23.36
CA ARG B 305 -11.27 -31.77 -22.89
C ARG B 305 -11.86 -31.00 -24.05
N LEU B 306 -11.01 -30.59 -24.98
CA LEU B 306 -11.45 -29.88 -26.18
C LEU B 306 -12.41 -30.73 -27.00
N ALA B 307 -12.07 -32.01 -27.15
CA ALA B 307 -12.92 -32.94 -27.87
C ALA B 307 -14.25 -33.16 -27.15
N ILE B 308 -14.19 -33.26 -25.83
CA ILE B 308 -15.38 -33.51 -25.02
C ILE B 308 -16.34 -32.32 -25.08
N GLU B 309 -15.80 -31.12 -24.91
CA GLU B 309 -16.61 -29.91 -24.89
C GLU B 309 -17.21 -29.62 -26.26
N SER B 310 -16.43 -29.90 -27.30
CA SER B 310 -16.88 -29.68 -28.67
C SER B 310 -17.78 -30.82 -29.13
N GLY B 311 -17.63 -31.98 -28.51
CA GLY B 311 -18.47 -33.13 -28.83
C GLY B 311 -17.89 -33.93 -30.00
N ASP B 312 -16.58 -33.81 -30.19
CA ASP B 312 -15.90 -34.54 -31.26
C ASP B 312 -15.48 -35.93 -30.81
N GLU B 313 -16.34 -36.91 -31.07
CA GLU B 313 -16.12 -38.26 -30.56
C GLU B 313 -14.96 -38.94 -31.27
N GLU B 314 -14.72 -38.55 -32.52
CA GLU B 314 -13.66 -39.15 -33.32
C GLU B 314 -12.28 -38.76 -32.77
N LEU B 315 -12.11 -37.48 -32.47
CA LEU B 315 -10.89 -37.00 -31.85
C LEU B 315 -10.73 -37.58 -30.44
N LEU B 316 -11.80 -37.54 -29.67
CA LEU B 316 -11.78 -38.08 -28.31
C LEU B 316 -11.37 -39.55 -28.32
N ARG B 317 -11.91 -40.31 -29.26
CA ARG B 317 -11.52 -41.69 -29.44
C ARG B 317 -10.02 -41.83 -29.63
N ARG B 318 -9.47 -41.07 -30.58
CA ARG B 318 -8.05 -41.12 -30.88
C ARG B 318 -7.22 -40.79 -29.65
N VAL B 319 -7.64 -39.76 -28.92
CA VAL B 319 -6.91 -39.30 -27.74
C VAL B 319 -6.97 -40.33 -26.62
N SER B 320 -8.16 -40.91 -26.43
CA SER B 320 -8.37 -41.90 -25.38
C SER B 320 -7.51 -43.15 -25.63
N GLU B 321 -7.28 -43.46 -26.90
CA GLU B 321 -6.37 -44.53 -27.28
C GLU B 321 -4.92 -44.14 -27.00
N TRP B 322 -4.59 -42.88 -27.29
CA TRP B 322 -3.27 -42.35 -26.97
C TRP B 322 -3.02 -42.33 -25.47
N LEU B 323 -4.06 -41.98 -24.71
CA LEU B 323 -3.97 -41.98 -23.26
C LEU B 323 -3.66 -43.38 -22.71
N GLU B 324 -4.36 -44.37 -23.25
CA GLU B 324 -4.14 -45.76 -22.85
C GLU B 324 -2.68 -46.17 -23.08
N GLU B 325 -2.15 -45.83 -24.24
CA GLU B 325 -0.79 -46.20 -24.60
C GLU B 325 0.22 -45.58 -23.65
N VAL B 326 -0.02 -44.32 -23.28
CA VAL B 326 0.86 -43.62 -22.35
C VAL B 326 0.82 -44.26 -20.97
N ILE B 327 -0.38 -44.62 -20.52
CA ILE B 327 -0.55 -45.28 -19.23
C ILE B 327 0.28 -46.55 -19.16
N LYS B 328 0.20 -47.37 -20.19
CA LYS B 328 0.95 -48.62 -20.25
C LYS B 328 2.46 -48.36 -20.13
N ASP B 329 2.92 -47.34 -20.84
CA ASP B 329 4.32 -46.93 -20.77
C ASP B 329 4.69 -46.50 -19.35
N MET B 330 3.82 -45.68 -18.74
CA MET B 330 4.09 -45.15 -17.41
C MET B 330 4.20 -46.27 -16.38
N ARG B 331 3.35 -47.28 -16.52
CA ARG B 331 3.36 -48.41 -15.60
C ARG B 331 4.64 -49.22 -15.71
N ARG B 332 5.21 -49.24 -16.91
CA ARG B 332 6.49 -49.89 -17.14
C ARG B 332 7.64 -49.06 -16.57
N VAL B 333 7.48 -47.74 -16.61
CA VAL B 333 8.43 -46.83 -15.97
C VAL B 333 8.39 -46.96 -14.46
N VAL B 334 7.18 -47.12 -13.92
CA VAL B 334 7.01 -47.43 -12.50
C VAL B 334 7.71 -48.73 -12.14
N GLU B 335 7.50 -49.76 -12.96
CA GLU B 335 8.21 -51.02 -12.80
C GLU B 335 9.71 -50.81 -12.79
N GLN B 336 10.22 -50.06 -13.77
CA GLN B 336 11.64 -49.75 -13.84
C GLN B 336 12.12 -49.07 -12.57
N ALA B 337 11.38 -48.06 -12.12
CA ALA B 337 11.73 -47.32 -10.92
C ALA B 337 11.83 -48.25 -9.72
N LEU B 338 10.88 -49.17 -9.60
CA LEU B 338 10.88 -50.15 -8.53
C LEU B 338 12.08 -51.08 -8.62
N ARG B 339 12.43 -51.46 -9.85
CA ARG B 339 13.58 -52.31 -10.09
C ARG B 339 14.88 -51.58 -9.78
N GLU B 340 14.84 -50.26 -9.90
CA GLU B 340 16.01 -49.43 -9.59
C GLU B 340 16.11 -49.15 -8.10
N GLY B 341 15.09 -49.57 -7.35
CA GLY B 341 15.06 -49.35 -5.91
C GLY B 341 14.55 -47.96 -5.57
N ASN B 342 13.89 -47.32 -6.53
CA ASN B 342 13.35 -45.98 -6.34
C ASN B 342 11.84 -46.02 -6.18
N SER B 343 11.37 -46.51 -5.03
CA SER B 343 9.94 -46.65 -4.78
C SER B 343 9.28 -45.28 -4.64
N GLU B 344 10.07 -44.28 -4.30
CA GLU B 344 9.57 -42.91 -4.18
C GLU B 344 9.06 -42.40 -5.52
N LEU B 345 9.90 -42.48 -6.54
CA LEU B 345 9.51 -42.08 -7.89
C LEU B 345 8.33 -42.91 -8.39
N ALA B 346 8.41 -44.22 -8.19
CA ALA B 346 7.32 -45.12 -8.57
C ALA B 346 5.99 -44.64 -8.01
N ALA B 347 5.99 -44.26 -6.74
CA ALA B 347 4.79 -43.74 -6.10
C ALA B 347 4.34 -42.44 -6.75
N ARG B 348 5.28 -41.51 -6.93
CA ARG B 348 4.96 -40.19 -7.47
C ARG B 348 4.31 -40.30 -8.84
N ILE B 349 4.80 -41.22 -9.67
CA ILE B 349 4.27 -41.42 -11.00
C ILE B 349 2.80 -41.84 -10.95
N LEU B 350 2.51 -42.83 -10.13
CA LEU B 350 1.15 -43.37 -10.02
C LEU B 350 0.20 -42.37 -9.37
N ILE B 351 0.71 -41.64 -8.39
CA ILE B 351 -0.08 -40.62 -7.71
C ILE B 351 -0.50 -39.52 -8.68
N ILE B 352 0.44 -39.03 -9.48
CA ILE B 352 0.16 -38.02 -10.48
C ILE B 352 -0.81 -38.54 -11.54
N LEU B 353 -0.53 -39.75 -12.03
CA LEU B 353 -1.38 -40.37 -13.04
C LEU B 353 -2.81 -40.51 -12.54
N PHE B 354 -2.96 -41.01 -11.32
CA PHE B 354 -4.28 -41.19 -10.73
C PHE B 354 -5.04 -39.87 -10.65
N GLN B 355 -4.35 -38.82 -10.22
CA GLN B 355 -4.93 -37.49 -10.15
C GLN B 355 -5.41 -37.03 -11.52
N GLN B 356 -4.60 -37.28 -12.54
CA GLN B 356 -4.93 -36.90 -13.91
C GLN B 356 -6.11 -37.70 -14.44
N LEU B 357 -6.18 -38.97 -14.05
CA LEU B 357 -7.29 -39.84 -14.43
C LEU B 357 -8.59 -39.37 -13.81
N VAL B 358 -8.52 -38.94 -12.55
CA VAL B 358 -9.69 -38.41 -11.86
C VAL B 358 -10.16 -37.11 -12.50
N GLU B 359 -9.21 -36.28 -12.92
CA GLU B 359 -9.53 -35.06 -13.64
C GLU B 359 -10.21 -35.37 -14.97
N LEU B 360 -9.71 -36.37 -15.68
CA LEU B 360 -10.34 -36.85 -16.89
C LEU B 360 -11.71 -37.45 -16.61
N ALA B 361 -11.81 -38.19 -15.52
CA ALA B 361 -13.09 -38.74 -15.09
C ALA B 361 -14.13 -37.64 -14.86
N ARG B 362 -13.70 -36.55 -14.23
CA ARG B 362 -14.57 -35.41 -14.00
C ARG B 362 -15.16 -34.89 -15.29
N LEU B 363 -14.33 -34.79 -16.32
CA LEU B 363 -14.78 -34.35 -17.64
C LEU B 363 -15.84 -35.31 -18.20
N ALA B 364 -15.60 -36.60 -18.03
CA ALA B 364 -16.55 -37.61 -18.48
C ALA B 364 -17.84 -37.55 -17.69
N ILE B 365 -17.72 -37.33 -16.37
CA ILE B 365 -18.89 -37.27 -15.51
C ILE B 365 -19.77 -36.07 -15.82
N GLU B 366 -19.14 -34.91 -15.97
CA GLU B 366 -19.86 -33.67 -16.21
C GLU B 366 -20.51 -33.67 -17.60
N SER B 367 -19.80 -34.25 -18.56
CA SER B 367 -20.31 -34.35 -19.93
C SER B 367 -21.31 -35.49 -20.07
N GLY B 368 -21.20 -36.47 -19.18
CA GLY B 368 -22.13 -37.60 -19.18
C GLY B 368 -21.66 -38.69 -20.13
N ASP B 369 -20.37 -38.73 -20.39
CA ASP B 369 -19.79 -39.74 -21.27
C ASP B 369 -19.45 -41.01 -20.51
N GLU B 370 -20.38 -41.95 -20.49
CA GLU B 370 -20.24 -43.16 -19.67
C GLU B 370 -19.16 -44.07 -20.23
N GLU B 371 -18.96 -44.02 -21.54
CA GLU B 371 -17.98 -44.88 -22.20
C GLU B 371 -16.56 -44.48 -21.81
N LEU B 372 -16.29 -43.18 -21.85
CA LEU B 372 -15.00 -42.66 -21.40
C LEU B 372 -14.80 -42.90 -19.90
N LEU B 373 -15.83 -42.57 -19.12
CA LEU B 373 -15.78 -42.77 -17.68
C LEU B 373 -15.47 -44.23 -17.33
N ARG B 374 -16.11 -45.15 -18.04
CA ARG B 374 -15.83 -46.57 -17.89
C ARG B 374 -14.35 -46.86 -18.09
N ARG B 375 -13.80 -46.40 -19.21
CA ARG B 375 -12.40 -46.64 -19.53
C ARG B 375 -11.48 -46.07 -18.46
N VAL B 376 -11.80 -44.87 -17.99
CA VAL B 376 -10.98 -44.20 -16.98
C VAL B 376 -11.06 -44.92 -15.63
N SER B 377 -12.27 -45.34 -15.27
CA SER B 377 -12.49 -46.04 -14.01
C SER B 377 -11.74 -47.36 -13.97
N GLU B 378 -11.59 -47.99 -15.13
CA GLU B 378 -10.78 -49.19 -15.26
C GLU B 378 -9.29 -48.85 -15.14
N TRP B 379 -8.89 -47.74 -15.73
CA TRP B 379 -7.53 -47.26 -15.60
C TRP B 379 -7.21 -46.89 -14.16
N LEU B 380 -8.17 -46.29 -13.47
CA LEU B 380 -8.01 -45.94 -12.07
C LEU B 380 -7.77 -47.17 -11.21
N GLU B 381 -8.56 -48.21 -11.46
CA GLU B 381 -8.42 -49.48 -10.74
C GLU B 381 -7.01 -50.05 -10.90
N GLU B 382 -6.51 -50.04 -12.14
CA GLU B 382 -5.20 -50.60 -12.44
C GLU B 382 -4.10 -49.84 -11.70
N VAL B 383 -4.23 -48.52 -11.66
CA VAL B 383 -3.26 -47.68 -10.95
C VAL B 383 -3.27 -47.96 -9.46
N ILE B 384 -4.47 -48.11 -8.90
CA ILE B 384 -4.61 -48.42 -7.47
C ILE B 384 -3.87 -49.69 -7.11
N LYS B 385 -4.07 -50.73 -7.91
CA LYS B 385 -3.40 -52.00 -7.68
C LYS B 385 -1.89 -51.85 -7.68
N ASP B 386 -1.39 -51.08 -8.64
CA ASP B 386 0.04 -50.77 -8.71
C ASP B 386 0.51 -50.04 -7.46
N MET B 387 -0.27 -49.04 -7.04
CA MET B 387 0.10 -48.21 -5.90
C MET B 387 0.19 -49.05 -4.62
N ARG B 388 -0.73 -50.00 -4.47
CA ARG B 388 -0.76 -50.87 -3.31
C ARG B 388 0.46 -51.77 -3.27
N ARG B 389 0.97 -52.14 -4.44
CA ARG B 389 2.19 -52.92 -4.54
C ARG B 389 3.41 -52.07 -4.24
N VAL B 390 3.34 -50.79 -4.59
CA VAL B 390 4.39 -49.84 -4.22
C VAL B 390 4.41 -49.58 -2.73
N VAL B 391 3.23 -49.51 -2.13
CA VAL B 391 3.10 -49.45 -0.68
C VAL B 391 3.74 -50.68 -0.03
N GLU B 392 3.41 -51.86 -0.56
CA GLU B 392 4.04 -53.10 -0.11
C GLU B 392 5.56 -53.01 -0.21
N GLN B 393 6.05 -52.56 -1.35
CA GLN B 393 7.49 -52.38 -1.55
C GLN B 393 8.08 -51.46 -0.50
N ALA B 394 7.44 -50.32 -0.29
CA ALA B 394 7.90 -49.34 0.68
C ALA B 394 8.00 -49.95 2.08
N LEU B 395 6.99 -50.73 2.44
CA LEU B 395 6.98 -51.43 3.73
C LEU B 395 8.11 -52.45 3.82
N ARG B 396 8.36 -53.14 2.72
CA ARG B 396 9.45 -54.11 2.66
C ARG B 396 10.80 -53.43 2.73
N GLU B 397 10.86 -52.17 2.30
CA GLU B 397 12.08 -51.39 2.35
C GLU B 397 12.27 -50.76 3.72
N GLY B 398 11.27 -50.91 4.58
CA GLY B 398 11.33 -50.35 5.92
C GLY B 398 10.93 -48.88 5.93
N ASN B 399 10.27 -48.45 4.87
CA ASN B 399 9.84 -47.06 4.74
C ASN B 399 8.33 -46.93 4.94
N SER B 400 7.90 -47.10 6.20
CA SER B 400 6.48 -47.05 6.52
C SER B 400 5.91 -45.65 6.34
N GLU B 401 6.79 -44.65 6.40
CA GLU B 401 6.39 -43.27 6.20
C GLU B 401 5.85 -43.05 4.79
N LEU B 402 6.63 -43.44 3.80
CA LEU B 402 6.20 -43.36 2.41
C LEU B 402 4.94 -44.18 2.15
N ALA B 403 4.94 -45.41 2.68
CA ALA B 403 3.78 -46.29 2.56
C ALA B 403 2.51 -45.59 3.03
N CYS B 404 2.60 -44.91 4.17
CA CYS B 404 1.47 -44.15 4.70
C CYS B 404 1.08 -43.02 3.76
N ARG B 405 2.07 -42.25 3.32
CA ARG B 405 1.82 -41.08 2.48
C ARG B 405 1.08 -41.45 1.21
N ILE B 406 1.47 -42.58 0.62
CA ILE B 406 0.86 -43.06 -0.61
C ILE B 406 -0.63 -43.33 -0.41
N LEU B 407 -0.94 -44.08 0.65
CA LEU B 407 -2.33 -44.47 0.91
C LEU B 407 -3.17 -43.28 1.33
N ILE B 408 -2.57 -42.36 2.09
CA ILE B 408 -3.25 -41.14 2.52
C ILE B 408 -3.65 -40.30 1.32
N ILE B 409 -2.72 -40.09 0.41
CA ILE B 409 -2.98 -39.33 -0.81
C ILE B 409 -4.02 -40.01 -1.67
N LEU B 410 -3.85 -41.32 -1.86
CA LEU B 410 -4.80 -42.11 -2.66
C LEU B 410 -6.21 -42.00 -2.09
N PHE B 411 -6.33 -42.17 -0.78
CA PHE B 411 -7.62 -42.10 -0.12
C PHE B 411 -8.29 -40.74 -0.35
N GLN B 412 -7.50 -39.68 -0.21
CA GLN B 412 -8.00 -38.33 -0.46
C GLN B 412 -8.51 -38.19 -1.89
N GLN B 413 -7.77 -38.75 -2.84
CA GLN B 413 -8.14 -38.68 -4.24
C GLN B 413 -9.40 -39.48 -4.51
N LEU B 414 -9.53 -40.61 -3.82
CA LEU B 414 -10.72 -41.46 -3.95
C LEU B 414 -11.95 -40.75 -3.41
N VAL B 415 -11.79 -40.03 -2.30
CA VAL B 415 -12.88 -39.27 -1.72
C VAL B 415 -13.30 -38.12 -2.65
N GLU B 416 -12.32 -37.50 -3.29
CA GLU B 416 -12.59 -36.47 -4.28
C GLU B 416 -13.36 -37.04 -5.47
N LEU B 417 -12.96 -38.22 -5.92
CA LEU B 417 -13.68 -38.93 -6.97
C LEU B 417 -15.07 -39.32 -6.51
N ALA B 418 -15.17 -39.77 -5.26
CA ALA B 418 -16.47 -40.10 -4.66
C ALA B 418 -17.40 -38.90 -4.68
N ARG B 419 -16.87 -37.73 -4.35
CA ARG B 419 -17.64 -36.49 -4.38
C ARG B 419 -18.27 -36.27 -5.74
N LEU B 420 -17.49 -36.48 -6.79
CA LEU B 420 -17.98 -36.34 -8.15
C LEU B 420 -19.12 -37.32 -8.42
N ALA B 421 -18.96 -38.55 -7.96
CA ALA B 421 -20.00 -39.57 -8.11
C ALA B 421 -21.24 -39.19 -7.32
N ILE B 422 -21.04 -38.68 -6.10
CA ILE B 422 -22.16 -38.33 -5.23
C ILE B 422 -22.97 -37.17 -5.81
N GLU B 423 -22.26 -36.13 -6.25
CA GLU B 423 -22.92 -34.94 -6.78
C GLU B 423 -23.62 -35.23 -8.09
N SER B 424 -23.01 -36.08 -8.91
CA SER B 424 -23.59 -36.46 -10.19
C SER B 424 -24.68 -37.52 -10.03
N GLY B 425 -24.60 -38.25 -8.93
CA GLY B 425 -25.60 -39.27 -8.61
C GLY B 425 -25.26 -40.60 -9.29
N ASP B 426 -23.98 -40.81 -9.56
CA ASP B 426 -23.52 -42.05 -10.19
C ASP B 426 -23.22 -43.11 -9.14
N GLU B 427 -24.22 -43.94 -8.86
CA GLU B 427 -24.12 -44.93 -7.78
C GLU B 427 -23.13 -46.03 -8.13
N GLU B 428 -23.00 -46.31 -9.42
CA GLU B 428 -22.11 -47.38 -9.88
C GLU B 428 -20.65 -47.02 -9.65
N LEU B 429 -20.29 -45.79 -10.01
CA LEU B 429 -18.95 -45.27 -9.75
C LEU B 429 -18.70 -45.15 -8.24
N LEU B 430 -19.66 -44.57 -7.53
CA LEU B 430 -19.54 -44.42 -6.08
C LEU B 430 -19.33 -45.76 -5.41
N ARG B 431 -20.06 -46.78 -5.85
CA ARG B 431 -19.87 -48.14 -5.36
C ARG B 431 -18.42 -48.58 -5.53
N ARG B 432 -17.90 -48.45 -6.74
CA ARG B 432 -16.54 -48.87 -7.05
C ARG B 432 -15.53 -48.13 -6.17
N VAL B 433 -15.74 -46.83 -6.00
CA VAL B 433 -14.83 -46.01 -5.22
C VAL B 433 -14.89 -46.37 -3.73
N SER B 434 -16.11 -46.59 -3.24
CA SER B 434 -16.31 -46.94 -1.84
C SER B 434 -15.64 -48.27 -1.50
N GLU B 435 -15.60 -49.17 -2.48
CA GLU B 435 -14.88 -50.42 -2.34
C GLU B 435 -13.37 -50.19 -2.35
N TRP B 436 -12.92 -49.29 -3.21
CA TRP B 436 -11.53 -48.90 -3.25
C TRP B 436 -11.10 -48.22 -1.94
N LEU B 437 -11.99 -47.39 -1.40
CA LEU B 437 -11.74 -46.73 -0.13
C LEU B 437 -11.54 -47.73 1.00
N GLU B 438 -12.40 -48.74 1.03
CA GLU B 438 -12.31 -49.79 2.04
C GLU B 438 -10.96 -50.49 1.98
N GLU B 439 -10.53 -50.83 0.76
CA GLU B 439 -9.27 -51.54 0.56
C GLU B 439 -8.09 -50.72 1.05
N VAL B 440 -8.12 -49.42 0.79
CA VAL B 440 -7.07 -48.51 1.22
C VAL B 440 -7.02 -48.41 2.74
N ILE B 441 -8.20 -48.32 3.36
CA ILE B 441 -8.29 -48.27 4.81
C ILE B 441 -7.62 -49.47 5.46
N LYS B 442 -7.92 -50.66 4.95
CA LYS B 442 -7.34 -51.89 5.45
C LYS B 442 -5.82 -51.86 5.37
N ASP B 443 -5.31 -51.38 4.24
CA ASP B 443 -3.87 -51.21 4.05
C ASP B 443 -3.30 -50.24 5.06
N MET B 444 -3.98 -49.11 5.25
CA MET B 444 -3.50 -48.06 6.15
C MET B 444 -3.41 -48.57 7.58
N ARG B 445 -4.38 -49.38 7.99
CA ARG B 445 -4.40 -49.94 9.33
C ARG B 445 -3.25 -50.89 9.56
N ARG B 446 -2.83 -51.58 8.49
CA ARG B 446 -1.67 -52.45 8.55
C ARG B 446 -0.37 -51.65 8.60
N VAL B 447 -0.37 -50.49 7.94
CA VAL B 447 0.74 -49.56 8.02
C VAL B 447 0.86 -48.96 9.41
N VAL B 448 -0.28 -48.64 10.02
CA VAL B 448 -0.33 -48.23 11.41
C VAL B 448 0.25 -49.31 12.33
N GLU B 449 -0.18 -50.55 12.10
CA GLU B 449 0.39 -51.69 12.82
C GLU B 449 1.90 -51.74 12.66
N GLN B 450 2.37 -51.64 11.42
CA GLN B 450 3.80 -51.62 11.14
C GLN B 450 4.51 -50.52 11.92
N ALA B 451 3.96 -49.31 11.85
CA ALA B 451 4.54 -48.16 12.54
C ALA B 451 4.65 -48.43 14.04
N LEU B 452 3.61 -49.03 14.62
CA LEU B 452 3.63 -49.37 16.04
C LEU B 452 4.68 -50.42 16.34
N ARG B 453 4.84 -51.38 15.43
CA ARG B 453 5.85 -52.42 15.58
C ARG B 453 7.25 -51.85 15.44
N GLU B 454 7.37 -50.75 14.71
CA GLU B 454 8.64 -50.07 14.52
C GLU B 454 8.95 -49.15 15.69
N GLY B 455 7.99 -49.00 16.59
CA GLY B 455 8.14 -48.14 17.76
C GLY B 455 7.85 -46.68 17.41
N ASN B 456 7.17 -46.47 16.29
CA ASN B 456 6.82 -45.13 15.85
C ASN B 456 5.35 -44.84 16.07
N SER C 1 5.23 -44.34 16.91
CA SER C 1 3.84 -44.12 17.28
C SER C 1 3.35 -42.76 16.79
N GLU C 2 4.28 -41.85 16.57
CA GLU C 2 3.95 -40.52 16.05
C GLU C 2 3.33 -40.61 14.66
N LEU C 3 4.03 -41.29 13.77
CA LEU C 3 3.52 -41.51 12.41
C LEU C 3 2.21 -42.28 12.44
N ALA C 4 2.16 -43.34 13.24
CA ALA C 4 0.95 -44.13 13.39
C ALA C 4 -0.24 -43.25 13.72
N ALA C 5 -0.05 -42.33 14.66
CA ALA C 5 -1.09 -41.40 15.05
C ALA C 5 -1.48 -40.49 13.88
N ARG C 6 -0.48 -39.93 13.22
CA ARG C 6 -0.72 -38.97 12.14
C ARG C 6 -1.55 -39.60 11.02
N CYS C 7 -1.26 -40.85 10.72
CA CYS C 7 -1.97 -41.57 9.66
C CYS C 7 -3.45 -41.68 9.99
N LEU C 8 -3.75 -42.12 11.21
CA LEU C 8 -5.13 -42.34 11.64
C LEU C 8 -5.88 -41.02 11.78
N ILE C 9 -5.18 -40.00 12.27
CA ILE C 9 -5.76 -38.67 12.42
C ILE C 9 -6.19 -38.10 11.08
N ILE C 10 -5.29 -38.19 10.10
CA ILE C 10 -5.60 -37.72 8.75
C ILE C 10 -6.73 -38.53 8.12
N LEU C 11 -6.65 -39.85 8.25
CA LEU C 11 -7.68 -40.74 7.71
C LEU C 11 -9.04 -40.41 8.30
N PHE C 12 -9.09 -40.25 9.62
CA PHE C 12 -10.34 -39.93 10.31
C PHE C 12 -10.94 -38.62 9.78
N GLN C 13 -10.09 -37.62 9.63
CA GLN C 13 -10.51 -36.34 9.07
C GLN C 13 -11.11 -36.50 7.68
N GLN C 14 -10.46 -37.32 6.86
CA GLN C 14 -10.92 -37.56 5.50
C GLN C 14 -12.24 -38.33 5.49
N LEU C 15 -12.38 -39.25 6.44
CA LEU C 15 -13.62 -40.00 6.57
C LEU C 15 -14.78 -39.10 6.97
N VAL C 16 -14.51 -38.16 7.87
CA VAL C 16 -15.52 -37.20 8.30
C VAL C 16 -15.93 -36.29 7.15
N GLU C 17 -14.96 -35.90 6.32
CA GLU C 17 -15.23 -35.12 5.12
C GLU C 17 -16.10 -35.91 4.15
N LEU C 18 -15.79 -37.19 3.99
CA LEU C 18 -16.61 -38.07 3.17
C LEU C 18 -18.00 -38.25 3.78
N ALA C 19 -18.05 -38.37 5.10
CA ALA C 19 -19.31 -38.45 5.81
C ALA C 19 -20.18 -37.24 5.55
N ARG C 20 -19.57 -36.06 5.56
CA ARG C 20 -20.27 -34.82 5.27
C ARG C 20 -20.97 -34.88 3.92
N LEU C 21 -20.26 -35.39 2.92
CA LEU C 21 -20.82 -35.56 1.58
C LEU C 21 -22.03 -36.48 1.61
N ALA C 22 -21.92 -37.58 2.36
CA ALA C 22 -23.02 -38.52 2.50
C ALA C 22 -24.19 -37.89 3.24
N ILE C 23 -23.89 -37.12 4.29
CA ILE C 23 -24.92 -36.49 5.09
C ILE C 23 -25.70 -35.45 4.28
N GLU C 24 -24.97 -34.59 3.58
CA GLU C 24 -25.59 -33.52 2.81
C GLU C 24 -26.39 -34.07 1.63
N SER C 25 -25.88 -35.13 1.03
CA SER C 25 -26.56 -35.76 -0.10
C SER C 25 -27.69 -36.67 0.37
N GLY C 26 -27.58 -37.14 1.62
CA GLY C 26 -28.61 -37.97 2.21
C GLY C 26 -28.39 -39.44 1.87
N ASP C 27 -27.14 -39.80 1.58
CA ASP C 27 -26.80 -41.17 1.26
C ASP C 27 -26.50 -41.98 2.52
N GLU C 28 -27.51 -42.66 3.04
CA GLU C 28 -27.41 -43.35 4.31
C GLU C 28 -26.50 -44.57 4.21
N GLU C 29 -26.47 -45.17 3.02
CA GLU C 29 -25.68 -46.36 2.79
C GLU C 29 -24.19 -46.06 2.86
N LEU C 30 -23.77 -44.98 2.19
CA LEU C 30 -22.40 -44.51 2.27
C LEU C 30 -22.05 -44.05 3.67
N LEU C 31 -22.93 -43.26 4.26
CA LEU C 31 -22.72 -42.77 5.62
C LEU C 31 -22.53 -43.92 6.59
N ARG C 32 -23.35 -44.96 6.45
CA ARG C 32 -23.20 -46.17 7.24
C ARG C 32 -21.79 -46.74 7.13
N ARG C 33 -21.35 -46.94 5.89
CA ARG C 33 -20.03 -47.51 5.63
C ARG C 33 -18.93 -46.66 6.26
N VAL C 34 -19.06 -45.35 6.11
CA VAL C 34 -18.05 -44.42 6.64
C VAL C 34 -18.05 -44.42 8.16
N SER C 35 -19.23 -44.43 8.76
CA SER C 35 -19.37 -44.43 10.20
C SER C 35 -18.77 -45.67 10.83
N GLU C 36 -18.84 -46.78 10.09
CA GLU C 36 -18.18 -48.01 10.50
C GLU C 36 -16.66 -47.90 10.37
N TRP C 37 -16.21 -47.25 9.29
CA TRP C 37 -14.80 -46.98 9.10
C TRP C 37 -14.26 -46.04 10.17
N LEU C 38 -15.07 -45.05 10.54
CA LEU C 38 -14.70 -44.12 11.59
C LEU C 38 -14.50 -44.84 12.93
N GLU C 39 -15.41 -45.75 13.24
CA GLU C 39 -15.32 -46.54 14.47
C GLU C 39 -14.01 -47.33 14.51
N GLU C 40 -13.68 -47.96 13.40
CA GLU C 40 -12.47 -48.79 13.33
C GLU C 40 -11.22 -47.96 13.55
N VAL C 41 -11.20 -46.76 12.97
CA VAL C 41 -10.07 -45.86 13.14
C VAL C 41 -9.92 -45.40 14.58
N ILE C 42 -11.05 -45.09 15.21
CA ILE C 42 -11.05 -44.67 16.61
C ILE C 42 -10.41 -45.73 17.50
N LYS C 43 -10.81 -46.98 17.30
CA LYS C 43 -10.27 -48.10 18.07
C LYS C 43 -8.76 -48.20 17.90
N ASP C 44 -8.29 -48.04 16.67
CA ASP C 44 -6.86 -48.01 16.38
C ASP C 44 -6.17 -46.87 17.10
N MET C 45 -6.77 -45.68 17.03
CA MET C 45 -6.18 -44.49 17.63
C MET C 45 -6.03 -44.64 19.14
N ARG C 46 -7.02 -45.27 19.77
CA ARG C 46 -7.00 -45.47 21.21
C ARG C 46 -5.88 -46.43 21.61
N ARG C 47 -5.57 -47.37 20.72
CA ARG C 47 -4.46 -48.28 20.94
C ARG C 47 -3.12 -47.60 20.72
N VAL C 48 -3.10 -46.63 19.81
CA VAL C 48 -1.92 -45.79 19.61
C VAL C 48 -1.69 -44.88 20.81
N VAL C 49 -2.77 -44.36 21.37
CA VAL C 49 -2.70 -43.62 22.63
C VAL C 49 -2.14 -44.49 23.74
N GLU C 50 -2.65 -45.70 23.85
CA GLU C 50 -2.10 -46.68 24.79
C GLU C 50 -0.61 -46.87 24.58
N GLN C 51 -0.21 -47.10 23.33
CA GLN C 51 1.19 -47.25 22.99
C GLN C 51 2.00 -46.04 23.44
N ALA C 52 1.52 -44.85 23.11
CA ALA C 52 2.21 -43.62 23.48
C ALA C 52 2.41 -43.52 24.99
N LEU C 53 1.38 -43.90 25.74
CA LEU C 53 1.45 -43.89 27.19
C LEU C 53 2.47 -44.91 27.70
N ARG C 54 2.51 -46.06 27.05
CA ARG C 54 3.47 -47.10 27.40
C ARG C 54 4.89 -46.68 27.06
N GLU C 55 5.01 -45.80 26.07
CA GLU C 55 6.32 -45.28 25.68
C GLU C 55 6.75 -44.13 26.57
N GLY C 56 5.85 -43.69 27.45
CA GLY C 56 6.13 -42.60 28.36
C GLY C 56 5.90 -41.25 27.69
N ASN C 57 5.16 -41.27 26.58
CA ASN C 57 4.87 -40.05 25.85
C ASN C 57 3.42 -39.62 26.05
N SER C 58 3.13 -39.11 27.24
CA SER C 58 1.77 -38.70 27.59
C SER C 58 1.34 -37.47 26.80
N GLU C 59 2.33 -36.71 26.33
CA GLU C 59 2.05 -35.54 25.51
C GLU C 59 1.37 -35.91 24.21
N LEU C 60 1.97 -36.84 23.47
CA LEU C 60 1.39 -37.35 22.23
C LEU C 60 0.03 -37.99 22.49
N ALA C 61 -0.05 -38.81 23.53
CA ALA C 61 -1.30 -39.45 23.91
C ALA C 61 -2.41 -38.42 24.06
N ALA C 62 -2.11 -37.33 24.73
CA ALA C 62 -3.08 -36.25 24.90
C ALA C 62 -3.46 -35.63 23.56
N ARG C 63 -2.46 -35.32 22.75
CA ARG C 63 -2.69 -34.64 21.48
C ARG C 63 -3.60 -35.45 20.58
N ILE C 64 -3.41 -36.77 20.58
CA ILE C 64 -4.23 -37.66 19.76
C ILE C 64 -5.70 -37.58 20.16
N LEU C 65 -5.96 -37.68 21.45
CA LEU C 65 -7.33 -37.69 21.96
C LEU C 65 -7.98 -36.32 21.80
N ILE C 66 -7.19 -35.28 22.00
CA ILE C 66 -7.68 -33.91 21.84
C ILE C 66 -8.13 -33.65 20.40
N ILE C 67 -7.30 -34.04 19.44
CA ILE C 67 -7.64 -33.90 18.04
C ILE C 67 -8.84 -34.75 17.67
N LEU C 68 -8.83 -36.00 18.11
CA LEU C 68 -9.94 -36.91 17.84
C LEU C 68 -11.26 -36.35 18.38
N PHE C 69 -11.24 -35.87 19.61
CA PHE C 69 -12.42 -35.29 20.23
C PHE C 69 -12.96 -34.11 19.42
N GLN C 70 -12.06 -33.24 19.00
CA GLN C 70 -12.42 -32.11 18.16
C GLN C 70 -13.10 -32.56 16.87
N GLN C 71 -12.54 -33.60 16.26
CA GLN C 71 -13.08 -34.14 15.01
C GLN C 71 -14.44 -34.78 15.24
N LEU C 72 -14.61 -35.42 16.39
CA LEU C 72 -15.89 -36.04 16.74
C LEU C 72 -16.96 -34.98 16.95
N VAL C 73 -16.59 -33.86 17.57
CA VAL C 73 -17.51 -32.75 17.78
C VAL C 73 -17.91 -32.12 16.45
N GLU C 74 -16.95 -32.02 15.53
CA GLU C 74 -17.23 -31.55 14.18
C GLU C 74 -18.20 -32.48 13.46
N LEU C 75 -17.98 -33.77 13.61
CA LEU C 75 -18.90 -34.77 13.06
C LEU C 75 -20.27 -34.69 13.74
N ALA C 76 -20.26 -34.48 15.05
CA ALA C 76 -21.50 -34.29 15.80
C ALA C 76 -22.29 -33.11 15.27
N ARG C 77 -21.60 -32.02 14.98
CA ARG C 77 -22.23 -30.83 14.41
C ARG C 77 -23.00 -31.18 13.14
N LEU C 78 -22.38 -31.96 12.27
CA LEU C 78 -23.01 -32.40 11.04
C LEU C 78 -24.28 -33.20 11.33
N ALA C 79 -24.20 -34.09 12.32
CA ALA C 79 -25.35 -34.89 12.73
C ALA C 79 -26.45 -34.00 13.32
N ILE C 80 -26.05 -33.03 14.12
CA ILE C 80 -26.99 -32.14 14.78
C ILE C 80 -27.73 -31.28 13.78
N GLU C 81 -26.98 -30.68 12.86
CA GLU C 81 -27.56 -29.78 11.86
C GLU C 81 -28.46 -30.54 10.89
N SER C 82 -28.05 -31.75 10.54
CA SER C 82 -28.82 -32.59 9.63
C SER C 82 -29.98 -33.26 10.35
N GLY C 83 -29.85 -33.41 11.66
CA GLY C 83 -30.90 -34.01 12.47
C GLY C 83 -30.79 -35.53 12.50
N ASP C 84 -29.59 -36.03 12.28
CA ASP C 84 -29.34 -37.47 12.29
C ASP C 84 -29.04 -37.96 13.70
N GLU C 85 -30.08 -38.41 14.40
CA GLU C 85 -29.95 -38.77 15.81
C GLU C 85 -29.14 -40.05 15.98
N GLU C 86 -29.20 -40.92 14.97
CA GLU C 86 -28.49 -42.20 15.02
C GLU C 86 -26.98 -42.00 14.97
N LEU C 87 -26.55 -41.15 14.05
CA LEU C 87 -25.13 -40.79 13.95
C LEU C 87 -24.68 -40.03 15.19
N LEU C 88 -25.48 -39.04 15.60
CA LEU C 88 -25.17 -38.26 16.79
C LEU C 88 -25.01 -39.14 18.02
N ARG C 89 -25.90 -40.12 18.15
CA ARG C 89 -25.80 -41.11 19.22
C ARG C 89 -24.44 -41.79 19.20
N ARG C 90 -24.07 -42.34 18.04
CA ARG C 90 -22.80 -43.05 17.89
C ARG C 90 -21.63 -42.15 18.25
N VAL C 91 -21.67 -40.90 17.79
CA VAL C 91 -20.58 -39.96 18.04
C VAL C 91 -20.50 -39.58 19.51
N SER C 92 -21.66 -39.35 20.12
CA SER C 92 -21.72 -38.99 21.53
C SER C 92 -21.17 -40.09 22.43
N GLU C 93 -21.36 -41.33 21.99
CA GLU C 93 -20.75 -42.47 22.67
C GLU C 93 -19.24 -42.50 22.47
N TRP C 94 -18.81 -42.19 21.25
CA TRP C 94 -17.38 -42.07 20.95
C TRP C 94 -16.75 -40.95 21.75
N LEU C 95 -17.45 -39.84 21.88
CA LEU C 95 -16.98 -38.70 22.65
C LEU C 95 -16.76 -39.10 24.12
N GLU C 96 -17.72 -39.82 24.68
CA GLU C 96 -17.61 -40.28 26.06
C GLU C 96 -16.36 -41.14 26.26
N GLU C 97 -16.12 -42.05 25.33
CA GLU C 97 -14.98 -42.96 25.43
C GLU C 97 -13.67 -42.20 25.39
N VAL C 98 -13.60 -41.18 24.54
CA VAL C 98 -12.40 -40.35 24.43
C VAL C 98 -12.16 -39.57 25.71
N ILE C 99 -13.23 -39.03 26.29
CA ILE C 99 -13.13 -38.29 27.54
C ILE C 99 -12.52 -39.14 28.64
N LYS C 100 -13.01 -40.37 28.77
CA LYS C 100 -12.51 -41.30 29.77
C LYS C 100 -11.01 -41.54 29.59
N ASP C 101 -10.60 -41.73 28.34
CA ASP C 101 -9.19 -41.88 28.01
C ASP C 101 -8.39 -40.65 28.41
N MET C 102 -8.92 -39.48 28.06
CA MET C 102 -8.23 -38.22 28.33
C MET C 102 -8.01 -38.01 29.83
N ARG C 103 -9.00 -38.39 30.62
CA ARG C 103 -8.92 -38.25 32.07
C ARG C 103 -7.86 -39.15 32.65
N ARG C 104 -7.65 -40.30 32.02
CA ARG C 104 -6.59 -41.22 32.42
C ARG C 104 -5.23 -40.70 32.00
N VAL C 105 -5.18 -40.00 30.87
CA VAL C 105 -3.97 -39.32 30.43
C VAL C 105 -3.62 -38.16 31.36
N VAL C 106 -4.63 -37.43 31.81
CA VAL C 106 -4.46 -36.42 32.84
C VAL C 106 -3.90 -37.03 34.12
N GLU C 107 -4.48 -38.14 34.55
CA GLU C 107 -3.95 -38.90 35.68
C GLU C 107 -2.48 -39.25 35.48
N GLN C 108 -2.17 -39.80 34.31
CA GLN C 108 -0.80 -40.13 33.98
C GLN C 108 0.12 -38.93 34.10
N ALA C 109 -0.30 -37.82 33.49
CA ALA C 109 0.48 -36.58 33.52
C ALA C 109 0.76 -36.14 34.95
N LEU C 110 -0.26 -36.23 35.80
CA LEU C 110 -0.11 -35.88 37.21
C LEU C 110 0.86 -36.82 37.92
N ARG C 111 0.79 -38.10 37.57
CA ARG C 111 1.69 -39.09 38.14
C ARG C 111 3.12 -38.87 37.65
N GLU C 112 3.26 -38.27 36.48
CA GLU C 112 4.58 -37.96 35.93
C GLU C 112 5.13 -36.66 36.50
N GLY C 113 4.30 -35.96 37.27
CA GLY C 113 4.70 -34.70 37.87
C GLY C 113 4.52 -33.54 36.90
N ASN C 114 3.73 -33.77 35.85
CA ASN C 114 3.48 -32.75 34.84
C ASN C 114 2.08 -32.17 34.98
N SER C 115 1.87 -31.37 36.03
CA SER C 115 0.56 -30.79 36.30
C SER C 115 0.18 -29.77 35.25
N GLU C 116 1.19 -29.22 34.57
CA GLU C 116 0.95 -28.26 33.49
C GLU C 116 0.18 -28.89 32.35
N LEU C 117 0.69 -30.01 31.84
CA LEU C 117 0.01 -30.76 30.79
C LEU C 117 -1.37 -31.22 31.24
N ALA C 118 -1.44 -31.75 32.45
CA ALA C 118 -2.72 -32.19 33.02
C ALA C 118 -3.76 -31.08 32.94
N ALA C 119 -3.36 -29.87 33.31
CA ALA C 119 -4.24 -28.70 33.24
C ALA C 119 -4.65 -28.41 31.80
N ARG C 120 -3.66 -28.38 30.90
CA ARG C 120 -3.90 -28.03 29.52
C ARG C 120 -4.93 -28.96 28.88
N ILE C 121 -4.82 -30.25 29.19
CA ILE C 121 -5.72 -31.24 28.65
C ILE C 121 -7.17 -30.97 29.06
N LEU C 122 -7.37 -30.72 30.34
CA LEU C 122 -8.71 -30.51 30.88
C LEU C 122 -9.28 -29.18 30.41
N ILE C 123 -8.41 -28.16 30.32
CA ILE C 123 -8.82 -26.85 29.83
C ILE C 123 -9.32 -26.92 28.40
N ILE C 124 -8.56 -27.60 27.54
CA ILE C 124 -8.96 -27.78 26.15
C ILE C 124 -10.24 -28.60 26.04
N LEU C 125 -10.29 -29.70 26.78
CA LEU C 125 -11.47 -30.56 26.78
C LEU C 125 -12.71 -29.79 27.19
N PHE C 126 -12.60 -29.02 28.27
CA PHE C 126 -13.72 -28.23 28.77
C PHE C 126 -14.22 -27.24 27.71
N GLN C 127 -13.27 -26.58 27.05
CA GLN C 127 -13.61 -25.65 25.98
C GLN C 127 -14.37 -26.36 24.86
N GLN C 128 -13.92 -27.56 24.50
CA GLN C 128 -14.55 -28.34 23.45
C GLN C 128 -15.94 -28.80 23.87
N LEU C 129 -16.09 -29.13 25.14
CA LEU C 129 -17.38 -29.54 25.68
C LEU C 129 -18.38 -28.38 25.65
N VAL C 130 -17.90 -27.19 25.97
CA VAL C 130 -18.74 -25.99 25.92
C VAL C 130 -19.16 -25.68 24.49
N GLU C 131 -18.24 -25.88 23.55
CA GLU C 131 -18.56 -25.73 22.14
C GLU C 131 -19.62 -26.73 21.69
N LEU C 132 -19.49 -27.97 22.14
CA LEU C 132 -20.49 -28.99 21.90
C LEU C 132 -21.81 -28.65 22.58
N ALA C 133 -21.73 -28.12 23.80
CA ALA C 133 -22.91 -27.66 24.52
C ALA C 133 -23.65 -26.59 23.74
N ARG C 134 -22.89 -25.66 23.15
CA ARG C 134 -23.49 -24.60 22.33
C ARG C 134 -24.33 -25.19 21.21
N LEU C 135 -23.80 -26.21 20.55
CA LEU C 135 -24.54 -26.89 19.49
C LEU C 135 -25.83 -27.50 20.00
N ALA C 136 -25.77 -28.11 21.18
CA ALA C 136 -26.94 -28.70 21.80
C ALA C 136 -27.94 -27.62 22.20
N ILE C 137 -27.44 -26.51 22.73
CA ILE C 137 -28.29 -25.41 23.17
C ILE C 137 -29.03 -24.77 22.00
N GLU C 138 -28.29 -24.47 20.94
CA GLU C 138 -28.86 -23.81 19.78
C GLU C 138 -29.84 -24.71 19.04
N SER C 139 -29.52 -26.00 18.99
CA SER C 139 -30.40 -26.98 18.35
C SER C 139 -31.56 -27.37 19.25
N GLY C 140 -31.38 -27.21 20.55
CA GLY C 140 -32.43 -27.50 21.51
C GLY C 140 -32.42 -28.96 21.91
N ASP C 141 -31.26 -29.59 21.79
CA ASP C 141 -31.11 -31.00 22.15
C ASP C 141 -30.77 -31.16 23.62
N GLU C 142 -31.80 -31.34 24.44
CA GLU C 142 -31.63 -31.36 25.89
C GLU C 142 -30.90 -32.61 26.34
N GLU C 143 -31.06 -33.70 25.59
CA GLU C 143 -30.44 -34.97 25.93
C GLU C 143 -28.93 -34.89 25.78
N LEU C 144 -28.47 -34.34 24.66
CA LEU C 144 -27.04 -34.11 24.45
C LEU C 144 -26.49 -33.11 25.44
N LEU C 145 -27.19 -32.00 25.62
CA LEU C 145 -26.79 -30.97 26.57
C LEU C 145 -26.62 -31.55 27.97
N ARG C 146 -27.57 -32.39 28.37
CA ARG C 146 -27.48 -33.10 29.64
C ARG C 146 -26.17 -33.86 29.75
N ARG C 147 -25.89 -34.69 28.75
CA ARG C 147 -24.68 -35.51 28.75
C ARG C 147 -23.43 -34.65 28.84
N VAL C 148 -23.41 -33.56 28.08
CA VAL C 148 -22.26 -32.67 28.05
C VAL C 148 -22.08 -31.94 29.38
N SER C 149 -23.19 -31.49 29.96
CA SER C 149 -23.16 -30.78 31.23
C SER C 149 -22.64 -31.67 32.35
N GLU C 150 -22.93 -32.97 32.24
CA GLU C 150 -22.36 -33.94 33.17
C GLU C 150 -20.88 -34.15 32.92
N TRP C 151 -20.48 -34.16 31.66
CA TRP C 151 -19.07 -34.23 31.30
C TRP C 151 -18.32 -32.99 31.77
N LEU C 152 -18.95 -31.84 31.64
CA LEU C 152 -18.36 -30.59 32.11
C LEU C 152 -18.10 -30.63 33.61
N GLU C 153 -19.07 -31.12 34.36
CA GLU C 153 -18.93 -31.24 35.81
C GLU C 153 -17.74 -32.11 36.18
N GLU C 154 -17.60 -33.23 35.49
CA GLU C 154 -16.52 -34.18 35.78
C GLU C 154 -15.15 -33.55 35.51
N VAL C 155 -15.06 -32.78 34.43
CA VAL C 155 -13.83 -32.09 34.09
C VAL C 155 -13.46 -31.04 35.13
N ILE C 156 -14.47 -30.30 35.58
CA ILE C 156 -14.26 -29.28 36.60
C ILE C 156 -13.66 -29.89 37.87
N LYS C 157 -14.23 -31.00 38.32
CA LYS C 157 -13.73 -31.70 39.49
C LYS C 157 -12.27 -32.09 39.33
N ASP C 158 -11.93 -32.60 38.15
CA ASP C 158 -10.54 -32.95 37.84
C ASP C 158 -9.65 -31.71 37.89
N MET C 159 -10.12 -30.62 37.29
CA MET C 159 -9.33 -29.40 37.21
C MET C 159 -9.03 -28.85 38.60
N ARG C 160 -10.01 -28.93 39.49
CA ARG C 160 -9.85 -28.45 40.85
C ARG C 160 -8.82 -29.27 41.62
N ARG C 161 -8.71 -30.54 41.28
CA ARG C 161 -7.70 -31.42 41.86
C ARG C 161 -6.32 -31.12 41.28
N VAL C 162 -6.29 -30.72 40.02
CA VAL C 162 -5.06 -30.26 39.39
C VAL C 162 -4.58 -28.94 39.99
N VAL C 163 -5.53 -28.06 40.27
CA VAL C 163 -5.24 -26.84 41.01
C VAL C 163 -4.65 -27.15 42.39
N GLU C 164 -5.29 -28.09 43.09
CA GLU C 164 -4.76 -28.57 44.36
C GLU C 164 -3.33 -29.07 44.20
N GLN C 165 -3.10 -29.91 43.20
CA GLN C 165 -1.77 -30.43 42.92
C GLN C 165 -0.77 -29.29 42.70
N ALA C 166 -1.16 -28.33 41.86
CA ALA C 166 -0.29 -27.20 41.56
C ALA C 166 0.09 -26.43 42.82
N LEU C 167 -0.90 -26.24 43.70
CA LEU C 167 -0.65 -25.57 44.97
C LEU C 167 0.29 -26.38 45.86
N ARG C 168 0.11 -27.69 45.84
CA ARG C 168 0.98 -28.58 46.61
C ARG C 168 2.39 -28.60 46.05
N GLU C 169 2.51 -28.31 44.76
CA GLU C 169 3.81 -28.25 44.11
C GLU C 169 4.48 -26.89 44.32
N GLY C 170 3.74 -25.96 44.92
CA GLY C 170 4.24 -24.63 45.18
C GLY C 170 4.09 -23.73 43.95
N ASN C 171 3.24 -24.16 43.02
CA ASN C 171 3.01 -23.39 41.79
C ASN C 171 1.65 -22.70 41.83
N SER C 172 1.55 -21.65 42.65
CA SER C 172 0.30 -20.92 42.82
C SER C 172 -0.06 -20.17 41.55
N GLU C 173 0.94 -19.87 40.72
CA GLU C 173 0.72 -19.19 39.46
C GLU C 173 -0.15 -20.03 38.53
N LEU C 174 0.26 -21.27 38.30
CA LEU C 174 -0.51 -22.20 37.50
C LEU C 174 -1.90 -22.43 38.08
N ALA C 175 -1.95 -22.65 39.39
CA ALA C 175 -3.22 -22.83 40.09
C ALA C 175 -4.19 -21.70 39.77
N ALA C 176 -3.69 -20.47 39.81
CA ALA C 176 -4.50 -19.29 39.48
C ALA C 176 -4.96 -19.34 38.03
N ARG C 177 -4.02 -19.59 37.13
CA ARG C 177 -4.30 -19.57 35.70
C ARG C 177 -5.41 -20.56 35.34
N ILE C 178 -5.37 -21.73 35.97
CA ILE C 178 -6.37 -22.77 35.71
C ILE C 178 -7.77 -22.29 36.08
N LEU C 179 -7.89 -21.72 37.28
CA LEU C 179 -9.18 -21.28 37.78
C LEU C 179 -9.69 -20.06 37.02
N ILE C 180 -8.77 -19.18 36.65
CA ILE C 180 -9.11 -18.00 35.87
C ILE C 180 -9.69 -18.38 34.52
N ILE C 181 -9.01 -19.29 33.83
CA ILE C 181 -9.48 -19.78 32.53
C ILE C 181 -10.82 -20.50 32.67
N LEU C 182 -10.91 -21.38 33.66
CA LEU C 182 -12.15 -22.12 33.91
C LEU C 182 -13.31 -21.18 34.16
N PHE C 183 -13.10 -20.18 35.01
CA PHE C 183 -14.13 -19.22 35.33
C PHE C 183 -14.62 -18.49 34.08
N GLN C 184 -13.66 -18.07 33.24
CA GLN C 184 -13.99 -17.41 31.99
C GLN C 184 -14.85 -18.31 31.10
N GLN C 185 -14.49 -19.59 31.04
CA GLN C 185 -15.22 -20.55 30.24
C GLN C 185 -16.63 -20.80 30.79
N LEU C 186 -16.74 -20.80 32.12
CA LEU C 186 -18.02 -20.96 32.78
C LEU C 186 -18.94 -19.78 32.49
N VAL C 187 -18.37 -18.58 32.49
CA VAL C 187 -19.13 -17.37 32.18
C VAL C 187 -19.60 -17.39 30.72
N GLU C 188 -18.74 -17.87 29.83
CA GLU C 188 -19.12 -18.05 28.44
C GLU C 188 -20.26 -19.04 28.29
N LEU C 189 -20.19 -20.15 29.03
CA LEU C 189 -21.26 -21.12 29.08
C LEU C 189 -22.53 -20.52 29.68
N ALA C 190 -22.35 -19.72 30.74
CA ALA C 190 -23.46 -19.02 31.36
C ALA C 190 -24.17 -18.11 30.36
N ARG C 191 -23.39 -17.42 29.55
CA ARG C 191 -23.95 -16.55 28.50
C ARG C 191 -24.87 -17.33 27.58
N LEU C 192 -24.46 -18.52 27.18
CA LEU C 192 -25.27 -19.38 26.34
C LEU C 192 -26.58 -19.74 27.04
N ALA C 193 -26.49 -20.05 28.32
CA ALA C 193 -27.68 -20.38 29.11
C ALA C 193 -28.59 -19.16 29.26
N ILE C 194 -27.99 -18.00 29.47
CA ILE C 194 -28.75 -16.76 29.67
C ILE C 194 -29.49 -16.38 28.40
N GLU C 195 -28.79 -16.41 27.27
CA GLU C 195 -29.36 -16.00 25.99
C GLU C 195 -30.44 -16.98 25.54
N SER C 196 -30.22 -18.25 25.81
CA SER C 196 -31.17 -19.30 25.44
C SER C 196 -32.32 -19.36 26.45
N GLY C 197 -32.06 -18.90 27.66
CA GLY C 197 -33.09 -18.87 28.71
C GLY C 197 -33.15 -20.20 29.45
N ASP C 198 -32.04 -20.93 29.45
CA ASP C 198 -31.96 -22.21 30.14
C ASP C 198 -31.57 -22.03 31.61
N GLU C 199 -32.57 -21.93 32.47
CA GLU C 199 -32.33 -21.60 33.87
C GLU C 199 -31.65 -22.75 34.60
N GLU C 200 -31.92 -23.97 34.14
CA GLU C 200 -31.38 -25.17 34.77
C GLU C 200 -29.87 -25.26 34.55
N LEU C 201 -29.43 -25.02 33.33
CA LEU C 201 -28.01 -24.96 33.01
C LEU C 201 -27.35 -23.79 33.72
N LEU C 202 -27.97 -22.62 33.63
CA LEU C 202 -27.44 -21.42 34.28
C LEU C 202 -27.25 -21.65 35.77
N ARG C 203 -28.23 -22.30 36.40
CA ARG C 203 -28.12 -22.67 37.80
C ARG C 203 -26.86 -23.49 38.06
N ARG C 204 -26.69 -24.56 37.28
CA ARG C 204 -25.53 -25.44 37.44
C ARG C 204 -24.23 -24.68 37.29
N VAL C 205 -24.18 -23.80 36.29
CA VAL C 205 -22.97 -23.03 36.00
C VAL C 205 -22.68 -22.03 37.10
N SER C 206 -23.73 -21.36 37.58
CA SER C 206 -23.59 -20.36 38.64
C SER C 206 -23.08 -20.99 39.92
N GLU C 207 -23.45 -22.25 40.16
CA GLU C 207 -22.92 -23.02 41.27
C GLU C 207 -21.45 -23.38 41.04
N TRP C 208 -21.12 -23.74 39.81
CA TRP C 208 -19.74 -24.01 39.43
C TRP C 208 -18.88 -22.75 39.56
N LEU C 209 -19.44 -21.61 39.17
CA LEU C 209 -18.75 -20.33 39.29
C LEU C 209 -18.41 -20.02 40.74
N GLU C 210 -19.38 -20.24 41.63
CA GLU C 210 -19.18 -20.01 43.06
C GLU C 210 -18.03 -20.86 43.58
N GLU C 211 -18.00 -22.13 43.20
CA GLU C 211 -16.97 -23.04 43.67
C GLU C 211 -15.58 -22.60 43.23
N VAL C 212 -15.49 -22.12 41.99
CA VAL C 212 -14.23 -21.64 41.44
C VAL C 212 -13.76 -20.40 42.18
N ILE C 213 -14.68 -19.49 42.46
CA ILE C 213 -14.37 -18.27 43.20
C ILE C 213 -13.74 -18.60 44.55
N LYS C 214 -14.35 -19.53 45.27
CA LYS C 214 -13.85 -19.94 46.58
C LYS C 214 -12.43 -20.47 46.47
N ASP C 215 -12.17 -21.28 45.44
CA ASP C 215 -10.84 -21.79 45.18
C ASP C 215 -9.87 -20.66 44.89
N MET C 216 -10.28 -19.72 44.06
CA MET C 216 -9.43 -18.62 43.66
C MET C 216 -9.02 -17.76 44.85
N ARG C 217 -9.96 -17.56 45.77
CA ARG C 217 -9.70 -16.76 46.97
C ARG C 217 -8.69 -17.45 47.88
N ARG C 218 -8.69 -18.78 47.86
CA ARG C 218 -7.70 -19.55 48.61
C ARG C 218 -6.34 -19.51 47.93
N VAL C 219 -6.34 -19.43 46.60
CA VAL C 219 -5.11 -19.23 45.84
C VAL C 219 -4.53 -17.85 46.09
N VAL C 220 -5.40 -16.85 46.18
CA VAL C 220 -5.00 -15.51 46.58
C VAL C 220 -4.37 -15.52 47.97
N GLU C 221 -5.02 -16.21 48.90
CA GLU C 221 -4.47 -16.40 50.24
C GLU C 221 -3.08 -17.03 50.17
N GLN C 222 -2.97 -18.11 49.40
CA GLN C 222 -1.68 -18.78 49.21
C GLN C 222 -0.63 -17.81 48.69
N ALA C 223 -0.98 -17.05 47.65
CA ALA C 223 -0.07 -16.10 47.05
C ALA C 223 0.42 -15.08 48.07
N LEU C 224 -0.50 -14.60 48.91
CA LEU C 224 -0.15 -13.66 49.96
C LEU C 224 0.77 -14.30 50.99
N ARG C 225 0.52 -15.57 51.31
CA ARG C 225 1.35 -16.29 52.24
C ARG C 225 2.74 -16.55 51.65
N GLU C 226 2.82 -16.61 50.34
CA GLU C 226 4.09 -16.80 49.64
C GLU C 226 4.85 -15.49 49.49
N GLY C 227 4.19 -14.39 49.87
CA GLY C 227 4.80 -13.07 49.78
C GLY C 227 4.65 -12.50 48.36
N ASN C 228 3.73 -13.06 47.60
CA ASN C 228 3.48 -12.61 46.24
C ASN C 228 2.18 -11.82 46.14
N SER C 229 2.19 -10.61 46.68
CA SER C 229 1.00 -9.77 46.69
C SER C 229 0.63 -9.32 45.29
N GLU C 230 1.60 -9.31 44.40
CA GLU C 230 1.36 -8.95 42.99
C GLU C 230 0.40 -9.92 42.34
N LEU C 231 0.71 -11.20 42.41
CA LEU C 231 -0.16 -12.25 41.88
C LEU C 231 -1.53 -12.21 42.55
N ALA C 232 -1.52 -12.11 43.87
CA ALA C 232 -2.77 -12.02 44.63
C ALA C 232 -3.68 -10.92 44.07
N ALA C 233 -3.09 -9.76 43.79
CA ALA C 233 -3.84 -8.65 43.22
C ALA C 233 -4.37 -9.01 41.83
N ARG C 234 -3.50 -9.55 40.99
CA ARG C 234 -3.85 -9.86 39.61
C ARG C 234 -5.04 -10.81 39.54
N ILE C 235 -5.05 -11.80 40.43
CA ILE C 235 -6.11 -12.79 40.47
C ILE C 235 -7.46 -12.12 40.76
N LEU C 236 -7.48 -11.28 41.78
CA LEU C 236 -8.72 -10.63 42.20
C LEU C 236 -9.19 -9.61 41.17
N ILE C 237 -8.22 -8.91 40.57
CA ILE C 237 -8.52 -7.93 39.54
C ILE C 237 -9.19 -8.58 38.33
N ILE C 238 -8.62 -9.69 37.87
CA ILE C 238 -9.17 -10.44 36.76
C ILE C 238 -10.55 -11.01 37.10
N LEU C 239 -10.65 -11.61 38.28
CA LEU C 239 -11.91 -12.17 38.75
C LEU C 239 -13.00 -11.12 38.80
N PHE C 240 -12.68 -9.96 39.37
CA PHE C 240 -13.64 -8.86 39.47
C PHE C 240 -14.13 -8.43 38.09
N GLN C 241 -13.20 -8.31 37.15
CA GLN C 241 -13.55 -7.95 35.78
C GLN C 241 -14.50 -8.97 35.17
N GLN C 242 -14.23 -10.25 35.42
CA GLN C 242 -15.07 -11.32 34.90
C GLN C 242 -16.44 -11.32 35.54
N LEU C 243 -16.49 -10.98 36.83
CA LEU C 243 -17.75 -10.88 37.55
C LEU C 243 -18.60 -9.74 37.01
N VAL C 244 -17.96 -8.63 36.70
CA VAL C 244 -18.65 -7.48 36.12
C VAL C 244 -19.19 -7.81 34.72
N GLU C 245 -18.42 -8.57 33.96
CA GLU C 245 -18.86 -9.06 32.66
C GLU C 245 -20.08 -9.96 32.80
N LEU C 246 -20.04 -10.84 33.79
CA LEU C 246 -21.17 -11.70 34.10
C LEU C 246 -22.36 -10.87 34.59
N ALA C 247 -22.08 -9.86 35.40
CA ALA C 247 -23.11 -8.94 35.86
C ALA C 247 -23.81 -8.27 34.69
N ARG C 248 -23.03 -7.84 33.71
CA ARG C 248 -23.58 -7.22 32.50
C ARG C 248 -24.61 -8.12 31.83
N LEU C 249 -24.27 -9.40 31.73
CA LEU C 249 -25.19 -10.38 31.15
C LEU C 249 -26.49 -10.46 31.95
N ALA C 250 -26.35 -10.46 33.27
CA ALA C 250 -27.52 -10.49 34.15
C ALA C 250 -28.34 -9.21 34.02
N ILE C 251 -27.66 -8.08 33.92
CA ILE C 251 -28.32 -6.79 33.84
C ILE C 251 -29.10 -6.66 32.53
N GLU C 252 -28.45 -7.02 31.43
CA GLU C 252 -29.07 -6.90 30.10
C GLU C 252 -30.23 -7.87 29.94
N SER C 253 -30.07 -9.06 30.51
CA SER C 253 -31.12 -10.08 30.44
C SER C 253 -32.21 -9.81 31.47
N GLY C 254 -31.86 -9.09 32.53
CA GLY C 254 -32.82 -8.73 33.56
C GLY C 254 -32.94 -9.82 34.61
N ASP C 255 -31.89 -10.61 34.75
CA ASP C 255 -31.87 -11.69 35.73
C ASP C 255 -31.38 -11.18 37.09
N GLU C 256 -32.32 -10.79 37.94
CA GLU C 256 -32.00 -10.15 39.21
C GLU C 256 -31.37 -11.15 40.18
N GLU C 257 -31.75 -12.42 40.05
CA GLU C 257 -31.24 -13.47 40.93
C GLU C 257 -29.76 -13.71 40.70
N LEU C 258 -29.37 -13.82 39.43
CA LEU C 258 -27.96 -13.95 39.07
C LEU C 258 -27.18 -12.69 39.44
N LEU C 259 -27.73 -11.54 39.10
CA LEU C 259 -27.10 -10.25 39.41
C LEU C 259 -26.86 -10.13 40.90
N ARG C 260 -27.84 -10.53 41.71
CA ARG C 260 -27.69 -10.55 43.16
C ARG C 260 -26.47 -11.37 43.56
N ARG C 261 -26.40 -12.61 43.07
CA ARG C 261 -25.31 -13.50 43.40
C ARG C 261 -23.96 -12.90 43.03
N VAL C 262 -23.90 -12.31 41.84
CA VAL C 262 -22.67 -11.73 41.34
C VAL C 262 -22.26 -10.51 42.15
N SER C 263 -23.23 -9.67 42.48
CA SER C 263 -22.98 -8.46 43.25
C SER C 263 -22.45 -8.79 44.64
N GLU C 264 -22.89 -9.92 45.18
CA GLU C 264 -22.35 -10.43 46.43
C GLU C 264 -20.93 -10.94 46.26
N TRP C 265 -20.68 -11.61 45.13
CA TRP C 265 -19.34 -12.07 44.79
C TRP C 265 -18.40 -10.89 44.59
N LEU C 266 -18.90 -9.84 43.94
CA LEU C 266 -18.12 -8.63 43.72
C LEU C 266 -17.70 -7.99 45.04
N GLU C 267 -18.63 -7.91 45.99
CA GLU C 267 -18.34 -7.37 47.31
C GLU C 267 -17.23 -8.13 47.99
N GLU C 268 -17.30 -9.46 47.93
CA GLU C 268 -16.31 -10.31 48.59
C GLU C 268 -14.93 -10.10 48.00
N VAL C 269 -14.86 -9.96 46.67
CA VAL C 269 -13.60 -9.71 45.98
C VAL C 269 -13.00 -8.36 46.38
N ILE C 270 -13.86 -7.35 46.46
CA ILE C 270 -13.43 -6.01 46.87
C ILE C 270 -12.76 -6.05 48.23
N LYS C 271 -13.40 -6.72 49.18
CA LYS C 271 -12.85 -6.84 50.53
C LYS C 271 -11.47 -7.49 50.51
N ASP C 272 -11.33 -8.54 49.72
CA ASP C 272 -10.05 -9.20 49.54
C ASP C 272 -9.01 -8.25 48.96
N MET C 273 -9.41 -7.51 47.93
CA MET C 273 -8.50 -6.60 47.24
C MET C 273 -7.98 -5.51 48.18
N ARG C 274 -8.87 -5.03 49.04
CA ARG C 274 -8.50 -3.99 50.00
C ARG C 274 -7.49 -4.50 51.01
N ARG C 275 -7.57 -5.78 51.32
CA ARG C 275 -6.61 -6.43 52.21
C ARG C 275 -5.28 -6.65 51.50
N VAL C 276 -5.34 -6.89 50.19
CA VAL C 276 -4.14 -6.99 49.38
C VAL C 276 -3.45 -5.64 49.26
N VAL C 277 -4.26 -4.59 49.11
CA VAL C 277 -3.75 -3.22 49.16
C VAL C 277 -3.05 -2.94 50.49
N GLU C 278 -3.71 -3.33 51.59
CA GLU C 278 -3.10 -3.23 52.91
C GLU C 278 -1.76 -3.96 52.96
N GLN C 279 -1.75 -5.20 52.47
CA GLN C 279 -0.53 -5.99 52.41
C GLN C 279 0.56 -5.25 51.64
N ALA C 280 0.21 -4.75 50.46
CA ALA C 280 1.16 -4.05 49.61
C ALA C 280 1.76 -2.85 50.33
N LEU C 281 0.92 -2.12 51.05
CA LEU C 281 1.37 -0.97 51.83
C LEU C 281 2.30 -1.40 52.96
N ARG C 282 1.97 -2.53 53.58
CA ARG C 282 2.81 -3.08 54.65
C ARG C 282 4.15 -3.58 54.10
N GLU C 283 4.15 -3.95 52.83
CA GLU C 283 5.38 -4.40 52.17
C GLU C 283 6.20 -3.22 51.67
N GLY C 284 5.65 -2.03 51.79
CA GLY C 284 6.33 -0.82 51.35
C GLY C 284 6.15 -0.59 49.85
N ASN C 285 5.16 -1.27 49.28
CA ASN C 285 4.88 -1.14 47.85
C ASN C 285 3.64 -0.30 47.60
N SER C 286 3.75 1.00 47.82
CA SER C 286 2.61 1.90 47.66
C SER C 286 2.19 2.03 46.20
N GLU C 287 3.13 1.75 45.30
CA GLU C 287 2.86 1.77 43.87
C GLU C 287 1.79 0.74 43.50
N LEU C 288 2.02 -0.51 43.89
CA LEU C 288 1.07 -1.58 43.65
C LEU C 288 -0.27 -1.28 44.33
N ALA C 289 -0.20 -0.85 45.59
CA ALA C 289 -1.39 -0.49 46.34
C ALA C 289 -2.25 0.50 45.56
N ALA C 290 -1.61 1.52 44.99
CA ALA C 290 -2.31 2.50 44.17
C ALA C 290 -2.93 1.86 42.93
N ARG C 291 -2.13 1.06 42.23
CA ARG C 291 -2.57 0.46 40.98
C ARG C 291 -3.81 -0.40 41.19
N ILE C 292 -3.85 -1.14 42.30
CA ILE C 292 -4.97 -2.00 42.61
C ILE C 292 -6.26 -1.19 42.77
N LEU C 293 -6.18 -0.12 43.55
CA LEU C 293 -7.35 0.71 43.83
C LEU C 293 -7.80 1.48 42.60
N ILE C 294 -6.83 1.93 41.81
CA ILE C 294 -7.11 2.65 40.58
C ILE C 294 -7.88 1.78 39.59
N ILE C 295 -7.39 0.55 39.41
CA ILE C 295 -8.06 -0.40 38.53
C ILE C 295 -9.44 -0.76 39.05
N LEU C 296 -9.53 -1.05 40.34
CA LEU C 296 -10.80 -1.39 40.97
C LEU C 296 -11.82 -0.27 40.78
N PHE C 297 -11.40 0.97 41.05
CA PHE C 297 -12.27 2.12 40.90
C PHE C 297 -12.81 2.23 39.47
N GLN C 298 -11.91 2.06 38.51
CA GLN C 298 -12.30 2.09 37.09
C GLN C 298 -13.35 1.03 36.79
N GLN C 299 -13.15 -0.17 37.34
CA GLN C 299 -14.07 -1.27 37.13
C GLN C 299 -15.42 -1.00 37.80
N LEU C 300 -15.37 -0.37 38.96
CA LEU C 300 -16.59 0.01 39.67
C LEU C 300 -17.40 1.04 38.89
N VAL C 301 -16.70 2.00 38.29
CA VAL C 301 -17.34 3.01 37.46
C VAL C 301 -17.97 2.40 36.22
N GLU C 302 -17.28 1.41 35.64
CA GLU C 302 -17.82 0.66 34.52
C GLU C 302 -19.09 -0.10 34.91
N LEU C 303 -19.06 -0.71 36.09
CA LEU C 303 -20.23 -1.37 36.64
C LEU C 303 -21.34 -0.37 36.94
N ALA C 304 -20.95 0.79 37.47
CA ALA C 304 -21.90 1.87 37.72
C ALA C 304 -22.61 2.29 36.45
N ARG C 305 -21.85 2.40 35.36
CA ARG C 305 -22.40 2.75 34.06
C ARG C 305 -23.53 1.79 33.67
N LEU C 306 -23.28 0.50 33.86
CA LEU C 306 -24.29 -0.52 33.57
C LEU C 306 -25.54 -0.30 34.41
N ALA C 307 -25.35 0.01 35.69
CA ALA C 307 -26.47 0.29 36.58
C ALA C 307 -27.21 1.55 36.16
N ILE C 308 -26.45 2.58 35.77
CA ILE C 308 -27.04 3.85 35.38
C ILE C 308 -27.87 3.71 34.12
N GLU C 309 -27.31 3.05 33.11
CA GLU C 309 -27.97 2.89 31.82
C GLU C 309 -29.20 1.99 31.94
N SER C 310 -29.10 0.97 32.78
CA SER C 310 -30.21 0.05 33.00
C SER C 310 -31.23 0.64 33.96
N GLY C 311 -30.79 1.57 34.79
CA GLY C 311 -31.68 2.24 35.74
C GLY C 311 -31.82 1.46 37.03
N ASP C 312 -30.80 0.65 37.33
CA ASP C 312 -30.80 -0.15 38.55
C ASP C 312 -30.22 0.63 39.73
N GLU C 313 -31.10 1.28 40.48
CA GLU C 313 -30.67 2.19 41.53
C GLU C 313 -30.06 1.41 42.70
N GLU C 314 -30.52 0.18 42.90
CA GLU C 314 -30.04 -0.65 44.00
C GLU C 314 -28.59 -1.05 43.79
N LEU C 315 -28.27 -1.50 42.58
CA LEU C 315 -26.89 -1.82 42.22
C LEU C 315 -26.01 -0.57 42.24
N LEU C 316 -26.51 0.51 41.64
CA LEU C 316 -25.78 1.77 41.60
C LEU C 316 -25.45 2.25 43.02
N ARG C 317 -26.42 2.13 43.92
CA ARG C 317 -26.20 2.44 45.32
C ARG C 317 -25.03 1.65 45.89
N ARG C 318 -25.06 0.34 45.71
CA ARG C 318 -24.01 -0.53 46.22
C ARG C 318 -22.65 -0.14 45.67
N VAL C 319 -22.61 0.14 44.37
CA VAL C 319 -21.37 0.48 43.70
C VAL C 319 -20.84 1.83 44.17
N SER C 320 -21.74 2.79 44.31
CA SER C 320 -21.37 4.14 44.75
C SER C 320 -20.79 4.11 46.16
N GLU C 321 -21.29 3.18 46.98
CA GLU C 321 -20.72 2.96 48.30
C GLU C 321 -19.34 2.31 48.21
N TRP C 322 -19.19 1.37 47.29
CA TRP C 322 -17.91 0.75 47.03
C TRP C 322 -16.89 1.76 46.50
N LEU C 323 -17.36 2.66 45.64
CA LEU C 323 -16.51 3.72 45.10
C LEU C 323 -15.99 4.62 46.21
N GLU C 324 -16.87 4.99 47.13
CA GLU C 324 -16.49 5.83 48.27
C GLU C 324 -15.38 5.18 49.09
N GLU C 325 -15.55 3.88 49.36
CA GLU C 325 -14.59 3.14 50.17
C GLU C 325 -13.22 3.10 49.50
N VAL C 326 -13.21 2.92 48.18
CA VAL C 326 -11.96 2.89 47.42
C VAL C 326 -11.27 4.24 47.46
N ILE C 327 -12.05 5.30 47.30
CA ILE C 327 -11.52 6.66 47.35
C ILE C 327 -10.79 6.93 48.66
N LYS C 328 -11.41 6.55 49.77
CA LYS C 328 -10.82 6.72 51.09
C LYS C 328 -9.49 5.99 51.19
N ASP C 329 -9.46 4.76 50.67
CA ASP C 329 -8.22 3.98 50.63
C ASP C 329 -7.16 4.68 49.80
N MET C 330 -7.56 5.18 48.63
CA MET C 330 -6.63 5.82 47.71
C MET C 330 -6.00 7.06 48.33
N ARG C 331 -6.80 7.81 49.08
CA ARG C 331 -6.32 9.02 49.72
C ARG C 331 -5.29 8.70 50.81
N ARG C 332 -5.45 7.54 51.43
CA ARG C 332 -4.49 7.06 52.42
C ARG C 332 -3.21 6.57 51.75
N VAL C 333 -3.36 6.02 50.55
CA VAL C 333 -2.20 5.64 49.74
C VAL C 333 -1.43 6.87 49.26
N VAL C 334 -2.17 7.91 48.89
CA VAL C 334 -1.57 9.20 48.58
C VAL C 334 -0.80 9.74 49.78
N GLU C 335 -1.42 9.69 50.95
CA GLU C 335 -0.74 10.06 52.19
C GLU C 335 0.55 9.26 52.38
N GLN C 336 0.45 7.95 52.22
CA GLN C 336 1.61 7.08 52.32
C GLN C 336 2.70 7.51 51.35
N ALA C 337 2.33 7.74 50.09
CA ALA C 337 3.28 8.14 49.07
C ALA C 337 3.99 9.43 49.45
N LEU C 338 3.23 10.38 50.00
CA LEU C 338 3.79 11.65 50.46
C LEU C 338 4.75 11.43 51.62
N ARG C 339 4.40 10.52 52.52
CA ARG C 339 5.24 10.18 53.65
C ARG C 339 6.51 9.47 53.21
N GLU C 340 6.43 8.80 52.06
CA GLU C 340 7.59 8.10 51.51
C GLU C 340 8.46 9.06 50.71
N GLY C 341 7.99 10.29 50.54
CA GLY C 341 8.73 11.31 49.79
C GLY C 341 8.50 11.16 48.30
N ASN C 342 7.43 10.45 47.93
CA ASN C 342 7.10 10.23 46.53
C ASN C 342 5.90 11.08 46.13
N SER C 343 6.10 12.39 46.01
CA SER C 343 5.03 13.31 45.67
C SER C 343 4.55 13.11 44.24
N GLU C 344 5.42 12.54 43.40
CA GLU C 344 5.07 12.24 42.03
C GLU C 344 3.93 11.23 41.95
N LEU C 345 4.10 10.09 42.62
CA LEU C 345 3.06 9.08 42.69
C LEU C 345 1.79 9.63 43.32
N ALA C 346 1.95 10.35 44.43
CA ALA C 346 0.82 10.98 45.10
C ALA C 346 -0.01 11.80 44.13
N ALA C 347 0.66 12.59 43.31
CA ALA C 347 -0.01 13.40 42.30
C ALA C 347 -0.73 12.53 41.28
N ARG C 348 -0.02 11.52 40.76
CA ARG C 348 -0.56 10.66 39.71
C ARG C 348 -1.84 9.99 40.17
N ILE C 349 -1.87 9.54 41.42
CA ILE C 349 -3.04 8.87 41.98
C ILE C 349 -4.25 9.79 41.97
N LEU C 350 -4.08 11.01 42.45
CA LEU C 350 -5.17 11.97 42.56
C LEU C 350 -5.62 12.45 41.19
N ILE C 351 -4.66 12.62 40.28
CA ILE C 351 -4.96 13.03 38.92
C ILE C 351 -5.83 11.99 38.21
N ILE C 352 -5.44 10.74 38.32
CA ILE C 352 -6.20 9.64 37.72
C ILE C 352 -7.59 9.53 38.36
N LEU C 353 -7.62 9.58 39.69
CA LEU C 353 -8.88 9.50 40.41
C LEU C 353 -9.83 10.61 39.99
N PHE C 354 -9.31 11.83 39.93
CA PHE C 354 -10.12 12.98 39.53
C PHE C 354 -10.71 12.78 38.13
N GLN C 355 -9.88 12.31 37.21
CA GLN C 355 -10.33 12.02 35.86
C GLN C 355 -11.47 11.00 35.86
N GLN C 356 -11.32 9.96 36.67
CA GLN C 356 -12.32 8.91 36.77
C GLN C 356 -13.61 9.44 37.38
N LEU C 357 -13.47 10.34 38.35
CA LEU C 357 -14.63 10.96 38.99
C LEU C 357 -15.40 11.83 38.01
N VAL C 358 -14.67 12.56 37.16
CA VAL C 358 -15.28 13.39 36.13
C VAL C 358 -16.01 12.53 35.10
N GLU C 359 -15.42 11.39 34.76
CA GLU C 359 -16.05 10.43 33.87
C GLU C 359 -17.34 9.89 34.49
N LEU C 360 -17.29 9.58 35.78
CA LEU C 360 -18.49 9.17 36.51
C LEU C 360 -19.51 10.29 36.59
N ALA C 361 -19.03 11.51 36.80
CA ALA C 361 -19.89 12.69 36.81
C ALA C 361 -20.62 12.84 35.49
N ARG C 362 -19.91 12.61 34.39
CA ARG C 362 -20.52 12.68 33.06
C ARG C 362 -21.71 11.74 32.95
N LEU C 363 -21.55 10.53 33.46
CA LEU C 363 -22.62 9.55 33.46
C LEU C 363 -23.82 10.05 34.25
N ALA C 364 -23.55 10.65 35.41
CA ALA C 364 -24.59 11.23 36.24
C ALA C 364 -25.28 12.40 35.55
N ILE C 365 -24.48 13.23 34.89
CA ILE C 365 -25.00 14.41 34.21
C ILE C 365 -25.90 14.04 33.05
N GLU C 366 -25.43 13.11 32.22
CA GLU C 366 -26.17 12.69 31.03
C GLU C 366 -27.44 11.94 31.41
N SER C 367 -27.36 11.15 32.47
CA SER C 367 -28.52 10.39 32.95
C SER C 367 -29.45 11.27 33.77
N GLY C 368 -28.91 12.35 34.33
CA GLY C 368 -29.71 13.30 35.09
C GLY C 368 -29.82 12.86 36.55
N ASP C 369 -28.86 12.08 37.01
CA ASP C 369 -28.85 11.60 38.39
C ASP C 369 -28.17 12.60 39.31
N GLU C 370 -28.96 13.49 39.91
CA GLU C 370 -28.42 14.59 40.70
C GLU C 370 -27.81 14.08 42.00
N GLU C 371 -28.34 12.97 42.51
CA GLU C 371 -27.87 12.40 43.77
C GLU C 371 -26.46 11.85 43.62
N LEU C 372 -26.22 11.10 42.55
CA LEU C 372 -24.89 10.60 42.23
C LEU C 372 -23.94 11.75 41.91
N LEU C 373 -24.39 12.67 41.08
CA LEU C 373 -23.58 13.83 40.72
C LEU C 373 -23.15 14.62 41.96
N ARG C 374 -24.08 14.80 42.88
CA ARG C 374 -23.77 15.42 44.16
C ARG C 374 -22.62 14.71 44.87
N ARG C 375 -22.76 13.40 45.02
CA ARG C 375 -21.74 12.61 45.71
C ARG C 375 -20.38 12.74 45.02
N VAL C 376 -20.39 12.69 43.70
CA VAL C 376 -19.15 12.76 42.92
C VAL C 376 -18.53 14.14 43.03
N SER C 377 -19.36 15.18 42.96
CA SER C 377 -18.87 16.56 43.04
C SER C 377 -18.23 16.84 44.39
N GLU C 378 -18.74 16.17 45.43
CA GLU C 378 -18.12 16.24 46.75
C GLU C 378 -16.80 15.49 46.78
N TRP C 379 -16.76 14.35 46.12
CA TRP C 379 -15.53 13.58 45.98
C TRP C 379 -14.48 14.36 45.18
N LEU C 380 -14.93 15.05 44.14
CA LEU C 380 -14.04 15.88 43.33
C LEU C 380 -13.41 16.98 44.17
N GLU C 381 -14.21 17.63 45.00
CA GLU C 381 -13.73 18.69 45.88
C GLU C 381 -12.63 18.17 46.79
N GLU C 382 -12.86 17.00 47.39
CA GLU C 382 -11.91 16.42 48.32
C GLU C 382 -10.59 16.11 47.64
N VAL C 383 -10.65 15.61 46.42
CA VAL C 383 -9.45 15.30 45.64
C VAL C 383 -8.67 16.56 45.32
N ILE C 384 -9.38 17.62 44.93
CA ILE C 384 -8.76 18.90 44.63
C ILE C 384 -7.95 19.41 45.81
N LYS C 385 -8.55 19.37 47.00
CA LYS C 385 -7.88 19.81 48.21
C LYS C 385 -6.59 19.03 48.45
N ASP C 386 -6.67 17.72 48.25
CA ASP C 386 -5.49 16.86 48.36
C ASP C 386 -4.43 17.25 47.35
N MET C 387 -4.85 17.47 46.11
CA MET C 387 -3.93 17.80 45.02
C MET C 387 -3.18 19.10 45.31
N ARG C 388 -3.90 20.07 45.87
CA ARG C 388 -3.31 21.37 46.19
C ARG C 388 -2.25 21.24 47.28
N ARG C 389 -2.46 20.28 48.18
CA ARG C 389 -1.48 19.99 49.22
C ARG C 389 -0.27 19.26 48.66
N VAL C 390 -0.51 18.44 47.63
CA VAL C 390 0.57 17.79 46.90
C VAL C 390 1.39 18.80 46.12
N VAL C 391 0.72 19.77 45.52
CA VAL C 391 1.38 20.91 44.89
C VAL C 391 2.25 21.66 45.89
N GLU C 392 1.68 21.94 47.06
CA GLU C 392 2.43 22.55 48.15
C GLU C 392 3.67 21.73 48.48
N GLN C 393 3.49 20.43 48.66
CA GLN C 393 4.60 19.53 48.93
C GLN C 393 5.67 19.62 47.85
N ALA C 394 5.24 19.56 46.59
CA ALA C 394 6.16 19.64 45.47
C ALA C 394 6.98 20.92 45.50
N LEU C 395 6.31 22.02 45.82
CA LEU C 395 6.98 23.32 45.92
C LEU C 395 7.97 23.32 47.08
N ARG C 396 7.60 22.69 48.18
CA ARG C 396 8.48 22.59 49.34
C ARG C 396 9.67 21.69 49.04
N GLU C 397 9.50 20.76 48.11
CA GLU C 397 10.58 19.87 47.71
C GLU C 397 11.48 20.54 46.67
N GLY C 398 11.08 21.72 46.22
CA GLY C 398 11.85 22.46 45.22
C GLY C 398 11.53 21.97 43.81
N ASN C 399 10.40 21.27 43.66
CA ASN C 399 9.99 20.75 42.37
C ASN C 399 8.83 21.56 41.81
N SER C 400 9.11 22.77 41.37
CA SER C 400 8.08 23.67 40.84
C SER C 400 7.52 23.16 39.53
N GLU C 401 8.31 22.34 38.83
CA GLU C 401 7.87 21.74 37.58
C GLU C 401 6.68 20.83 37.79
N LEU C 402 6.80 19.89 38.71
CA LEU C 402 5.70 18.99 39.07
C LEU C 402 4.50 19.78 39.58
N ALA C 403 4.76 20.73 40.47
CA ALA C 403 3.70 21.59 41.00
C ALA C 403 2.88 22.21 39.89
N CYS C 404 3.57 22.72 38.86
CA CYS C 404 2.90 23.31 37.71
C CYS C 404 2.08 22.26 36.96
N ARG C 405 2.70 21.12 36.69
CA ARG C 405 2.06 20.07 35.91
C ARG C 405 0.75 19.62 36.55
N ILE C 406 0.75 19.51 37.87
CA ILE C 406 -0.43 19.08 38.61
C ILE C 406 -1.58 20.05 38.42
N LEU C 407 -1.30 21.34 38.58
CA LEU C 407 -2.32 22.37 38.49
C LEU C 407 -2.81 22.53 37.05
N ILE C 408 -1.89 22.41 36.10
CA ILE C 408 -2.22 22.50 34.69
C ILE C 408 -3.19 21.39 34.28
N ILE C 409 -2.87 20.16 34.68
CA ILE C 409 -3.74 19.02 34.40
C ILE C 409 -5.09 19.18 35.09
N LEU C 410 -5.06 19.55 36.36
CA LEU C 410 -6.29 19.75 37.13
C LEU C 410 -7.19 20.78 36.47
N PHE C 411 -6.59 21.91 36.10
CA PHE C 411 -7.34 22.98 35.45
C PHE C 411 -8.01 22.50 34.17
N GLN C 412 -7.26 21.75 33.36
CA GLN C 412 -7.79 21.18 32.13
C GLN C 412 -8.98 20.28 32.42
N GLN C 413 -8.86 19.46 33.47
CA GLN C 413 -9.93 18.55 33.85
C GLN C 413 -11.15 19.30 34.36
N LEU C 414 -10.90 20.40 35.07
CA LEU C 414 -11.99 21.25 35.57
C LEU C 414 -12.74 21.89 34.42
N VAL C 415 -12.01 22.34 33.40
CA VAL C 415 -12.62 22.93 32.22
C VAL C 415 -13.45 21.92 31.46
N GLU C 416 -12.95 20.69 31.39
CA GLU C 416 -13.70 19.58 30.79
C GLU C 416 -14.99 19.31 31.55
N LEU C 417 -14.89 19.32 32.88
CA LEU C 417 -16.07 19.19 33.73
C LEU C 417 -17.01 20.37 33.55
N ALA C 418 -16.44 21.56 33.45
CA ALA C 418 -17.21 22.77 33.19
C ALA C 418 -18.01 22.65 31.89
N ARG C 419 -17.37 22.12 30.87
CA ARG C 419 -18.03 21.90 29.58
C ARG C 419 -19.29 21.05 29.74
N LEU C 420 -19.18 19.99 30.53
CA LEU C 420 -20.31 19.12 30.81
C LEU C 420 -21.44 19.89 31.49
N ALA C 421 -21.07 20.74 32.45
CA ALA C 421 -22.05 21.57 33.15
C ALA C 421 -22.67 22.59 32.21
N ILE C 422 -21.86 23.17 31.33
CA ILE C 422 -22.33 24.19 30.40
C ILE C 422 -23.31 23.61 29.40
N GLU C 423 -22.94 22.47 28.81
CA GLU C 423 -23.76 21.83 27.79
C GLU C 423 -25.06 21.31 28.38
N SER C 424 -24.99 20.79 29.60
CA SER C 424 -26.16 20.26 30.28
C SER C 424 -27.00 21.38 30.89
N GLY C 425 -26.35 22.52 31.15
CA GLY C 425 -27.04 23.68 31.68
C GLY C 425 -27.13 23.62 33.20
N ASP C 426 -26.20 22.90 33.82
CA ASP C 426 -26.15 22.78 35.27
C ASP C 426 -25.36 23.93 35.89
N GLU C 427 -26.06 24.98 36.28
CA GLU C 427 -25.42 26.20 36.76
C GLU C 427 -24.77 25.98 38.12
N GLU C 428 -25.35 25.07 38.90
CA GLU C 428 -24.85 24.79 40.25
C GLU C 428 -23.49 24.12 40.20
N LEU C 429 -23.36 23.12 39.33
CA LEU C 429 -22.08 22.45 39.11
C LEU C 429 -21.07 23.41 38.49
N LEU C 430 -21.50 24.14 37.47
CA LEU C 430 -20.64 25.11 36.80
C LEU C 430 -20.09 26.13 37.80
N ARG C 431 -20.97 26.60 38.69
CA ARG C 431 -20.56 27.51 39.76
C ARG C 431 -19.43 26.90 40.57
N ARG C 432 -19.63 25.68 41.06
CA ARG C 432 -18.64 25.01 41.89
C ARG C 432 -17.31 24.86 41.15
N VAL C 433 -17.39 24.49 39.88
CA VAL C 433 -16.19 24.28 39.07
C VAL C 433 -15.46 25.60 38.80
N SER C 434 -16.22 26.64 38.51
CA SER C 434 -15.66 27.96 38.24
C SER C 434 -14.93 28.51 39.45
N GLU C 435 -15.43 28.16 40.64
CA GLU C 435 -14.75 28.51 41.88
C GLU C 435 -13.48 27.69 42.06
N TRP C 436 -13.54 26.41 41.69
CA TRP C 436 -12.37 25.55 41.71
C TRP C 436 -11.32 26.02 40.71
N LEU C 437 -11.77 26.48 39.55
CA LEU C 437 -10.87 27.01 38.53
C LEU C 437 -10.12 28.24 39.05
N GLU C 438 -10.85 29.13 39.72
CA GLU C 438 -10.25 30.32 40.29
C GLU C 438 -9.14 29.96 41.28
N GLU C 439 -9.43 29.00 42.14
CA GLU C 439 -8.47 28.58 43.17
C GLU C 439 -7.20 28.03 42.55
N VAL C 440 -7.36 27.25 41.48
CA VAL C 440 -6.23 26.67 40.77
C VAL C 440 -5.38 27.75 40.12
N ILE C 441 -6.03 28.74 39.52
CA ILE C 441 -5.35 29.85 38.88
C ILE C 441 -4.45 30.57 39.87
N LYS C 442 -4.99 30.87 41.05
CA LYS C 442 -4.24 31.54 42.10
C LYS C 442 -3.00 30.74 42.48
N ASP C 443 -3.16 29.44 42.62
CA ASP C 443 -2.04 28.55 42.90
C ASP C 443 -1.01 28.60 41.79
N MET C 444 -1.47 28.54 40.55
CA MET C 444 -0.58 28.52 39.39
C MET C 444 0.26 29.79 39.32
N ARG C 445 -0.36 30.92 39.63
CA ARG C 445 0.33 32.21 39.60
C ARG C 445 1.42 32.27 40.67
N ARG C 446 1.20 31.59 41.78
CA ARG C 446 2.20 31.48 42.83
C ARG C 446 3.33 30.55 42.43
N VAL C 447 3.00 29.52 41.65
CA VAL C 447 3.99 28.63 41.07
C VAL C 447 4.85 29.36 40.03
N VAL C 448 4.19 30.21 39.23
CA VAL C 448 4.91 31.09 38.33
C VAL C 448 5.86 32.00 39.07
N GLU C 449 5.38 32.60 40.16
CA GLU C 449 6.22 33.40 41.03
C GLU C 449 7.42 32.59 41.53
N GLN C 450 7.15 31.39 42.02
CA GLN C 450 8.21 30.51 42.47
C GLN C 450 9.24 30.26 41.37
N ALA C 451 8.75 29.92 40.19
CA ALA C 451 9.62 29.64 39.05
C ALA C 451 10.51 30.83 38.74
N LEU C 452 9.94 32.03 38.79
CA LEU C 452 10.69 33.26 38.56
C LEU C 452 11.75 33.47 39.64
N ARG C 453 11.38 33.16 40.88
CA ARG C 453 12.31 33.27 42.00
C ARG C 453 13.42 32.25 41.90
N GLU C 454 13.14 31.13 41.22
CA GLU C 454 14.13 30.09 41.02
C GLU C 454 15.03 30.41 39.82
N GLY C 455 14.68 31.47 39.10
CA GLY C 455 15.45 31.88 37.93
C GLY C 455 15.03 31.09 36.70
N ASN C 456 13.86 30.48 36.77
CA ASN C 456 13.35 29.68 35.66
C ASN C 456 12.21 30.41 34.94
#